data_8U4K
#
_entry.id   8U4K
#
loop_
_entity.id
_entity.type
_entity.pdbx_description
1 polymer 'Isoform JM-A CYT-1 of Receptor tyrosine-protein kinase erbB-4'
2 polymer 'Receptor tyrosine-protein kinase erbB-2'
3 polymer Betacellulin
4 branched alpha-D-mannopyranose-(1-3)-beta-D-mannopyranose-(1-4)-2-acetamido-2-deoxy-beta-D-glucopyranose-(1-4)-2-acetamido-2-deoxy-beta-D-glucopyranose
5 branched alpha-D-mannopyranose-(1-3)-[alpha-D-mannopyranose-(1-6)]beta-D-mannopyranose-(1-4)-2-acetamido-2-deoxy-beta-D-glucopyranose-(1-4)-2-acetamido-2-deoxy-beta-D-glucopyranose
6 branched beta-D-mannopyranose-(1-4)-2-acetamido-2-deoxy-beta-D-glucopyranose-(1-4)-2-acetamido-2-deoxy-beta-D-glucopyranose
7 branched alpha-D-mannopyranose-(1-6)-beta-D-mannopyranose-(1-4)-2-acetamido-2-deoxy-beta-D-glucopyranose-(1-4)-2-acetamido-2-deoxy-beta-D-glucopyranose
8 branched 2-acetamido-2-deoxy-beta-D-glucopyranose-(1-4)-2-acetamido-2-deoxy-beta-D-glucopyranose
9 non-polymer 2-acetamido-2-deoxy-beta-D-glucopyranose
#
loop_
_entity_poly.entity_id
_entity_poly.type
_entity_poly.pdbx_seq_one_letter_code
_entity_poly.pdbx_strand_id
1 'polypeptide(L)'
;QSVCAGTENKLSSLSDLEQQYRALRKYYENCEVVMGNLEITSIEHNRDLSFLRSVREVTGYVLVALNQFRYLPLENLRII
RGTKLYEDRYALAIFLNYRKDGNFGLQELGLKNLTEILNGGVYVDQNKFLCYADTIHWQDIVRNPWPSNLTLVSTNGSSG
CGRCHKSCTGRCWGPTENHCQTLTRTVCAEQCDGRCYGPYVSDCCHRECAGGCSGPKDTDCFACMNFNDSGACVTQCPQT
FVYNPTTFQLEHNFNAKYTYGAFCVKKCPHNFVVDSSSCVRACPSSKMEVEENGIKMCKPCTDICPKACDGIGTGSLMSA
QTVDSSNIDKFINCTKINGNLIFLVTGIHGDPYNAIEAIDPEKLNVFRTVREITGFLNIQSWPPNMTDFSVFSNLVTIGG
RVLYSGLSLLILKQQGITSLQFQSLKEISAGNIYITDNSNLCYYHTINWTTLFSTINQRIVIRDNRKAENCTAEGMVCNH
LCSSDGCWGPGPDQCLSCRRFSRGRICIESCNLYDGEFREFENGSICVECDPQCEKMEDGLLTCHGPGPDNCTKCSHFKD
GPNCVEKCPDGLQGANSFIFKYADPDRECHPCHPNCTQGCNGPTSHDCI
;
A
2 'polypeptide(L)'
;QVCTGTDMKLRLPASPETHLDMLRHLYQGCQVVQGNLELTYLPTNASLSFLQDIQEVQGYVLIAHNQVRQVPLQRLRIVR
GTQLFEDNYALAVLDNGDPLNNTTPVTGASPGGLRELQLRSLTEILKGGVLIQRNPQLCYQDTILWKDIFHKNNQLALTL
IDTNRSRACHPCSPMCKGSRCWGESSEDCQSLTRTVCAGGCARCKGPLPTDCCHEQCAAGCTGPKHSDCLACLHFNHSGI
CELHCPALVTYNTDTFESMPNPEGRYTFGASCVTACPYNYLSTDVGSCTLVCPLHNQEVTAEDGTQRCEKCSKPCARVCY
GLGMEHLREVRAVTSANIQEFAGCKKIFGSLAFLPESFDGDPASNTAPLQPEQLQVFETLEEITGYLYISAWPDSLPDLS
VFQNLQVIRGRILHNGAYSLTLQGLGISWLGLRSLRELGSGLALIHHNTHLCFVHTVPWDQLFRNPHQALLHTANRPEDE
CVGEGLACHQLCARGHCWGPGPTQCVNCSQFLRGQECVEECRVLQGLPREYVNARHCLPCHPECQPQNGSVTCFGPEADQ
CVACAHYKDPPFCVARCPSGVKPDLSYMPIWKFPDEEGACQPCPIN
;
B
3 'polypeptide(L)' GHFSRCPKQYKHYCIKGRCRFVVAEQTPSCVCDEGYIGARCERVDLFY C
#
loop_
_chem_comp.id
_chem_comp.type
_chem_comp.name
_chem_comp.formula
BMA D-saccharide, beta linking beta-D-mannopyranose 'C6 H12 O6'
MAN D-saccharide, alpha linking alpha-D-mannopyranose 'C6 H12 O6'
NAG D-saccharide, beta linking 2-acetamido-2-deoxy-beta-D-glucopyranose 'C8 H15 N O6'
#
# COMPACT_ATOMS: atom_id res chain seq x y z
N GLN A 1 -16.48 -2.51 25.84
CA GLN A 1 -17.61 -3.41 25.45
C GLN A 1 -17.61 -4.77 26.19
N SER A 2 -17.20 -4.83 27.48
CA SER A 2 -17.10 -6.08 28.24
C SER A 2 -16.32 -7.22 27.54
N VAL A 3 -15.10 -6.93 27.05
CA VAL A 3 -14.25 -7.89 26.33
C VAL A 3 -13.39 -8.71 27.31
N CYS A 4 -13.40 -10.04 27.21
CA CYS A 4 -12.64 -10.93 28.08
C CYS A 4 -11.85 -11.98 27.29
N ALA A 5 -10.81 -12.54 27.90
CA ALA A 5 -9.94 -13.54 27.29
C ALA A 5 -10.36 -14.97 27.67
N GLY A 6 -10.17 -15.91 26.78
CA GLY A 6 -10.43 -17.33 27.00
C GLY A 6 -9.34 -18.05 27.77
N THR A 7 -9.61 -19.28 28.18
CA THR A 7 -8.67 -20.10 28.96
C THR A 7 -7.67 -20.90 28.12
N GLU A 8 -7.99 -21.26 26.88
CA GLU A 8 -7.09 -21.99 25.97
C GLU A 8 -6.49 -23.29 26.54
N ASN A 9 -7.24 -24.09 27.30
CA ASN A 9 -6.76 -25.34 27.92
C ASN A 9 -7.14 -26.62 27.16
N LYS A 10 -8.10 -26.59 26.23
CA LYS A 10 -8.62 -27.81 25.59
C LYS A 10 -9.22 -28.74 26.65
N LEU A 11 -8.90 -30.04 26.64
CA LEU A 11 -9.49 -31.02 27.58
C LEU A 11 -8.90 -30.96 29.01
N SER A 12 -7.67 -30.48 29.19
CA SER A 12 -7.02 -30.39 30.51
C SER A 12 -7.66 -29.39 31.49
N SER A 13 -7.62 -29.71 32.79
CA SER A 13 -8.27 -28.97 33.88
C SER A 13 -7.49 -29.03 35.20
N LEU A 14 -7.93 -28.28 36.21
CA LEU A 14 -7.29 -28.27 37.53
C LEU A 14 -7.76 -29.50 38.34
N SER A 15 -6.93 -30.04 39.23
CA SER A 15 -7.35 -31.11 40.16
C SER A 15 -8.46 -30.70 41.13
N ASP A 16 -8.65 -29.41 41.42
CA ASP A 16 -9.71 -28.92 42.30
C ASP A 16 -10.92 -28.47 41.47
N LEU A 17 -12.02 -29.23 41.50
CA LEU A 17 -13.22 -28.92 40.71
C LEU A 17 -13.91 -27.61 41.10
N GLU A 18 -13.84 -27.21 42.37
CA GLU A 18 -14.42 -25.95 42.86
C GLU A 18 -13.64 -24.72 42.37
N GLN A 19 -12.31 -24.80 42.35
CA GLN A 19 -11.47 -23.76 41.79
C GLN A 19 -11.66 -23.66 40.28
N GLN A 20 -11.91 -24.79 39.60
CA GLN A 20 -12.18 -24.83 38.17
C GLN A 20 -13.47 -24.06 37.84
N TYR A 21 -14.51 -24.24 38.64
CA TYR A 21 -15.74 -23.44 38.54
C TYR A 21 -15.52 -21.97 38.90
N ARG A 22 -14.85 -21.66 40.01
CA ARG A 22 -14.54 -20.24 40.37
C ARG A 22 -13.76 -19.60 39.23
N ALA A 23 -12.75 -20.25 38.65
CA ALA A 23 -11.98 -19.73 37.52
C ALA A 23 -12.86 -19.49 36.27
N LEU A 24 -13.77 -20.40 35.95
CA LEU A 24 -14.76 -20.20 34.89
C LEU A 24 -15.55 -18.89 35.08
N ARG A 25 -15.97 -18.58 36.32
CA ARG A 25 -16.59 -17.29 36.67
C ARG A 25 -15.62 -16.13 36.49
N LYS A 26 -14.41 -16.21 37.05
CA LYS A 26 -13.40 -15.14 36.97
C LYS A 26 -13.08 -14.75 35.53
N TYR A 27 -13.10 -15.71 34.59
CA TYR A 27 -12.78 -15.43 33.20
C TYR A 27 -13.98 -14.87 32.43
N TYR A 28 -15.16 -15.47 32.59
CA TYR A 28 -16.31 -15.20 31.72
C TYR A 28 -17.47 -14.47 32.41
N GLU A 29 -17.50 -14.35 33.74
CA GLU A 29 -18.63 -13.71 34.42
C GLU A 29 -18.88 -12.29 33.92
N ASN A 30 -20.11 -12.02 33.47
CA ASN A 30 -20.57 -10.72 32.95
C ASN A 30 -19.85 -10.22 31.68
N CYS A 31 -19.19 -11.10 30.93
CA CYS A 31 -18.50 -10.75 29.69
C CYS A 31 -19.44 -10.79 28.47
N GLU A 32 -19.21 -9.97 27.44
CA GLU A 32 -19.99 -10.02 26.19
C GLU A 32 -19.22 -10.58 24.99
N VAL A 33 -17.92 -10.28 24.86
CA VAL A 33 -17.11 -10.74 23.73
C VAL A 33 -15.93 -11.54 24.25
N VAL A 34 -15.71 -12.74 23.75
CA VAL A 34 -14.60 -13.59 24.20
C VAL A 34 -13.47 -13.50 23.18
N MET A 35 -12.27 -13.20 23.64
CA MET A 35 -11.08 -13.24 22.80
C MET A 35 -10.45 -14.62 22.81
N GLY A 36 -10.27 -15.21 21.63
CA GLY A 36 -9.82 -16.60 21.56
C GLY A 36 -10.98 -17.55 21.84
N ASN A 37 -10.74 -18.67 22.47
CA ASN A 37 -11.76 -19.70 22.62
C ASN A 37 -12.71 -19.49 23.82
N LEU A 38 -13.90 -20.05 23.73
CA LEU A 38 -14.84 -20.13 24.85
C LEU A 38 -14.86 -21.58 25.29
N GLU A 39 -14.27 -21.89 26.44
CA GLU A 39 -14.14 -23.27 26.90
C GLU A 39 -14.92 -23.46 28.19
N ILE A 40 -15.93 -24.31 28.12
CA ILE A 40 -16.81 -24.65 29.26
C ILE A 40 -16.71 -26.16 29.50
N THR A 41 -15.94 -26.58 30.49
CA THR A 41 -15.73 -28.02 30.75
C THR A 41 -15.82 -28.42 32.22
N SER A 42 -16.14 -29.70 32.44
CA SER A 42 -16.19 -30.42 33.72
C SER A 42 -16.96 -29.74 34.85
N ILE A 43 -18.12 -29.13 34.56
CA ILE A 43 -18.93 -28.49 35.60
C ILE A 43 -20.09 -29.41 36.01
N GLU A 44 -20.21 -29.64 37.31
CA GLU A 44 -21.20 -30.52 37.94
C GLU A 44 -22.60 -29.90 37.92
N HIS A 45 -23.65 -30.72 37.99
CA HIS A 45 -25.05 -30.27 38.03
C HIS A 45 -25.44 -29.44 39.25
N ASN A 46 -24.59 -29.35 40.27
CA ASN A 46 -24.84 -28.57 41.49
C ASN A 46 -24.30 -27.12 41.45
N ARG A 47 -23.80 -26.61 40.31
CA ARG A 47 -23.26 -25.24 40.15
C ARG A 47 -23.97 -24.45 39.04
N ASP A 48 -24.39 -23.24 39.37
CA ASP A 48 -25.09 -22.31 38.46
C ASP A 48 -24.18 -21.71 37.40
N LEU A 49 -24.61 -21.67 36.13
CA LEU A 49 -23.88 -21.06 35.00
C LEU A 49 -24.57 -19.83 34.39
N SER A 50 -25.49 -19.17 35.08
CA SER A 50 -26.22 -18.01 34.56
C SER A 50 -25.34 -16.81 34.22
N PHE A 51 -24.14 -16.69 34.78
CA PHE A 51 -23.22 -15.61 34.42
C PHE A 51 -22.74 -15.69 32.96
N LEU A 52 -22.99 -16.78 32.22
CA LEU A 52 -22.61 -16.90 30.82
C LEU A 52 -23.66 -16.32 29.85
N ARG A 53 -24.84 -15.91 30.33
CA ARG A 53 -25.92 -15.37 29.51
C ARG A 53 -25.59 -14.08 28.77
N SER A 54 -24.59 -13.30 29.19
CA SER A 54 -24.23 -12.06 28.51
C SER A 54 -23.33 -12.24 27.28
N VAL A 55 -22.80 -13.44 27.01
CA VAL A 55 -21.86 -13.66 25.89
C VAL A 55 -22.59 -13.61 24.56
N ARG A 56 -22.17 -12.70 23.69
CA ARG A 56 -22.76 -12.41 22.39
C ARG A 56 -21.95 -13.02 21.26
N GLU A 57 -20.63 -13.05 21.40
CA GLU A 57 -19.68 -13.38 20.33
C GLU A 57 -18.39 -14.03 20.84
N VAL A 58 -17.78 -14.89 20.04
CA VAL A 58 -16.52 -15.59 20.37
C VAL A 58 -15.62 -15.53 19.14
N THR A 59 -14.37 -15.10 19.25
CA THR A 59 -13.48 -15.05 18.07
C THR A 59 -12.90 -16.41 17.69
N GLY A 60 -12.67 -17.28 18.66
CA GLY A 60 -12.18 -18.64 18.45
C GLY A 60 -13.30 -19.65 18.39
N TYR A 61 -13.04 -20.89 18.79
CA TYR A 61 -14.06 -21.94 18.81
C TYR A 61 -14.72 -22.06 20.18
N VAL A 62 -15.92 -22.64 20.21
CA VAL A 62 -16.71 -22.90 21.42
C VAL A 62 -16.66 -24.39 21.73
N LEU A 63 -16.08 -24.77 22.87
CA LEU A 63 -15.91 -26.16 23.28
C LEU A 63 -16.69 -26.44 24.56
N VAL A 64 -17.57 -27.42 24.52
CA VAL A 64 -18.31 -27.88 25.70
C VAL A 64 -18.07 -29.38 25.85
N ALA A 65 -17.45 -29.82 26.94
CA ALA A 65 -17.10 -31.24 27.10
C ALA A 65 -17.14 -31.76 28.54
N LEU A 66 -17.51 -33.04 28.69
CA LEU A 66 -17.49 -33.83 29.93
C LEU A 66 -18.23 -33.22 31.15
N ASN A 67 -19.33 -32.48 30.95
CA ASN A 67 -20.12 -31.85 32.00
C ASN A 67 -21.22 -32.76 32.58
N GLN A 68 -21.94 -32.31 33.63
CA GLN A 68 -23.02 -33.09 34.26
C GLN A 68 -24.35 -32.32 34.40
N PHE A 69 -24.40 -31.03 34.02
CA PHE A 69 -25.59 -30.16 34.12
C PHE A 69 -26.56 -30.30 32.94
N ARG A 70 -27.85 -29.99 33.16
CA ARG A 70 -28.96 -30.21 32.20
C ARG A 70 -29.04 -29.23 31.03
N TYR A 71 -28.73 -27.96 31.25
CA TYR A 71 -28.99 -26.87 30.29
C TYR A 71 -27.79 -25.95 30.11
N LEU A 72 -27.46 -25.55 28.87
CA LEU A 72 -26.45 -24.53 28.56
C LEU A 72 -27.09 -23.13 28.45
N PRO A 73 -26.88 -22.19 29.40
CA PRO A 73 -27.47 -20.86 29.34
C PRO A 73 -26.69 -19.93 28.39
N LEU A 74 -26.62 -20.32 27.12
CA LEU A 74 -25.90 -19.63 26.04
C LEU A 74 -26.86 -18.98 25.02
N GLU A 75 -28.05 -18.59 25.48
CA GLU A 75 -29.16 -18.05 24.67
C GLU A 75 -28.82 -16.82 23.81
N ASN A 76 -27.95 -15.93 24.26
CA ASN A 76 -27.52 -14.74 23.53
C ASN A 76 -26.30 -14.92 22.65
N LEU A 77 -25.73 -16.13 22.51
CA LEU A 77 -24.58 -16.32 21.63
C LEU A 77 -25.07 -16.32 20.18
N ARG A 78 -24.65 -15.33 19.39
CA ARG A 78 -25.11 -15.13 18.01
C ARG A 78 -24.19 -15.68 16.94
N ILE A 79 -22.89 -15.42 17.06
CA ILE A 79 -21.89 -15.66 16.02
C ILE A 79 -20.59 -16.24 16.59
N ILE A 80 -20.06 -17.24 15.93
CA ILE A 80 -18.74 -17.82 16.19
C ILE A 80 -17.85 -17.49 14.99
N ARG A 81 -16.77 -16.72 15.13
CA ARG A 81 -15.97 -16.33 13.95
C ARG A 81 -15.00 -17.38 13.45
N GLY A 82 -14.59 -18.34 14.28
CA GLY A 82 -13.75 -19.45 13.86
C GLY A 82 -12.29 -19.08 13.53
N THR A 83 -11.68 -18.09 14.19
CA THR A 83 -10.26 -17.70 13.92
C THR A 83 -9.25 -18.74 14.40
N LYS A 84 -9.68 -19.66 15.27
CA LYS A 84 -8.96 -20.83 15.78
C LYS A 84 -9.97 -21.98 15.89
N LEU A 85 -9.63 -23.19 15.48
CA LEU A 85 -10.56 -24.33 15.48
C LEU A 85 -10.11 -25.45 16.41
N TYR A 86 -11.07 -26.14 17.03
CA TYR A 86 -10.79 -27.30 17.88
C TYR A 86 -10.23 -28.45 17.00
N GLU A 87 -9.08 -29.01 17.37
CA GLU A 87 -8.32 -29.98 16.55
C GLU A 87 -8.04 -29.49 15.11
N ASP A 88 -8.01 -28.16 14.90
CA ASP A 88 -7.82 -27.53 13.58
C ASP A 88 -8.89 -27.89 12.53
N ARG A 89 -10.10 -28.26 12.98
CA ARG A 89 -11.22 -28.65 12.11
C ARG A 89 -12.55 -28.01 12.51
N TYR A 90 -12.90 -28.00 13.79
CA TYR A 90 -14.24 -27.67 14.27
C TYR A 90 -14.31 -26.30 14.97
N ALA A 91 -15.30 -25.48 14.63
CA ALA A 91 -15.55 -24.22 15.32
C ALA A 91 -16.48 -24.37 16.52
N LEU A 92 -17.35 -25.38 16.53
CA LEU A 92 -18.24 -25.68 17.63
C LEU A 92 -18.13 -27.18 17.91
N ALA A 93 -17.86 -27.57 19.15
CA ALA A 93 -17.75 -28.97 19.51
C ALA A 93 -18.40 -29.23 20.86
N ILE A 94 -19.48 -30.01 20.91
CA ILE A 94 -20.19 -30.33 22.13
C ILE A 94 -20.26 -31.85 22.27
N PHE A 95 -19.56 -32.47 23.22
CA PHE A 95 -19.50 -33.95 23.29
C PHE A 95 -19.25 -34.53 24.69
N LEU A 96 -19.67 -35.78 24.88
CA LEU A 96 -19.53 -36.59 26.08
C LEU A 96 -20.06 -35.94 27.38
N ASN A 97 -21.08 -35.09 27.31
CA ASN A 97 -21.60 -34.38 28.49
C ASN A 97 -22.53 -35.22 29.39
N TYR A 98 -22.04 -36.32 29.95
CA TYR A 98 -22.80 -37.18 30.85
C TYR A 98 -21.93 -38.10 31.72
N ARG A 99 -22.51 -38.65 32.80
CA ARG A 99 -21.86 -39.67 33.64
C ARG A 99 -22.15 -41.06 33.09
N LYS A 100 -21.11 -41.86 32.85
CA LYS A 100 -21.25 -43.21 32.28
C LYS A 100 -22.06 -44.16 33.17
N ASP A 101 -21.87 -44.07 34.49
CA ASP A 101 -22.50 -44.90 35.51
C ASP A 101 -23.59 -44.16 36.32
N GLY A 102 -24.39 -43.30 35.66
CA GLY A 102 -25.46 -42.56 36.33
C GLY A 102 -26.47 -41.95 35.36
N ASN A 103 -27.36 -41.08 35.86
CA ASN A 103 -28.42 -40.45 35.08
C ASN A 103 -28.22 -38.93 34.87
N PHE A 104 -26.99 -38.43 34.92
CA PHE A 104 -26.68 -37.01 34.77
C PHE A 104 -26.03 -36.70 33.42
N GLY A 105 -26.35 -35.54 32.84
CA GLY A 105 -25.77 -35.03 31.61
C GLY A 105 -26.59 -33.91 30.99
N LEU A 106 -26.10 -33.34 29.89
CA LEU A 106 -26.73 -32.23 29.17
C LEU A 106 -27.98 -32.71 28.42
N GLN A 107 -29.10 -32.01 28.56
CA GLN A 107 -30.39 -32.34 27.93
C GLN A 107 -30.83 -31.36 26.86
N GLU A 108 -30.60 -30.06 27.04
CA GLU A 108 -31.06 -29.02 26.11
C GLU A 108 -29.93 -28.03 25.84
N LEU A 109 -29.85 -27.50 24.61
CA LEU A 109 -28.74 -26.63 24.22
C LEU A 109 -29.01 -25.14 24.38
N GLY A 110 -30.24 -24.66 24.51
CA GLY A 110 -30.47 -23.21 24.51
C GLY A 110 -30.10 -22.65 23.14
N LEU A 111 -29.24 -21.63 23.06
CA LEU A 111 -28.78 -21.01 21.80
C LEU A 111 -29.87 -20.42 20.88
N LYS A 112 -30.95 -19.81 21.40
CA LYS A 112 -32.11 -19.33 20.60
C LYS A 112 -31.76 -18.31 19.52
N ASN A 113 -30.64 -17.59 19.74
CA ASN A 113 -30.18 -16.51 18.84
C ASN A 113 -28.93 -16.92 18.06
N LEU A 114 -28.47 -18.18 18.14
CA LEU A 114 -27.29 -18.62 17.38
C LEU A 114 -27.66 -18.74 15.91
N THR A 115 -27.01 -17.92 15.09
CA THR A 115 -27.40 -17.73 13.70
C THR A 115 -26.32 -18.20 12.73
N GLU A 116 -25.04 -17.91 12.97
CA GLU A 116 -23.99 -18.30 12.02
C GLU A 116 -22.59 -18.59 12.59
N ILE A 117 -21.84 -19.40 11.84
CA ILE A 117 -20.43 -19.73 12.00
C ILE A 117 -19.73 -19.26 10.73
N LEU A 118 -18.71 -18.40 10.81
CA LEU A 118 -18.00 -17.93 9.61
C LEU A 118 -16.96 -18.90 9.06
N ASN A 119 -16.37 -19.77 9.88
CA ASN A 119 -15.34 -20.72 9.46
C ASN A 119 -15.35 -21.97 10.34
N GLY A 120 -14.82 -23.10 9.86
CA GLY A 120 -14.77 -24.36 10.61
C GLY A 120 -16.07 -25.18 10.61
N GLY A 121 -16.00 -26.43 11.05
CA GLY A 121 -17.14 -27.35 11.12
C GLY A 121 -17.83 -27.46 12.48
N VAL A 122 -18.75 -28.42 12.59
CA VAL A 122 -19.57 -28.72 13.78
C VAL A 122 -19.38 -30.16 14.22
N TYR A 123 -19.11 -30.36 15.50
CA TYR A 123 -18.93 -31.69 16.09
C TYR A 123 -19.89 -31.89 17.24
N VAL A 124 -20.70 -32.93 17.19
CA VAL A 124 -21.60 -33.31 18.29
C VAL A 124 -21.34 -34.75 18.73
N ASP A 125 -21.46 -35.75 17.84
CA ASP A 125 -21.15 -37.14 18.18
C ASP A 125 -21.91 -37.64 19.44
N GLN A 126 -21.25 -38.27 20.42
CA GLN A 126 -21.93 -38.93 21.57
C GLN A 126 -22.35 -37.97 22.69
N ASN A 127 -23.63 -37.95 23.06
CA ASN A 127 -24.17 -37.22 24.22
C ASN A 127 -25.39 -38.00 24.77
N LYS A 128 -25.17 -38.95 25.69
CA LYS A 128 -26.18 -39.96 26.11
C LYS A 128 -27.57 -39.44 26.48
N PHE A 129 -27.68 -38.29 27.14
CA PHE A 129 -28.95 -37.72 27.60
C PHE A 129 -29.40 -36.42 26.88
N LEU A 130 -28.83 -36.10 25.72
CA LEU A 130 -29.09 -34.86 24.97
C LEU A 130 -30.20 -35.04 23.93
N CYS A 131 -31.29 -34.29 24.10
CA CYS A 131 -32.43 -34.23 23.18
C CYS A 131 -32.24 -33.20 22.06
N TYR A 132 -32.83 -33.48 20.89
CA TYR A 132 -32.79 -32.61 19.72
C TYR A 132 -31.40 -32.31 19.14
N ALA A 133 -30.43 -33.22 19.27
CA ALA A 133 -29.11 -33.10 18.65
C ALA A 133 -29.22 -33.11 17.12
N ASP A 134 -30.16 -33.90 16.62
CA ASP A 134 -30.54 -33.96 15.20
C ASP A 134 -31.71 -33.01 14.95
N THR A 135 -32.21 -32.92 13.71
CA THR A 135 -33.33 -32.06 13.28
C THR A 135 -33.02 -30.56 13.33
N ILE A 136 -31.79 -30.21 12.93
CA ILE A 136 -31.30 -28.84 12.82
C ILE A 136 -30.74 -28.67 11.41
N HIS A 137 -31.12 -27.59 10.74
CA HIS A 137 -30.68 -27.29 9.38
C HIS A 137 -29.31 -26.61 9.43
N TRP A 138 -28.26 -27.39 9.69
CA TRP A 138 -26.92 -26.83 9.87
C TRP A 138 -26.42 -26.06 8.65
N GLN A 139 -26.86 -26.38 7.43
CA GLN A 139 -26.52 -25.59 6.24
C GLN A 139 -26.99 -24.12 6.30
N ASP A 140 -27.93 -23.72 7.15
CA ASP A 140 -28.29 -22.30 7.26
C ASP A 140 -27.34 -21.55 8.20
N ILE A 141 -26.62 -22.28 9.06
CA ILE A 141 -25.71 -21.77 10.10
C ILE A 141 -24.28 -21.67 9.59
N VAL A 142 -23.81 -22.67 8.86
CA VAL A 142 -22.45 -22.74 8.28
C VAL A 142 -22.37 -21.89 7.01
N ARG A 143 -21.47 -20.91 6.95
CA ARG A 143 -21.33 -20.05 5.76
C ARG A 143 -20.54 -20.67 4.60
N ASN A 144 -19.76 -21.71 4.84
CA ASN A 144 -18.91 -22.39 3.86
C ASN A 144 -19.14 -23.92 3.83
N PRO A 145 -20.21 -24.45 3.19
CA PRO A 145 -20.51 -25.88 3.23
C PRO A 145 -19.40 -26.82 2.73
N TRP A 146 -19.32 -28.01 3.34
CA TRP A 146 -18.37 -29.09 3.02
C TRP A 146 -19.13 -30.42 2.82
N PRO A 147 -19.83 -30.60 1.68
CA PRO A 147 -20.63 -31.80 1.42
C PRO A 147 -19.86 -33.11 1.66
N LEU A 150 -17.41 -33.48 8.56
CA LEU A 150 -17.93 -32.41 9.42
C LEU A 150 -19.45 -32.49 9.57
N THR A 151 -19.97 -31.90 10.65
CA THR A 151 -21.39 -31.94 11.04
C THR A 151 -21.84 -33.36 11.45
N LEU A 152 -21.20 -33.90 12.50
CA LEU A 152 -21.38 -35.29 12.96
C LEU A 152 -22.30 -35.37 14.19
N VAL A 153 -23.47 -35.99 14.06
CA VAL A 153 -24.48 -36.09 15.12
C VAL A 153 -24.85 -37.57 15.33
N SER A 154 -25.01 -38.00 16.58
CA SER A 154 -25.38 -39.37 16.95
C SER A 154 -26.40 -39.41 18.08
N SER A 158 -30.24 -38.60 23.53
CA SER A 158 -31.62 -39.06 23.74
C SER A 158 -32.44 -39.08 22.44
N SER A 159 -33.41 -39.99 22.34
CA SER A 159 -34.33 -40.15 21.21
C SER A 159 -35.80 -40.19 21.66
N GLY A 160 -36.72 -39.84 20.76
CA GLY A 160 -38.15 -39.77 21.08
C GLY A 160 -38.57 -38.55 21.93
N CYS A 161 -37.81 -37.46 21.90
CA CYS A 161 -38.03 -36.27 22.73
C CYS A 161 -39.15 -35.34 22.23
N GLY A 162 -39.70 -35.61 21.04
CA GLY A 162 -40.80 -34.85 20.43
C GLY A 162 -40.32 -33.73 19.52
N ARG A 163 -41.11 -32.66 19.40
CA ARG A 163 -40.85 -31.51 18.52
C ARG A 163 -41.17 -30.19 19.25
N CYS A 164 -40.53 -29.10 18.84
CA CYS A 164 -40.71 -27.77 19.42
C CYS A 164 -42.17 -27.30 19.39
N HIS A 165 -42.84 -27.53 18.27
CA HIS A 165 -44.21 -27.12 17.98
C HIS A 165 -44.66 -27.75 16.66
N LYS A 166 -45.95 -27.98 16.45
CA LYS A 166 -46.47 -28.48 15.16
C LYS A 166 -46.15 -27.54 14.00
N SER A 167 -46.06 -26.24 14.25
CA SER A 167 -45.70 -25.21 13.26
C SER A 167 -44.22 -25.17 12.85
N CYS A 168 -43.31 -25.87 13.56
CA CYS A 168 -41.87 -25.85 13.26
C CYS A 168 -41.42 -27.13 12.56
N THR A 169 -41.36 -27.11 11.23
CA THR A 169 -41.19 -28.28 10.36
C THR A 169 -39.78 -28.86 10.35
N GLY A 170 -39.33 -29.46 11.46
CA GLY A 170 -37.99 -30.05 11.58
C GLY A 170 -36.88 -28.99 11.76
N ARG A 171 -37.19 -27.89 12.45
CA ARG A 171 -36.33 -26.72 12.67
C ARG A 171 -36.33 -26.42 14.17
N CYS A 172 -35.78 -27.35 14.95
CA CYS A 172 -35.97 -27.44 16.39
C CYS A 172 -34.71 -27.91 17.12
N TRP A 173 -34.34 -27.25 18.23
CA TRP A 173 -33.33 -27.73 19.19
C TRP A 173 -33.78 -27.73 20.65
N GLY A 174 -35.07 -27.92 20.90
CA GLY A 174 -35.67 -27.94 22.24
C GLY A 174 -37.13 -28.39 22.26
N PRO A 175 -37.78 -28.46 23.44
CA PRO A 175 -39.14 -28.96 23.57
C PRO A 175 -40.28 -27.93 23.37
N THR A 176 -40.00 -26.64 23.15
CA THR A 176 -41.05 -25.59 23.02
C THR A 176 -40.91 -24.74 21.77
N GLU A 177 -41.96 -23.97 21.44
CA GLU A 177 -42.00 -23.06 20.29
C GLU A 177 -40.93 -21.94 20.32
N ASN A 178 -40.27 -21.71 21.46
CA ASN A 178 -39.16 -20.77 21.57
C ASN A 178 -37.79 -21.39 21.24
N HIS A 179 -37.73 -22.69 20.88
CA HIS A 179 -36.52 -23.41 20.49
C HIS A 179 -36.44 -23.73 18.99
N CYS A 180 -37.20 -23.03 18.15
CA CYS A 180 -37.27 -23.30 16.72
C CYS A 180 -36.23 -22.52 15.93
N GLN A 181 -35.51 -23.20 15.03
CA GLN A 181 -34.47 -22.60 14.19
C GLN A 181 -35.10 -21.66 13.17
N THR A 182 -34.69 -20.40 13.12
CA THR A 182 -35.14 -19.44 12.11
C THR A 182 -34.15 -19.35 10.94
N LEU A 183 -34.56 -19.80 9.75
CA LEU A 183 -33.69 -19.86 8.56
C LEU A 183 -33.50 -18.47 7.94
N THR A 184 -32.25 -18.06 7.77
CA THR A 184 -31.92 -16.74 7.19
C THR A 184 -31.10 -16.80 5.89
N ARG A 185 -30.56 -17.96 5.51
CA ARG A 185 -29.77 -18.12 4.27
C ARG A 185 -30.44 -19.02 3.23
N THR A 186 -31.02 -20.12 3.67
CA THR A 186 -31.70 -21.11 2.80
C THR A 186 -33.13 -20.71 2.43
N VAL A 187 -33.71 -19.72 3.12
CA VAL A 187 -35.04 -19.16 2.84
C VAL A 187 -34.85 -17.70 2.49
N CYS A 188 -34.61 -17.44 1.21
CA CYS A 188 -34.30 -16.11 0.69
C CYS A 188 -34.69 -15.98 -0.78
N ALA A 189 -34.72 -14.73 -1.26
CA ALA A 189 -34.86 -14.45 -2.67
C ALA A 189 -33.60 -14.83 -3.45
N GLU A 190 -33.79 -15.19 -4.71
CA GLU A 190 -32.74 -15.53 -5.67
C GLU A 190 -31.69 -14.43 -5.90
N GLN A 191 -32.08 -13.17 -5.73
CA GLN A 191 -31.21 -11.99 -5.89
C GLN A 191 -30.32 -11.71 -4.68
N CYS A 192 -30.50 -12.37 -3.53
CA CYS A 192 -29.74 -12.07 -2.32
C CYS A 192 -28.31 -12.61 -2.31
N ASP A 193 -27.36 -11.75 -1.92
CA ASP A 193 -25.96 -12.11 -1.70
C ASP A 193 -25.68 -12.46 -0.23
N GLY A 194 -26.45 -11.93 0.71
CA GLY A 194 -26.32 -12.14 2.15
C GLY A 194 -27.36 -13.10 2.75
N ARG A 195 -28.12 -12.59 3.72
CA ARG A 195 -29.13 -13.30 4.53
C ARG A 195 -30.42 -12.46 4.55
N CYS A 196 -31.57 -13.02 4.94
CA CYS A 196 -32.85 -12.31 4.89
C CYS A 196 -33.56 -12.16 6.22
N TYR A 197 -34.53 -11.24 6.30
CA TYR A 197 -35.51 -11.18 7.39
C TYR A 197 -36.92 -11.63 6.96
N GLY A 198 -37.04 -12.27 5.80
CA GLY A 198 -38.27 -12.84 5.25
C GLY A 198 -38.00 -13.53 3.89
N PRO A 199 -39.00 -14.18 3.27
CA PRO A 199 -38.81 -14.96 2.04
C PRO A 199 -38.96 -14.14 0.74
N TYR A 200 -38.87 -12.81 0.77
CA TYR A 200 -39.08 -11.93 -0.40
C TYR A 200 -37.84 -11.11 -0.75
N VAL A 201 -37.72 -10.71 -2.03
CA VAL A 201 -36.69 -9.77 -2.50
C VAL A 201 -36.79 -8.39 -1.81
N SER A 202 -37.98 -8.02 -1.30
CA SER A 202 -38.23 -6.77 -0.58
C SER A 202 -37.88 -6.81 0.91
N ASP A 203 -37.63 -7.98 1.52
CA ASP A 203 -37.25 -8.14 2.93
C ASP A 203 -35.95 -8.94 3.14
N CYS A 204 -35.06 -8.82 2.16
CA CYS A 204 -33.68 -9.27 2.24
C CYS A 204 -32.79 -8.12 2.74
N CYS A 205 -31.73 -8.40 3.51
CA CYS A 205 -30.88 -7.36 4.09
C CYS A 205 -29.47 -7.29 3.47
N HIS A 206 -28.68 -6.34 4.01
CA HIS A 206 -27.38 -5.91 3.48
C HIS A 206 -26.32 -7.01 3.48
N ARG A 207 -25.34 -6.85 2.59
CA ARG A 207 -24.33 -7.83 2.22
C ARG A 207 -23.21 -8.03 3.24
N GLU A 208 -22.85 -7.00 3.99
CA GLU A 208 -21.84 -7.12 5.07
C GLU A 208 -22.41 -7.63 6.39
N CYS A 209 -23.73 -7.66 6.52
CA CYS A 209 -24.38 -7.97 7.77
C CYS A 209 -24.34 -9.46 8.06
N ALA A 210 -24.16 -9.79 9.33
CA ALA A 210 -24.04 -11.15 9.83
C ALA A 210 -25.09 -11.39 10.91
N GLY A 211 -25.48 -12.64 11.08
CA GLY A 211 -26.30 -13.06 12.20
C GLY A 211 -27.75 -12.56 12.15
N GLY A 212 -28.26 -12.25 10.96
CA GLY A 212 -29.61 -11.72 10.77
C GLY A 212 -29.68 -10.20 10.84
N CYS A 213 -30.87 -9.66 10.56
CA CYS A 213 -31.08 -8.24 10.32
C CYS A 213 -32.43 -7.76 10.84
N SER A 214 -32.50 -6.46 11.11
CA SER A 214 -33.74 -5.74 11.44
C SER A 214 -34.26 -4.87 10.29
N GLY A 215 -33.45 -4.59 9.27
CA GLY A 215 -33.83 -3.79 8.10
C GLY A 215 -32.82 -3.90 6.97
N PRO A 216 -33.03 -3.24 5.82
CA PRO A 216 -32.18 -3.39 4.64
C PRO A 216 -30.84 -2.63 4.73
N LYS A 217 -30.68 -1.72 5.70
CA LYS A 217 -29.49 -0.85 5.84
C LYS A 217 -28.30 -1.55 6.50
N ASP A 218 -27.11 -1.14 6.10
CA ASP A 218 -25.84 -1.62 6.65
C ASP A 218 -25.67 -1.32 8.16
N THR A 219 -26.52 -0.45 8.71
CA THR A 219 -26.68 -0.15 10.13
C THR A 219 -27.55 -1.14 10.89
N ASP A 220 -28.45 -1.86 10.23
CA ASP A 220 -29.62 -2.47 10.87
C ASP A 220 -29.37 -3.93 11.30
N CYS A 221 -28.13 -4.24 11.69
CA CYS A 221 -27.59 -5.59 11.62
C CYS A 221 -27.10 -6.12 12.95
N PHE A 222 -27.37 -7.40 13.23
CA PHE A 222 -27.09 -7.98 14.55
C PHE A 222 -25.62 -8.38 14.76
N ALA A 223 -24.82 -8.44 13.70
CA ALA A 223 -23.36 -8.59 13.72
C ALA A 223 -22.78 -8.09 12.37
N CYS A 224 -21.47 -7.89 12.27
CA CYS A 224 -20.81 -7.51 11.01
C CYS A 224 -19.76 -8.53 10.58
N MET A 225 -19.68 -8.81 9.28
CA MET A 225 -18.44 -9.23 8.65
C MET A 225 -17.53 -8.02 8.43
N ASN A 226 -16.25 -8.25 8.18
CA ASN A 226 -15.26 -7.17 7.99
C ASN A 226 -15.22 -6.21 9.20
N PHE A 227 -15.53 -4.92 9.04
CA PHE A 227 -15.32 -3.88 10.05
C PHE A 227 -16.61 -3.27 10.58
N ASN A 228 -16.54 -2.75 11.80
CA ASN A 228 -17.52 -1.83 12.37
C ASN A 228 -17.06 -0.37 12.20
N ASP A 229 -17.78 0.37 11.36
CA ASP A 229 -17.67 1.82 11.23
C ASP A 229 -18.84 2.50 11.97
N SER A 230 -18.68 2.72 13.28
CA SER A 230 -19.66 3.44 14.12
C SER A 230 -21.10 2.93 14.00
N GLY A 231 -21.29 1.61 13.93
CA GLY A 231 -22.59 0.95 13.80
C GLY A 231 -22.94 0.47 12.39
N ALA A 232 -22.19 0.85 11.36
CA ALA A 232 -22.33 0.31 10.02
C ALA A 232 -21.36 -0.85 9.77
N CYS A 233 -21.83 -1.97 9.23
CA CYS A 233 -20.95 -3.03 8.76
C CYS A 233 -20.33 -2.68 7.41
N VAL A 234 -19.00 -2.64 7.30
CA VAL A 234 -18.30 -2.19 6.09
C VAL A 234 -17.13 -3.09 5.71
N THR A 235 -16.87 -3.24 4.41
CA THR A 235 -15.72 -4.00 3.89
C THR A 235 -14.38 -3.33 4.17
N GLN A 236 -14.35 -2.00 4.32
CA GLN A 236 -13.13 -1.21 4.50
C GLN A 236 -13.45 0.14 5.14
N CYS A 237 -12.60 0.64 6.03
CA CYS A 237 -12.78 1.95 6.67
C CYS A 237 -12.54 3.12 5.69
N PRO A 238 -13.07 4.33 5.94
CA PRO A 238 -12.88 5.50 5.08
C PRO A 238 -11.41 5.84 4.85
N GLN A 239 -10.97 5.84 3.59
CA GLN A 239 -9.56 6.03 3.19
C GLN A 239 -9.19 7.49 2.98
N THR A 240 -7.90 7.81 3.08
CA THR A 240 -7.34 9.18 2.92
C THR A 240 -7.52 9.78 1.52
N PHE A 241 -7.81 8.96 0.53
CA PHE A 241 -8.10 9.29 -0.86
C PHE A 241 -9.33 8.55 -1.41
N VAL A 242 -10.01 9.15 -2.38
CA VAL A 242 -11.15 8.58 -3.12
C VAL A 242 -10.87 8.61 -4.62
N TYR A 243 -10.97 7.47 -5.31
CA TYR A 243 -10.75 7.38 -6.75
C TYR A 243 -11.93 7.96 -7.55
N ASN A 244 -11.65 8.82 -8.53
CA ASN A 244 -12.67 9.41 -9.41
C ASN A 244 -12.70 8.68 -10.77
N PRO A 245 -13.63 7.76 -11.05
CA PRO A 245 -13.64 7.02 -12.31
C PRO A 245 -13.97 7.87 -13.56
N THR A 246 -14.47 9.11 -13.43
CA THR A 246 -14.83 9.98 -14.57
C THR A 246 -13.60 10.61 -15.21
N THR A 247 -12.54 10.88 -14.45
CA THR A 247 -11.32 11.56 -14.93
C THR A 247 -10.03 10.76 -14.76
N PHE A 248 -10.09 9.54 -14.21
CA PHE A 248 -8.92 8.73 -13.82
C PHE A 248 -7.98 9.50 -12.87
N GLN A 249 -8.51 10.07 -11.80
CA GLN A 249 -7.75 10.80 -10.79
C GLN A 249 -8.06 10.29 -9.37
N LEU A 250 -7.08 10.43 -8.49
CA LEU A 250 -7.19 10.08 -7.08
C LEU A 250 -7.29 11.36 -6.24
N GLU A 251 -8.43 11.61 -5.61
CA GLU A 251 -8.71 12.85 -4.87
C GLU A 251 -8.58 12.67 -3.36
N HIS A 252 -8.11 13.70 -2.65
CA HIS A 252 -7.92 13.62 -1.20
C HIS A 252 -9.27 13.61 -0.47
N ASN A 253 -9.39 12.77 0.56
CA ASN A 253 -10.60 12.67 1.37
C ASN A 253 -10.58 13.67 2.54
N PHE A 254 -11.74 13.98 3.12
CA PHE A 254 -11.87 14.83 4.31
C PHE A 254 -12.39 14.09 5.56
N ASN A 255 -12.92 12.88 5.43
CA ASN A 255 -13.49 12.10 6.54
C ASN A 255 -12.77 10.76 6.81
N ALA A 256 -11.52 10.62 6.39
CA ALA A 256 -10.76 9.39 6.52
C ALA A 256 -10.52 8.97 7.98
N LYS A 257 -10.38 7.66 8.25
CA LYS A 257 -10.15 7.10 9.59
C LYS A 257 -9.15 5.95 9.56
N TYR A 258 -8.54 5.65 10.70
CA TYR A 258 -7.65 4.51 10.86
C TYR A 258 -8.41 3.20 10.82
N THR A 259 -7.90 2.28 10.01
CA THR A 259 -8.27 0.86 10.03
C THR A 259 -7.50 0.20 11.17
N TYR A 260 -8.20 -0.33 12.16
CA TYR A 260 -7.57 -0.73 13.40
C TYR A 260 -8.32 -1.89 14.05
N GLY A 261 -7.71 -3.08 14.08
CA GLY A 261 -8.36 -4.28 14.59
C GLY A 261 -9.65 -4.59 13.82
N ALA A 262 -10.76 -4.74 14.54
CA ALA A 262 -12.09 -4.88 13.96
C ALA A 262 -12.81 -3.55 13.68
N PHE A 263 -12.15 -2.39 13.83
CA PHE A 263 -12.80 -1.09 13.94
C PHE A 263 -12.24 -0.03 13.01
N CYS A 264 -13.06 1.00 12.77
CA CYS A 264 -12.61 2.27 12.21
C CYS A 264 -12.54 3.30 13.36
N VAL A 265 -11.39 3.96 13.56
CA VAL A 265 -11.18 4.93 14.65
C VAL A 265 -10.56 6.23 14.16
N LYS A 266 -10.82 7.35 14.86
CA LYS A 266 -10.27 8.68 14.55
C LYS A 266 -8.90 8.95 15.17
N LYS A 267 -8.48 8.16 16.16
CA LYS A 267 -7.23 8.32 16.93
C LYS A 267 -6.54 6.96 17.14
N CYS A 268 -5.45 6.73 16.40
CA CYS A 268 -4.66 5.51 16.52
C CYS A 268 -4.03 5.38 17.92
N PRO A 269 -3.86 4.17 18.47
CA PRO A 269 -3.11 3.99 19.71
C PRO A 269 -1.67 4.48 19.59
N HIS A 270 -1.21 5.24 20.60
CA HIS A 270 0.14 5.87 20.60
C HIS A 270 1.29 4.86 20.44
N ASN A 271 1.14 3.65 20.98
CA ASN A 271 2.23 2.66 20.92
C ASN A 271 2.32 1.90 19.59
N PHE A 272 1.36 2.09 18.68
CA PHE A 272 1.26 1.35 17.42
C PHE A 272 1.84 2.19 16.28
N VAL A 273 2.39 1.53 15.26
CA VAL A 273 2.79 2.22 14.03
C VAL A 273 1.54 2.75 13.33
N VAL A 274 1.42 4.07 13.15
CA VAL A 274 0.53 4.60 12.11
C VAL A 274 1.20 4.40 10.76
N ASP A 275 0.71 3.42 9.99
CA ASP A 275 0.80 3.49 8.55
C ASP A 275 -0.32 4.40 8.00
N SER A 276 -0.29 4.78 6.72
CA SER A 276 -1.06 5.91 6.16
C SER A 276 -2.57 5.91 6.44
N SER A 277 -3.19 4.74 6.60
CA SER A 277 -4.59 4.60 7.03
C SER A 277 -4.85 3.37 7.91
N SER A 278 -3.82 2.79 8.54
CA SER A 278 -3.99 1.62 9.42
C SER A 278 -2.96 1.57 10.56
N CYS A 279 -3.36 0.93 11.66
CA CYS A 279 -2.57 0.82 12.89
C CYS A 279 -2.11 -0.62 13.08
N VAL A 280 -0.80 -0.84 13.25
CA VAL A 280 -0.20 -2.19 13.23
C VAL A 280 0.86 -2.39 14.31
N ARG A 281 1.03 -3.65 14.73
CA ARG A 281 1.99 -4.05 15.78
C ARG A 281 3.45 -3.97 15.34
N ALA A 282 3.73 -4.11 14.05
CA ALA A 282 5.04 -3.83 13.49
C ALA A 282 4.90 -3.42 12.02
N CYS A 283 5.80 -2.58 11.52
CA CYS A 283 5.80 -2.25 10.11
C CYS A 283 6.32 -3.43 9.26
N PRO A 284 5.72 -3.72 8.08
CA PRO A 284 6.21 -4.76 7.17
C PRO A 284 7.67 -4.57 6.76
N SER A 285 8.33 -5.67 6.38
CA SER A 285 9.79 -5.70 6.15
C SER A 285 10.28 -4.81 5.01
N SER A 286 9.39 -4.40 4.10
CA SER A 286 9.65 -3.49 2.99
C SER A 286 9.70 -2.00 3.38
N LYS A 287 9.40 -1.66 4.63
CA LYS A 287 9.37 -0.28 5.14
C LYS A 287 10.12 -0.14 6.48
N MET A 288 10.64 1.04 6.75
CA MET A 288 11.46 1.39 7.92
C MET A 288 10.63 2.18 8.94
N GLU A 289 10.59 1.74 10.19
CA GLU A 289 9.89 2.44 11.27
C GLU A 289 10.64 3.71 11.69
N VAL A 290 9.95 4.84 11.75
CA VAL A 290 10.47 6.16 12.07
C VAL A 290 9.56 6.87 13.08
N GLU A 291 10.04 7.94 13.69
CA GLU A 291 9.23 8.77 14.59
C GLU A 291 9.34 10.25 14.23
N GLU A 292 8.22 10.95 14.14
CA GLU A 292 8.19 12.40 13.85
C GLU A 292 7.24 13.10 14.84
N ASN A 293 7.69 14.16 15.51
CA ASN A 293 6.87 14.92 16.48
C ASN A 293 6.22 14.06 17.59
N GLY A 294 6.91 13.02 18.06
CA GLY A 294 6.39 12.07 19.06
C GLY A 294 5.42 11.00 18.52
N ILE A 295 5.23 10.92 17.20
CA ILE A 295 4.33 9.96 16.54
C ILE A 295 5.12 8.79 15.94
N LYS A 296 4.84 7.55 16.37
CA LYS A 296 5.43 6.32 15.81
C LYS A 296 4.79 5.97 14.47
N MET A 297 5.59 5.93 13.40
CA MET A 297 5.10 5.73 12.04
C MET A 297 6.12 4.94 11.20
N CYS A 298 5.91 4.85 9.88
CA CYS A 298 6.79 4.08 9.01
C CYS A 298 6.83 4.61 7.57
N LYS A 299 7.97 4.47 6.91
CA LYS A 299 8.25 4.96 5.54
C LYS A 299 8.97 3.94 4.66
N PRO A 300 8.89 4.03 3.32
CA PRO A 300 9.59 3.10 2.41
C PRO A 300 11.09 2.96 2.70
N CYS A 301 11.61 1.73 2.63
CA CYS A 301 13.02 1.45 2.94
C CYS A 301 13.97 1.88 1.80
N THR A 302 14.20 3.18 1.65
CA THR A 302 15.11 3.75 0.63
C THR A 302 16.57 3.79 1.10
N ASP A 303 16.80 3.81 2.41
CA ASP A 303 18.13 3.78 3.06
C ASP A 303 18.50 2.34 3.50
N ILE A 304 19.67 2.17 4.13
CA ILE A 304 20.07 0.90 4.74
C ILE A 304 19.29 0.72 6.06
N CYS A 305 18.27 -0.15 6.07
CA CYS A 305 17.29 -0.22 7.17
C CYS A 305 17.64 -1.28 8.22
N PRO A 306 17.60 -0.96 9.53
CA PRO A 306 17.61 -1.95 10.60
C PRO A 306 16.43 -2.93 10.57
N LYS A 307 16.69 -4.19 10.96
CA LYS A 307 15.72 -5.29 11.00
C LYS A 307 15.55 -5.84 12.41
N ALA A 308 14.31 -6.12 12.81
CA ALA A 308 13.95 -6.73 14.11
C ALA A 308 13.91 -8.26 13.95
N CYS A 309 14.22 -9.01 15.01
CA CYS A 309 14.23 -10.47 14.99
C CYS A 309 12.90 -11.07 15.48
N ASP A 310 12.58 -12.28 15.03
CA ASP A 310 11.36 -13.01 15.40
C ASP A 310 11.23 -13.23 16.91
N GLY A 311 10.11 -12.84 17.50
CA GLY A 311 9.79 -13.16 18.89
C GLY A 311 9.00 -14.46 19.00
N ILE A 312 8.61 -14.83 20.21
CA ILE A 312 7.84 -16.05 20.46
C ILE A 312 6.38 -15.81 20.04
N GLY A 313 5.87 -16.60 19.09
CA GLY A 313 4.53 -16.40 18.52
C GLY A 313 4.47 -15.47 17.30
N THR A 314 5.59 -15.03 16.74
CA THR A 314 5.64 -14.16 15.54
C THR A 314 6.66 -14.67 14.51
N GLY A 315 6.59 -14.23 13.26
CA GLY A 315 7.58 -14.55 12.23
C GLY A 315 7.74 -16.06 12.01
N SER A 316 8.95 -16.58 12.07
CA SER A 316 9.18 -18.03 11.88
C SER A 316 8.92 -18.84 13.16
N LEU A 317 8.59 -18.19 14.28
CA LEU A 317 8.35 -18.81 15.58
C LEU A 317 6.87 -18.85 15.98
N MET A 318 5.94 -18.89 15.03
CA MET A 318 4.49 -18.91 15.30
C MET A 318 4.06 -20.05 16.22
N SER A 319 4.71 -21.22 16.10
CA SER A 319 4.44 -22.43 16.90
C SER A 319 5.18 -22.49 18.24
N ALA A 320 6.04 -21.52 18.57
CA ALA A 320 6.83 -21.53 19.80
C ALA A 320 6.05 -20.98 21.00
N GLN A 321 6.15 -21.72 22.10
CA GLN A 321 5.66 -21.35 23.43
C GLN A 321 6.72 -20.60 24.25
N THR A 322 8.00 -20.81 23.95
CA THR A 322 9.12 -20.42 24.81
C THR A 322 10.39 -20.29 23.98
N VAL A 323 11.36 -19.53 24.45
CA VAL A 323 12.73 -19.79 24.02
C VAL A 323 13.13 -21.17 24.54
N ASP A 324 13.87 -21.91 23.73
CA ASP A 324 14.34 -23.27 23.96
C ASP A 324 15.75 -23.49 23.36
N SER A 325 16.36 -24.62 23.71
CA SER A 325 17.71 -24.98 23.25
C SER A 325 17.89 -24.98 21.73
N SER A 326 16.82 -25.01 20.93
CA SER A 326 16.88 -25.02 19.47
C SER A 326 16.59 -23.65 18.84
N ASN A 327 15.63 -22.87 19.33
CA ASN A 327 15.33 -21.56 18.74
C ASN A 327 16.13 -20.39 19.36
N ILE A 328 16.88 -20.60 20.44
CA ILE A 328 17.76 -19.57 21.03
C ILE A 328 18.87 -19.11 20.09
N ASP A 329 19.32 -19.97 19.18
CA ASP A 329 20.32 -19.65 18.15
C ASP A 329 19.87 -18.57 17.15
N LYS A 330 18.58 -18.24 17.06
CA LYS A 330 18.08 -17.20 16.13
C LYS A 330 18.24 -15.76 16.67
N PHE A 331 18.68 -15.58 17.92
CA PHE A 331 18.78 -14.26 18.55
C PHE A 331 20.21 -13.67 18.65
N ILE A 332 21.23 -14.28 18.03
CA ILE A 332 22.68 -13.96 18.18
C ILE A 332 23.11 -12.52 17.84
N ASN A 333 22.62 -11.95 16.73
CA ASN A 333 22.98 -10.59 16.29
C ASN A 333 21.83 -9.57 16.46
N CYS A 334 20.85 -9.85 17.32
CA CYS A 334 19.63 -9.06 17.42
C CYS A 334 19.75 -7.87 18.38
N THR A 335 19.28 -6.68 17.98
CA THR A 335 19.11 -5.54 18.89
C THR A 335 17.64 -5.23 19.21
N LYS A 336 16.69 -5.73 18.43
CA LYS A 336 15.25 -5.56 18.64
C LYS A 336 14.52 -6.87 18.35
N ILE A 337 13.56 -7.23 19.20
CA ILE A 337 12.74 -8.43 19.01
C ILE A 337 11.32 -8.01 18.66
N ASN A 338 10.82 -8.50 17.53
CA ASN A 338 9.47 -8.25 17.05
C ASN A 338 8.54 -9.36 17.53
N GLY A 339 7.86 -9.16 18.66
CA GLY A 339 7.06 -10.17 19.34
C GLY A 339 7.42 -10.32 20.81
N ASN A 340 6.94 -11.39 21.44
CA ASN A 340 7.04 -11.60 22.88
C ASN A 340 8.33 -12.34 23.28
N LEU A 341 8.74 -12.21 24.54
CA LEU A 341 9.86 -12.98 25.08
C LEU A 341 9.45 -13.76 26.34
N ILE A 342 9.44 -15.09 26.21
CA ILE A 342 8.94 -16.00 27.22
C ILE A 342 9.96 -17.06 27.58
N PHE A 343 10.04 -17.43 28.86
CA PHE A 343 10.80 -18.58 29.34
C PHE A 343 9.91 -19.47 30.21
N LEU A 344 9.41 -20.55 29.62
CA LEU A 344 8.65 -21.56 30.34
C LEU A 344 9.54 -22.67 30.91
N VAL A 345 8.96 -23.51 31.76
CA VAL A 345 9.65 -24.71 32.30
C VAL A 345 10.22 -25.57 31.17
N THR A 346 9.40 -25.85 30.15
CA THR A 346 9.76 -26.69 28.99
C THR A 346 10.92 -26.15 28.16
N GLY A 347 11.04 -24.83 28.06
CA GLY A 347 12.12 -24.19 27.31
C GLY A 347 13.44 -24.30 28.05
N ILE A 348 13.41 -23.98 29.35
CA ILE A 348 14.60 -23.91 30.20
C ILE A 348 15.09 -25.30 30.58
N HIS A 349 14.24 -26.18 31.14
CA HIS A 349 14.67 -27.54 31.62
C HIS A 349 14.41 -28.60 30.55
N GLY A 350 14.24 -28.19 29.29
CA GLY A 350 13.95 -29.08 28.18
C GLY A 350 12.56 -29.71 28.28
N ASP A 351 12.22 -30.50 27.27
CA ASP A 351 10.92 -31.14 27.16
C ASP A 351 11.12 -32.57 26.67
N PRO A 352 11.18 -33.56 27.56
CA PRO A 352 11.44 -34.95 27.17
C PRO A 352 10.35 -35.54 26.27
N TYR A 353 9.15 -34.96 26.22
CA TYR A 353 8.15 -35.42 25.25
C TYR A 353 8.59 -35.05 23.82
N ASN A 354 9.33 -33.95 23.68
CA ASN A 354 9.81 -33.49 22.39
C ASN A 354 11.33 -33.76 22.26
N ALA A 355 11.95 -33.39 21.14
CA ALA A 355 13.41 -33.54 20.98
C ALA A 355 14.21 -32.36 21.58
N ILE A 356 13.55 -31.41 22.24
CA ILE A 356 14.13 -30.19 22.80
C ILE A 356 14.86 -30.47 24.12
N GLU A 357 16.07 -29.93 24.26
CA GLU A 357 16.90 -30.01 25.46
C GLU A 357 16.83 -28.74 26.32
N ALA A 358 17.42 -28.81 27.51
CA ALA A 358 17.65 -27.65 28.35
C ALA A 358 18.61 -26.64 27.71
N ILE A 359 18.57 -25.38 28.16
CA ILE A 359 19.47 -24.33 27.69
C ILE A 359 20.66 -24.19 28.66
N ASP A 360 21.88 -24.22 28.14
CA ASP A 360 23.11 -23.97 28.91
C ASP A 360 23.16 -22.47 29.27
N PRO A 361 23.30 -22.06 30.54
CA PRO A 361 23.29 -20.65 30.92
C PRO A 361 24.16 -19.74 30.05
N GLU A 362 25.25 -20.26 29.48
CA GLU A 362 26.12 -19.50 28.59
C GLU A 362 25.45 -19.12 27.27
N LYS A 363 24.50 -19.95 26.79
CA LYS A 363 23.71 -19.71 25.56
C LYS A 363 22.79 -18.51 25.71
N LEU A 364 22.39 -18.16 26.93
CA LEU A 364 21.57 -16.97 27.20
C LEU A 364 22.27 -15.68 26.80
N ASN A 365 23.59 -15.67 26.68
CA ASN A 365 24.32 -14.47 26.27
C ASN A 365 23.95 -13.94 24.88
N VAL A 366 23.26 -14.68 24.01
CA VAL A 366 22.80 -14.12 22.72
C VAL A 366 21.85 -12.94 22.90
N PHE A 367 21.21 -12.78 24.06
CA PHE A 367 20.30 -11.65 24.30
C PHE A 367 20.99 -10.40 24.88
N ARG A 368 22.32 -10.44 25.15
CA ARG A 368 23.04 -9.28 25.72
C ARG A 368 23.14 -8.08 24.78
N THR A 369 22.76 -8.22 23.51
CA THR A 369 22.72 -7.11 22.54
C THR A 369 21.33 -6.54 22.29
N VAL A 370 20.27 -7.07 22.92
CA VAL A 370 18.88 -6.62 22.70
C VAL A 370 18.54 -5.40 23.53
N ARG A 371 18.05 -4.33 22.91
CA ARG A 371 17.63 -3.09 23.56
C ARG A 371 16.12 -2.89 23.58
N GLU A 372 15.37 -3.42 22.62
CA GLU A 372 13.90 -3.28 22.58
C GLU A 372 13.15 -4.59 22.34
N ILE A 373 12.12 -4.85 23.14
CA ILE A 373 11.20 -5.99 22.97
C ILE A 373 9.81 -5.44 22.78
N THR A 374 9.18 -5.64 21.63
CA THR A 374 7.87 -5.00 21.33
C THR A 374 6.70 -5.67 22.05
N GLY A 375 6.85 -6.92 22.47
CA GLY A 375 5.86 -7.66 23.24
C GLY A 375 6.17 -7.68 24.74
N PHE A 376 5.59 -8.62 25.46
CA PHE A 376 5.73 -8.72 26.92
C PHE A 376 6.85 -9.69 27.36
N LEU A 377 7.31 -9.56 28.60
CA LEU A 377 8.33 -10.42 29.23
C LEU A 377 7.67 -11.38 30.21
N ASN A 378 7.60 -12.66 29.89
CA ASN A 378 7.02 -13.65 30.77
C ASN A 378 8.12 -14.61 31.24
N ILE A 379 8.51 -14.50 32.50
CA ILE A 379 9.60 -15.27 33.08
C ILE A 379 9.05 -16.15 34.21
N GLN A 380 8.94 -17.45 33.94
CA GLN A 380 8.47 -18.46 34.91
C GLN A 380 9.54 -19.50 35.24
N SER A 381 10.66 -19.51 34.52
CA SER A 381 11.81 -20.37 34.82
C SER A 381 13.10 -19.70 34.38
N TRP A 382 14.19 -19.99 35.08
CA TRP A 382 15.52 -19.42 34.87
C TRP A 382 16.57 -20.37 35.47
N PRO A 383 17.80 -20.44 34.97
CA PRO A 383 18.72 -21.47 35.43
C PRO A 383 19.06 -21.33 36.93
N PRO A 384 19.29 -22.42 37.67
CA PRO A 384 19.36 -22.39 39.14
C PRO A 384 20.39 -21.44 39.74
N ASN A 385 21.48 -21.14 39.02
CA ASN A 385 22.61 -20.34 39.49
C ASN A 385 22.72 -18.97 38.80
N MET A 386 21.67 -18.55 38.09
CA MET A 386 21.64 -17.21 37.50
C MET A 386 20.93 -16.27 38.48
N THR A 387 21.67 -15.77 39.48
CA THR A 387 21.10 -15.03 40.63
C THR A 387 20.63 -13.61 40.30
N ASP A 388 20.97 -13.10 39.12
CA ASP A 388 20.54 -11.80 38.65
C ASP A 388 20.48 -11.79 37.13
N PHE A 389 19.93 -10.73 36.55
CA PHE A 389 19.76 -10.60 35.11
C PHE A 389 20.99 -9.90 34.50
N SER A 390 22.13 -10.60 34.53
CA SER A 390 23.36 -10.20 33.85
C SER A 390 23.14 -10.19 32.33
N VAL A 391 22.22 -11.01 31.83
CA VAL A 391 21.70 -10.94 30.47
C VAL A 391 20.51 -9.98 30.45
N PHE A 392 20.34 -9.13 29.44
CA PHE A 392 19.36 -8.02 29.42
C PHE A 392 19.70 -6.82 30.30
N SER A 393 20.87 -6.73 30.94
CA SER A 393 21.18 -5.55 31.78
C SER A 393 21.18 -4.23 31.01
N ASN A 394 21.46 -4.26 29.71
CA ASN A 394 21.37 -3.12 28.80
C ASN A 394 20.01 -2.97 28.07
N LEU A 395 18.98 -3.72 28.44
CA LEU A 395 17.64 -3.60 27.86
C LEU A 395 17.04 -2.23 28.19
N VAL A 396 16.52 -1.49 27.19
CA VAL A 396 16.09 -0.10 27.35
C VAL A 396 14.60 0.04 27.58
N THR A 397 13.77 -0.62 26.78
CA THR A 397 12.30 -0.50 26.83
C THR A 397 11.62 -1.81 26.50
N ILE A 398 10.42 -2.04 27.05
CA ILE A 398 9.61 -3.23 26.75
C ILE A 398 8.15 -2.91 26.46
N GLY A 399 7.52 -3.77 25.68
CA GLY A 399 6.09 -3.81 25.45
C GLY A 399 5.52 -2.63 24.68
N GLY A 400 4.23 -2.39 24.91
CA GLY A 400 3.48 -1.28 24.33
C GLY A 400 2.37 -1.69 23.37
N ARG A 401 2.59 -2.78 22.62
CA ARG A 401 1.78 -3.23 21.47
C ARG A 401 1.06 -4.56 21.66
N VAL A 402 1.65 -5.44 22.47
CA VAL A 402 1.18 -6.79 22.84
C VAL A 402 1.36 -6.97 24.35
N LEU A 403 0.35 -7.42 25.09
CA LEU A 403 0.40 -7.67 26.54
C LEU A 403 -0.05 -9.10 26.85
N TYR A 404 0.37 -9.64 28.00
CA TYR A 404 -0.07 -10.95 28.52
C TYR A 404 -1.26 -10.72 29.45
N SER A 405 -2.49 -10.99 29.04
CA SER A 405 -3.64 -10.48 29.81
C SER A 405 -3.51 -8.95 29.95
N GLY A 406 -3.39 -8.40 31.17
CA GLY A 406 -3.15 -6.97 31.42
C GLY A 406 -1.68 -6.60 31.71
N LEU A 407 -0.73 -7.53 31.60
CA LEU A 407 0.65 -7.34 32.04
C LEU A 407 1.64 -7.13 30.89
N SER A 408 2.66 -6.32 31.14
CA SER A 408 3.87 -6.21 30.31
C SER A 408 5.09 -6.91 30.93
N LEU A 409 5.16 -7.07 32.25
CA LEU A 409 6.24 -7.79 32.93
C LEU A 409 5.68 -8.75 33.98
N LEU A 410 5.91 -10.05 33.79
CA LEU A 410 5.42 -11.11 34.67
C LEU A 410 6.60 -11.95 35.20
N ILE A 411 6.81 -11.95 36.52
CA ILE A 411 7.86 -12.72 37.20
C ILE A 411 7.24 -13.57 38.31
N LEU A 412 7.24 -14.89 38.15
CA LEU A 412 6.59 -15.83 39.06
C LEU A 412 7.57 -16.84 39.64
N LYS A 413 7.60 -16.98 40.98
CA LYS A 413 8.29 -18.10 41.67
C LYS A 413 9.76 -18.29 41.30
N GLN A 414 10.55 -17.21 41.25
CA GLN A 414 11.98 -17.27 40.95
C GLN A 414 12.82 -17.36 42.24
N GLN A 415 13.17 -18.58 42.64
CA GLN A 415 13.82 -18.89 43.91
C GLN A 415 15.33 -18.62 43.88
N GLY A 416 15.98 -18.71 42.71
CA GLY A 416 17.43 -18.51 42.58
C GLY A 416 17.87 -17.04 42.48
N ILE A 417 16.91 -16.10 42.40
CA ILE A 417 17.18 -14.68 42.20
C ILE A 417 17.30 -13.94 43.53
N THR A 418 18.36 -13.15 43.68
CA THR A 418 18.60 -12.28 44.85
C THR A 418 18.57 -10.79 44.48
N SER A 419 18.86 -10.44 43.23
CA SER A 419 18.81 -9.05 42.74
C SER A 419 18.46 -9.01 41.24
N LEU A 420 17.93 -7.89 40.74
CA LEU A 420 17.53 -7.78 39.33
C LEU A 420 18.66 -7.20 38.47
N GLN A 421 19.29 -6.10 38.90
CA GLN A 421 20.42 -5.46 38.19
C GLN A 421 20.18 -5.08 36.72
N PHE A 422 19.03 -4.47 36.38
CA PHE A 422 18.84 -3.88 35.06
C PHE A 422 19.37 -2.44 35.07
N GLN A 423 20.25 -2.05 34.15
CA GLN A 423 20.92 -0.75 34.19
C GLN A 423 20.29 0.25 33.23
N SER A 424 19.94 -0.23 32.03
CA SER A 424 19.38 0.61 30.97
C SER A 424 17.85 0.63 30.89
N LEU A 425 17.13 -0.22 31.63
CA LEU A 425 15.68 -0.29 31.52
C LEU A 425 14.99 0.90 32.22
N LYS A 426 14.53 1.87 31.44
CA LYS A 426 14.06 3.19 31.90
C LYS A 426 12.55 3.34 31.80
N GLU A 427 11.93 2.68 30.83
CA GLU A 427 10.50 2.87 30.54
C GLU A 427 9.80 1.61 30.06
N ILE A 428 8.52 1.52 30.43
CA ILE A 428 7.55 0.52 30.00
C ILE A 428 6.49 1.26 29.20
N SER A 429 6.29 0.88 27.94
CA SER A 429 5.42 1.62 27.01
C SER A 429 3.93 1.53 27.38
N ALA A 430 3.50 0.40 27.92
CA ALA A 430 2.15 0.14 28.42
C ALA A 430 2.10 -1.19 29.18
N GLY A 431 1.02 -1.40 29.93
CA GLY A 431 0.79 -2.64 30.67
C GLY A 431 1.20 -2.58 32.13
N ASN A 432 0.65 -3.50 32.90
CA ASN A 432 0.87 -3.63 34.34
C ASN A 432 2.03 -4.57 34.67
N ILE A 433 2.38 -4.70 35.95
CA ILE A 433 3.47 -5.56 36.44
C ILE A 433 2.98 -6.51 37.53
N TYR A 434 3.35 -7.79 37.47
CA TYR A 434 2.98 -8.79 38.48
C TYR A 434 4.21 -9.57 38.95
N ILE A 435 4.66 -9.37 40.19
CA ILE A 435 5.88 -9.99 40.74
C ILE A 435 5.55 -10.65 42.07
N THR A 436 5.64 -11.98 42.14
CA THR A 436 5.32 -12.73 43.36
C THR A 436 6.14 -13.99 43.55
N ASP A 437 6.16 -14.47 44.80
CA ASP A 437 6.80 -15.72 45.23
C ASP A 437 8.34 -15.76 45.06
N ASN A 438 9.00 -14.60 44.89
CA ASN A 438 10.45 -14.52 44.79
C ASN A 438 11.08 -14.46 46.19
N SER A 439 11.15 -15.61 46.86
CA SER A 439 11.48 -15.73 48.28
C SER A 439 12.89 -15.25 48.69
N ASN A 440 13.81 -15.08 47.74
CA ASN A 440 15.18 -14.59 47.97
C ASN A 440 15.47 -13.22 47.34
N LEU A 441 14.49 -12.55 46.71
CA LEU A 441 14.71 -11.28 46.02
C LEU A 441 14.67 -10.11 47.01
N CYS A 442 15.75 -9.33 47.13
CA CYS A 442 15.86 -8.29 48.15
C CYS A 442 15.44 -6.85 47.72
N TYR A 443 15.83 -6.37 46.53
CA TYR A 443 15.76 -4.92 46.17
C TYR A 443 14.48 -4.46 45.48
N TYR A 444 13.46 -5.31 45.40
CA TYR A 444 12.16 -5.07 44.78
C TYR A 444 11.33 -3.91 45.39
N HIS A 445 11.53 -3.57 46.66
CA HIS A 445 10.82 -2.48 47.33
C HIS A 445 11.48 -1.11 47.16
N THR A 446 12.67 -1.03 46.57
CA THR A 446 13.43 0.23 46.44
C THR A 446 13.14 0.99 45.15
N ILE A 447 12.17 0.52 44.36
CA ILE A 447 11.80 1.08 43.06
C ILE A 447 10.52 1.94 43.14
N ASN A 448 10.61 3.18 42.63
CA ASN A 448 9.49 4.11 42.47
C ASN A 448 8.81 3.93 41.10
N TRP A 449 7.92 2.94 40.98
CA TRP A 449 7.37 2.45 39.72
C TRP A 449 6.60 3.48 38.89
N THR A 450 6.03 4.54 39.47
CA THR A 450 5.38 5.61 38.68
C THR A 450 6.36 6.41 37.83
N THR A 451 7.66 6.24 38.05
CA THR A 451 8.75 6.77 37.22
C THR A 451 9.01 5.92 35.97
N LEU A 452 8.68 4.62 35.99
CA LEU A 452 8.89 3.68 34.88
C LEU A 452 7.64 3.52 34.00
N PHE A 453 6.45 3.73 34.54
CA PHE A 453 5.20 3.65 33.79
C PHE A 453 5.00 4.83 32.83
N SER A 454 4.39 4.56 31.68
CA SER A 454 4.13 5.57 30.64
C SER A 454 2.89 6.42 30.93
N THR A 455 1.94 5.89 31.70
CA THR A 455 0.70 6.59 32.07
C THR A 455 0.33 6.37 33.52
N ILE A 456 -0.42 7.30 34.11
CA ILE A 456 -0.94 7.20 35.49
C ILE A 456 -1.92 6.04 35.69
N ASN A 457 -2.40 5.40 34.63
CA ASN A 457 -3.33 4.27 34.68
C ASN A 457 -2.66 2.89 34.83
N GLN A 458 -1.33 2.82 34.88
CA GLN A 458 -0.60 1.55 35.06
C GLN A 458 -0.39 1.20 36.55
N ARG A 459 -0.49 -0.08 36.92
CA ARG A 459 -0.33 -0.57 38.29
C ARG A 459 0.58 -1.80 38.39
N ILE A 460 1.10 -2.04 39.58
CA ILE A 460 1.96 -3.17 39.93
C ILE A 460 1.41 -3.92 41.15
N VAL A 461 1.48 -5.25 41.16
CA VAL A 461 1.17 -6.08 42.32
C VAL A 461 2.38 -6.89 42.78
N ILE A 462 2.74 -6.68 44.05
CA ILE A 462 3.87 -7.30 44.74
C ILE A 462 3.34 -8.01 45.98
N ARG A 463 3.64 -9.32 46.12
CA ARG A 463 3.31 -10.11 47.31
C ARG A 463 4.15 -11.39 47.36
N ASP A 464 4.32 -11.97 48.54
CA ASP A 464 4.97 -13.26 48.78
C ASP A 464 6.45 -13.37 48.40
N ASN A 465 7.17 -12.26 48.23
CA ASN A 465 8.60 -12.25 47.94
C ASN A 465 9.41 -12.19 49.26
N ARG A 466 10.75 -12.19 49.22
CA ARG A 466 11.56 -12.03 50.46
C ARG A 466 11.12 -10.78 51.25
N LYS A 467 10.93 -10.88 52.56
CA LYS A 467 10.55 -9.73 53.41
C LYS A 467 11.61 -8.60 53.38
N ALA A 468 11.15 -7.40 53.03
CA ALA A 468 12.00 -6.22 52.85
C ALA A 468 12.71 -5.81 54.15
N GLU A 469 12.02 -5.84 55.29
CA GLU A 469 12.61 -5.49 56.58
C GLU A 469 13.64 -6.52 57.02
N ASN A 470 13.38 -7.80 56.77
CA ASN A 470 14.29 -8.90 57.07
C ASN A 470 15.61 -8.77 56.29
N CYS A 471 15.53 -8.57 54.98
CA CYS A 471 16.71 -8.40 54.14
C CYS A 471 17.49 -7.11 54.46
N THR A 472 16.82 -5.97 54.60
CA THR A 472 17.46 -4.68 54.95
C THR A 472 18.25 -4.77 56.26
N ALA A 473 17.68 -5.41 57.29
CA ALA A 473 18.29 -5.53 58.60
C ALA A 473 19.52 -6.46 58.60
N GLU A 474 19.40 -7.67 58.04
CA GLU A 474 20.46 -8.68 58.07
C GLU A 474 20.84 -9.26 56.70
N GLY A 475 20.43 -8.62 55.60
CA GLY A 475 20.73 -9.07 54.24
C GLY A 475 21.48 -8.00 53.46
N MET A 476 20.91 -7.55 52.33
CA MET A 476 21.53 -6.56 51.45
C MET A 476 20.81 -5.21 51.53
N VAL A 477 21.57 -4.13 51.42
CA VAL A 477 21.06 -2.73 51.44
C VAL A 477 21.54 -1.90 50.24
N CYS A 478 20.84 -0.79 50.02
CA CYS A 478 21.10 0.21 48.98
C CYS A 478 22.39 1.03 49.16
N ASN A 479 23.11 1.30 48.06
CA ASN A 479 24.36 2.07 48.03
C ASN A 479 24.17 3.51 48.56
N HIS A 480 25.10 4.01 49.37
CA HIS A 480 25.04 5.38 49.93
C HIS A 480 24.86 6.50 48.90
N LEU A 481 25.31 6.32 47.66
CA LEU A 481 25.26 7.37 46.62
C LEU A 481 23.98 7.27 45.78
N CYS A 482 23.21 6.19 45.90
CA CYS A 482 21.99 6.00 45.12
C CYS A 482 20.79 6.72 45.76
N SER A 483 19.90 7.31 44.95
CA SER A 483 18.67 7.97 45.47
C SER A 483 17.60 6.97 45.91
N SER A 484 16.53 7.47 46.55
CA SER A 484 15.36 6.69 46.96
C SER A 484 14.56 6.09 45.78
N ASP A 485 14.84 6.49 44.53
CA ASP A 485 14.12 6.02 43.35
C ASP A 485 15.04 5.21 42.43
N GLY A 486 14.90 3.89 42.47
CA GLY A 486 15.59 2.99 41.54
C GLY A 486 16.89 2.39 42.04
N CYS A 487 16.90 1.83 43.25
CA CYS A 487 18.07 1.13 43.79
C CYS A 487 17.99 -0.41 43.62
N TRP A 488 18.28 -0.90 42.41
CA TRP A 488 18.03 -2.30 42.00
C TRP A 488 19.01 -3.37 42.50
N GLY A 489 20.17 -3.00 43.03
CA GLY A 489 21.16 -3.97 43.52
C GLY A 489 22.40 -3.35 44.18
N PRO A 490 23.31 -4.18 44.70
CA PRO A 490 24.54 -3.73 45.35
C PRO A 490 25.45 -2.96 44.40
N GLY A 491 26.13 -1.92 44.91
CA GLY A 491 27.13 -1.15 44.14
C GLY A 491 26.58 0.10 43.46
N PRO A 492 27.44 1.10 43.18
CA PRO A 492 27.02 2.35 42.53
C PRO A 492 26.53 2.15 41.08
N ASP A 493 26.86 1.04 40.43
CA ASP A 493 26.47 0.78 39.04
C ASP A 493 25.10 0.09 38.86
N GLN A 494 24.38 -0.21 39.94
CA GLN A 494 23.05 -0.82 39.85
C GLN A 494 21.92 0.18 40.15
N CYS A 495 22.25 1.46 40.29
CA CYS A 495 21.27 2.49 40.61
C CYS A 495 20.81 3.21 39.35
N LEU A 496 19.50 3.42 39.19
CA LEU A 496 18.95 4.11 38.03
C LEU A 496 19.02 5.65 38.14
N SER A 497 18.99 6.18 39.36
CA SER A 497 19.06 7.62 39.62
C SER A 497 19.90 7.90 40.86
N CYS A 498 21.06 8.52 40.67
CA CYS A 498 22.00 8.84 41.75
C CYS A 498 21.98 10.32 42.16
N ARG A 499 22.43 10.61 43.39
CA ARG A 499 22.72 11.98 43.85
C ARG A 499 24.16 12.33 43.43
N ARG A 500 24.52 13.61 43.47
CA ARG A 500 25.84 14.12 43.04
C ARG A 500 26.11 13.83 41.56
N PHE A 501 27.13 13.04 41.20
CA PHE A 501 27.49 12.83 39.79
C PHE A 501 27.53 11.37 39.34
N SER A 502 27.46 11.17 38.03
CA SER A 502 27.64 9.89 37.37
C SER A 502 28.39 10.04 36.04
N ARG A 503 28.99 8.94 35.58
CA ARG A 503 29.71 8.81 34.30
C ARG A 503 29.22 7.56 33.58
N GLY A 504 28.26 7.73 32.69
CA GLY A 504 27.56 6.60 32.07
C GLY A 504 26.78 5.80 33.11
N ARG A 505 27.08 4.50 33.23
CA ARG A 505 26.41 3.59 34.19
C ARG A 505 26.95 3.67 35.61
N ILE A 506 28.07 4.38 35.82
CA ILE A 506 28.79 4.45 37.11
C ILE A 506 28.47 5.75 37.86
N CYS A 507 28.01 5.64 39.11
CA CYS A 507 27.76 6.80 40.00
C CYS A 507 28.98 7.14 40.86
N ILE A 508 29.33 8.43 40.96
CA ILE A 508 30.52 8.92 41.66
C ILE A 508 30.20 10.12 42.57
N GLU A 509 30.97 10.29 43.64
CA GLU A 509 30.78 11.44 44.55
C GLU A 509 31.30 12.77 43.99
N SER A 510 32.41 12.74 43.25
CA SER A 510 33.05 13.92 42.65
C SER A 510 33.76 13.58 41.35
N CYS A 511 33.95 14.57 40.47
CA CYS A 511 34.53 14.39 39.14
C CYS A 511 36.00 14.85 39.06
N ASN A 512 36.73 14.36 38.05
CA ASN A 512 38.14 14.65 37.84
C ASN A 512 38.35 16.00 37.13
N LEU A 513 37.99 17.13 37.75
CA LEU A 513 38.12 18.45 37.14
C LEU A 513 39.49 19.09 37.42
N TYR A 514 40.06 18.84 38.61
CA TYR A 514 41.29 19.45 39.11
C TYR A 514 42.35 18.44 39.57
N ASP A 515 42.08 17.14 39.44
CA ASP A 515 42.96 16.05 39.87
C ASP A 515 42.72 14.79 39.02
N GLY A 516 43.67 13.85 39.05
CA GLY A 516 43.64 12.59 38.30
C GLY A 516 44.53 12.61 37.05
N GLU A 517 44.83 11.42 36.52
CA GLU A 517 45.66 11.27 35.30
C GLU A 517 44.78 11.59 34.09
N PHE A 518 43.49 11.87 34.30
CA PHE A 518 42.56 12.29 33.22
C PHE A 518 41.73 13.44 33.79
N ARG A 519 41.33 14.42 32.97
CA ARG A 519 40.49 15.52 33.46
C ARG A 519 39.18 15.70 32.70
N GLU A 520 38.17 16.18 33.42
CA GLU A 520 36.78 16.28 33.00
C GLU A 520 36.23 17.68 33.17
N PHE A 521 35.14 17.96 32.46
CA PHE A 521 34.26 19.11 32.70
C PHE A 521 32.88 18.61 33.16
N GLU A 522 32.06 19.42 33.84
CA GLU A 522 30.78 18.90 34.38
C GLU A 522 29.55 19.79 34.14
N ASN A 523 28.40 19.13 34.15
CA ASN A 523 27.07 19.72 34.21
C ASN A 523 26.43 19.36 35.57
N GLY A 524 25.11 19.51 35.71
CA GLY A 524 24.38 19.27 36.98
C GLY A 524 24.62 17.90 37.64
N SER A 525 24.73 16.81 36.87
CA SER A 525 25.01 15.45 37.40
C SER A 525 25.92 14.59 36.50
N ILE A 526 26.32 15.04 35.32
CA ILE A 526 27.11 14.25 34.36
C ILE A 526 28.46 14.92 34.11
N CYS A 527 29.53 14.13 34.10
CA CYS A 527 30.90 14.59 33.83
C CYS A 527 31.52 13.84 32.64
N VAL A 528 32.28 14.55 31.81
CA VAL A 528 32.93 14.00 30.61
C VAL A 528 34.35 14.54 30.46
N GLU A 529 35.25 13.72 29.95
CA GLU A 529 36.67 14.03 29.72
C GLU A 529 36.95 15.13 28.67
N CYS A 530 38.00 15.90 28.91
CA CYS A 530 38.48 16.98 28.03
C CYS A 530 39.69 16.52 27.20
N ASP A 531 40.03 17.24 26.12
CA ASP A 531 41.13 16.90 25.21
C ASP A 531 42.51 16.85 25.91
N PRO A 532 43.17 15.68 25.99
CA PRO A 532 44.39 15.49 26.77
C PRO A 532 45.62 16.23 26.22
N GLN A 533 45.57 16.82 25.01
CA GLN A 533 46.72 17.49 24.42
C GLN A 533 47.12 18.80 25.15
N CYS A 534 46.21 19.34 25.97
CA CYS A 534 46.42 20.54 26.78
C CYS A 534 46.94 20.22 28.19
N GLU A 535 47.24 21.26 28.98
CA GLU A 535 47.90 21.15 30.28
C GLU A 535 46.92 20.84 31.42
N LYS A 536 47.41 20.13 32.45
CA LYS A 536 46.66 19.80 33.67
C LYS A 536 46.88 20.83 34.78
N MET A 537 45.78 21.36 35.32
CA MET A 537 45.84 22.35 36.41
C MET A 537 45.95 21.70 37.80
N GLU A 538 46.70 22.34 38.69
CA GLU A 538 46.94 21.92 40.07
C GLU A 538 46.23 22.86 41.09
N ASP A 539 46.37 22.58 42.39
CA ASP A 539 45.83 23.39 43.51
C ASP A 539 44.31 23.63 43.48
N GLY A 540 43.52 22.64 43.06
CA GLY A 540 42.05 22.73 43.03
C GLY A 540 41.48 23.50 41.82
N LEU A 541 42.32 23.97 40.90
CA LEU A 541 41.89 24.76 39.74
C LEU A 541 41.35 23.90 38.59
N LEU A 542 40.31 24.37 37.90
CA LEU A 542 39.69 23.67 36.78
C LEU A 542 40.67 23.53 35.59
N THR A 543 40.78 22.33 35.02
CA THR A 543 41.62 22.09 33.83
C THR A 543 40.92 22.45 32.50
N CYS A 544 39.59 22.30 32.39
CA CYS A 544 38.86 22.56 31.14
C CYS A 544 37.41 22.99 31.37
N HIS A 545 36.85 23.84 30.49
CA HIS A 545 35.45 24.29 30.50
C HIS A 545 34.49 23.44 29.61
N GLY A 546 35.01 22.48 28.85
CA GLY A 546 34.24 21.71 27.88
C GLY A 546 35.11 20.74 27.07
N PRO A 547 34.50 19.95 26.18
CA PRO A 547 35.13 18.83 25.47
C PRO A 547 36.04 19.25 24.29
N GLY A 548 37.14 19.97 24.54
CA GLY A 548 38.06 20.35 23.47
C GLY A 548 39.25 21.23 23.84
N PRO A 549 40.24 21.35 22.95
CA PRO A 549 41.42 22.18 23.15
C PRO A 549 41.10 23.69 23.25
N ASP A 550 39.91 24.12 22.81
CA ASP A 550 39.41 25.49 22.92
C ASP A 550 38.88 25.82 24.32
N ASN A 551 38.57 24.78 25.10
CA ASN A 551 38.02 24.94 26.48
C ASN A 551 39.15 24.81 27.50
N CYS A 552 40.20 24.05 27.20
CA CYS A 552 41.28 23.83 28.15
C CYS A 552 41.75 25.16 28.74
N THR A 553 41.86 25.23 30.07
CA THR A 553 42.17 26.46 30.81
C THR A 553 43.65 26.84 30.77
N LYS A 554 44.53 25.90 30.41
CA LYS A 554 45.98 26.07 30.25
C LYS A 554 46.48 25.13 29.16
N CYS A 555 47.47 25.56 28.37
CA CYS A 555 48.08 24.76 27.31
C CYS A 555 49.62 24.73 27.49
N SER A 556 50.20 23.53 27.50
CA SER A 556 51.64 23.29 27.62
C SER A 556 52.40 23.49 26.30
N HIS A 557 51.63 23.64 25.21
CA HIS A 557 52.22 23.80 23.87
C HIS A 557 51.68 25.07 23.22
N PHE A 558 52.13 25.36 22.00
CA PHE A 558 51.56 26.43 21.18
C PHE A 558 50.06 26.21 20.87
N LYS A 559 49.39 27.29 20.45
CA LYS A 559 48.01 27.32 19.99
C LYS A 559 47.90 27.43 18.46
N ASP A 560 46.70 27.27 17.96
CA ASP A 560 46.34 27.54 16.56
C ASP A 560 44.96 28.24 16.56
N GLY A 561 44.94 29.57 16.44
CA GLY A 561 43.73 30.37 16.56
C GLY A 561 43.08 30.26 17.97
N PRO A 562 41.81 29.80 18.09
CA PRO A 562 41.11 29.73 19.36
C PRO A 562 41.48 28.54 20.27
N ASN A 563 42.31 27.57 19.84
CA ASN A 563 42.52 26.32 20.58
C ASN A 563 43.99 25.89 20.76
N CYS A 564 44.25 25.10 21.81
CA CYS A 564 45.54 24.47 22.13
C CYS A 564 45.93 23.38 21.11
N VAL A 565 47.18 23.39 20.60
CA VAL A 565 47.67 22.36 19.66
C VAL A 565 49.02 21.80 20.10
N GLU A 566 49.14 20.46 20.22
CA GLU A 566 50.42 19.81 20.51
C GLU A 566 51.35 19.71 19.28
N LYS A 567 50.81 19.38 18.09
CA LYS A 567 51.56 19.30 16.82
C LYS A 567 50.87 20.13 15.73
N CYS A 568 51.62 21.02 15.07
CA CYS A 568 51.07 21.94 14.07
C CYS A 568 50.94 21.24 12.68
N PRO A 569 49.80 21.36 11.98
CA PRO A 569 49.57 20.72 10.68
C PRO A 569 50.39 21.34 9.52
N ASP A 570 51.72 21.31 9.64
CA ASP A 570 52.62 21.84 8.62
C ASP A 570 52.76 20.89 7.41
N GLY A 571 53.18 21.40 6.26
CA GLY A 571 53.35 20.63 5.02
C GLY A 571 52.05 20.38 4.23
N LEU A 572 50.97 21.10 4.54
CA LEU A 572 49.66 20.98 3.91
C LEU A 572 49.76 21.15 2.38
N ILE A 579 51.72 23.82 0.38
CA ILE A 579 51.41 24.75 1.47
C ILE A 579 52.12 24.30 2.77
N PHE A 580 52.79 25.24 3.45
CA PHE A 580 53.44 25.01 4.74
C PHE A 580 52.97 26.06 5.76
N LYS A 581 52.94 25.67 7.04
CA LYS A 581 52.46 26.47 8.17
C LYS A 581 53.25 26.07 9.43
N TYR A 582 54.34 26.78 9.69
CA TYR A 582 55.24 26.50 10.81
C TYR A 582 54.62 26.95 12.16
N ALA A 583 55.31 26.72 13.27
CA ALA A 583 54.85 27.15 14.59
C ALA A 583 56.03 27.45 15.52
N ASP A 584 55.84 28.40 16.43
CA ASP A 584 56.78 28.60 17.54
C ASP A 584 56.40 27.65 18.71
N PRO A 585 57.32 27.29 19.62
CA PRO A 585 57.00 26.35 20.71
C PRO A 585 56.18 26.96 21.86
N ASP A 586 56.09 28.30 21.94
CA ASP A 586 55.54 29.02 23.10
C ASP A 586 54.14 29.61 22.88
N ARG A 587 53.81 30.08 21.67
CA ARG A 587 52.62 30.92 21.40
C ARG A 587 51.73 30.29 20.35
N GLU A 588 52.12 30.29 19.07
CA GLU A 588 51.17 29.98 18.00
C GLU A 588 51.76 29.47 16.67
N CYS A 589 50.94 28.75 15.91
CA CYS A 589 51.21 28.41 14.52
C CYS A 589 51.08 29.65 13.60
N HIS A 590 51.92 29.72 12.55
CA HIS A 590 51.91 30.86 11.58
C HIS A 590 52.11 30.34 10.14
N PRO A 591 51.48 30.94 9.10
CA PRO A 591 51.74 30.61 7.69
C PRO A 591 53.19 30.85 7.27
N CYS A 592 53.70 30.01 6.37
CA CYS A 592 55.05 30.14 5.79
C CYS A 592 55.10 31.08 4.56
N HIS A 593 56.31 31.56 4.25
CA HIS A 593 56.57 32.38 3.04
C HIS A 593 56.12 31.62 1.79
N PRO A 594 55.50 32.29 0.79
CA PRO A 594 55.00 31.61 -0.41
C PRO A 594 55.98 30.68 -1.14
N ASN A 595 57.30 30.92 -1.04
CA ASN A 595 58.32 30.10 -1.72
C ASN A 595 58.71 28.83 -0.95
N CYS A 596 58.16 28.59 0.25
CA CYS A 596 58.52 27.44 1.08
C CYS A 596 57.77 26.17 0.65
N THR A 597 58.25 25.51 -0.40
CA THR A 597 57.60 24.32 -1.02
C THR A 597 58.25 23.01 -0.60
N GLN A 598 59.50 23.06 -0.10
CA GLN A 598 60.29 21.91 0.34
C GLN A 598 60.94 22.21 1.70
N GLY A 599 60.11 22.45 2.72
CA GLY A 599 60.54 22.85 4.06
C GLY A 599 60.43 24.34 4.36
N CYS A 600 60.25 24.66 5.64
CA CYS A 600 60.03 26.01 6.16
C CYS A 600 60.64 26.18 7.57
N ASN A 601 61.32 27.31 7.80
CA ASN A 601 61.84 27.74 9.10
C ASN A 601 61.16 29.00 9.67
N GLY A 602 60.21 29.60 8.94
CA GLY A 602 59.60 30.88 9.31
C GLY A 602 58.82 31.56 8.16
N PRO A 603 58.35 32.80 8.35
CA PRO A 603 57.41 33.47 7.45
C PRO A 603 58.05 34.24 6.29
N THR A 604 59.39 34.36 6.21
CA THR A 604 60.06 35.26 5.27
C THR A 604 60.95 34.51 4.26
N SER A 605 61.55 35.24 3.31
CA SER A 605 62.19 34.68 2.11
C SER A 605 63.39 33.76 2.38
N HIS A 606 64.16 34.01 3.44
CA HIS A 606 65.32 33.17 3.79
C HIS A 606 64.96 31.93 4.64
N ASP A 607 63.69 31.73 4.97
CA ASP A 607 63.20 30.60 5.76
C ASP A 607 62.80 29.37 4.92
N CYS A 608 62.91 29.44 3.58
CA CYS A 608 62.45 28.37 2.70
C CYS A 608 63.57 27.39 2.34
N ILE A 609 63.28 26.10 2.33
CA ILE A 609 64.24 25.02 1.98
C ILE A 609 63.81 24.31 0.70
N GLN B 1 -13.38 -3.70 -27.46
CA GLN B 1 -12.18 -2.93 -27.07
C GLN B 1 -12.59 -1.67 -26.33
N VAL B 2 -11.63 -0.85 -25.90
CA VAL B 2 -11.91 0.38 -25.12
C VAL B 2 -11.50 1.61 -25.94
N CYS B 3 -12.36 2.62 -26.05
CA CYS B 3 -12.13 3.84 -26.84
C CYS B 3 -12.60 5.09 -26.10
N THR B 4 -12.24 6.28 -26.58
CA THR B 4 -12.57 7.58 -25.93
C THR B 4 -13.31 8.52 -26.88
N GLY B 5 -13.82 9.66 -26.42
CA GLY B 5 -14.49 10.65 -27.26
C GLY B 5 -13.86 12.04 -27.25
N THR B 6 -14.32 12.90 -28.15
CA THR B 6 -13.79 14.26 -28.35
C THR B 6 -14.24 15.34 -27.39
N ASP B 7 -15.40 15.29 -26.75
CA ASP B 7 -15.82 16.37 -25.85
C ASP B 7 -15.71 17.79 -26.48
N MET B 8 -16.16 17.95 -27.73
CA MET B 8 -16.16 19.23 -28.44
C MET B 8 -17.57 19.81 -28.65
N LYS B 9 -18.63 19.29 -28.03
CA LYS B 9 -19.99 19.84 -28.13
C LYS B 9 -20.41 20.01 -29.61
N LEU B 10 -20.79 21.22 -30.02
CA LEU B 10 -21.28 21.52 -31.36
C LEU B 10 -20.26 22.23 -32.27
N ARG B 11 -18.97 22.26 -31.95
CA ARG B 11 -17.95 22.91 -32.79
C ARG B 11 -17.68 22.17 -34.10
N LEU B 12 -17.23 22.91 -35.11
CA LEU B 12 -16.88 22.38 -36.44
C LEU B 12 -15.64 21.49 -36.40
N PRO B 13 -15.57 20.40 -37.19
CA PRO B 13 -14.37 19.59 -37.29
C PRO B 13 -13.14 20.40 -37.71
N ALA B 14 -11.99 20.14 -37.09
CA ALA B 14 -10.75 20.82 -37.43
C ALA B 14 -10.32 20.56 -38.89
N SER B 15 -10.55 19.34 -39.37
CA SER B 15 -10.22 18.87 -40.72
C SER B 15 -11.35 18.00 -41.24
N PRO B 16 -12.44 18.58 -41.80
CA PRO B 16 -13.60 17.84 -42.24
C PRO B 16 -13.28 16.65 -43.15
N GLU B 17 -12.25 16.75 -43.99
CA GLU B 17 -11.87 15.66 -44.91
C GLU B 17 -11.51 14.36 -44.18
N THR B 18 -10.98 14.46 -42.96
CA THR B 18 -10.58 13.32 -42.13
C THR B 18 -11.56 13.03 -41.00
N HIS B 19 -12.69 13.74 -40.92
CA HIS B 19 -13.63 13.59 -39.81
C HIS B 19 -14.18 12.17 -39.71
N LEU B 20 -14.59 11.54 -40.80
CA LEU B 20 -15.04 10.16 -40.77
C LEU B 20 -13.91 9.15 -40.50
N ASP B 21 -12.70 9.36 -41.01
CA ASP B 21 -11.58 8.48 -40.69
C ASP B 21 -11.21 8.54 -39.20
N MET B 22 -11.24 9.73 -38.60
CA MET B 22 -11.01 9.88 -37.17
C MET B 22 -12.02 9.04 -36.39
N LEU B 23 -13.31 9.18 -36.68
CA LEU B 23 -14.35 8.44 -35.98
C LEU B 23 -14.21 6.93 -36.21
N ARG B 24 -13.94 6.48 -37.43
CA ARG B 24 -13.80 5.05 -37.70
C ARG B 24 -12.62 4.46 -36.95
N HIS B 25 -11.46 5.11 -36.92
CA HIS B 25 -10.32 4.57 -36.17
C HIS B 25 -10.57 4.61 -34.66
N LEU B 26 -11.16 5.67 -34.10
CA LEU B 26 -11.34 5.73 -32.65
C LEU B 26 -12.35 4.69 -32.18
N TYR B 27 -13.45 4.47 -32.91
CA TYR B 27 -14.55 3.63 -32.47
C TYR B 27 -14.65 2.23 -33.09
N GLN B 28 -14.13 1.96 -34.29
CA GLN B 28 -14.30 0.64 -34.89
C GLN B 28 -13.75 -0.49 -34.00
N GLY B 29 -14.64 -1.36 -33.53
CA GLY B 29 -14.31 -2.52 -32.71
C GLY B 29 -14.34 -2.33 -31.19
N CYS B 30 -14.64 -1.14 -30.67
CA CYS B 30 -14.70 -0.91 -29.22
C CYS B 30 -16.11 -1.06 -28.64
N GLN B 31 -16.21 -1.55 -27.41
CA GLN B 31 -17.47 -1.78 -26.69
C GLN B 31 -17.81 -0.65 -25.72
N VAL B 32 -16.81 0.00 -25.13
CA VAL B 32 -16.98 1.04 -24.10
C VAL B 32 -16.38 2.35 -24.56
N VAL B 33 -17.15 3.44 -24.51
CA VAL B 33 -16.65 4.78 -24.83
C VAL B 33 -16.44 5.56 -23.55
N GLN B 34 -15.19 5.90 -23.27
CA GLN B 34 -14.82 6.70 -22.10
C GLN B 34 -15.07 8.18 -22.38
N GLY B 35 -15.56 8.96 -21.43
CA GLY B 35 -15.98 10.35 -21.75
C GLY B 35 -17.22 10.43 -22.63
N ASN B 36 -17.46 11.56 -23.28
CA ASN B 36 -18.67 11.82 -24.06
C ASN B 36 -18.67 11.10 -25.41
N LEU B 37 -19.82 10.72 -25.96
CA LEU B 37 -19.90 10.16 -27.31
C LEU B 37 -20.53 11.22 -28.20
N GLU B 38 -19.76 11.80 -29.10
CA GLU B 38 -20.22 12.91 -29.94
C GLU B 38 -20.16 12.55 -31.41
N LEU B 39 -21.32 12.56 -32.08
CA LEU B 39 -21.47 12.23 -33.48
C LEU B 39 -22.11 13.44 -34.16
N THR B 40 -21.30 14.36 -34.66
CA THR B 40 -21.80 15.62 -35.21
C THR B 40 -21.31 15.89 -36.62
N TYR B 41 -22.06 16.68 -37.37
CA TYR B 41 -21.76 17.11 -38.75
C TYR B 41 -21.46 15.99 -39.75
N LEU B 42 -22.15 14.85 -39.67
CA LEU B 42 -21.91 13.72 -40.58
C LEU B 42 -22.56 14.00 -41.96
N PRO B 43 -21.87 13.74 -43.08
CA PRO B 43 -22.41 13.95 -44.42
C PRO B 43 -23.43 12.88 -44.80
N THR B 44 -24.22 13.16 -45.84
CA THR B 44 -25.19 12.23 -46.42
C THR B 44 -24.53 10.91 -46.83
N ASN B 45 -25.14 9.78 -46.46
CA ASN B 45 -24.63 8.42 -46.70
C ASN B 45 -23.31 8.06 -45.99
N ALA B 46 -22.94 8.68 -44.86
CA ALA B 46 -21.72 8.31 -44.14
C ALA B 46 -21.76 6.82 -43.73
N SER B 47 -20.66 6.09 -43.91
CA SER B 47 -20.57 4.66 -43.54
C SER B 47 -20.34 4.49 -42.03
N LEU B 48 -21.42 4.46 -41.25
CA LEU B 48 -21.41 4.45 -39.78
C LEU B 48 -21.45 3.05 -39.15
N SER B 49 -21.38 1.97 -39.92
CA SER B 49 -21.50 0.60 -39.39
C SER B 49 -20.49 0.24 -38.31
N PHE B 50 -19.32 0.89 -38.27
CA PHE B 50 -18.31 0.67 -37.24
C PHE B 50 -18.78 1.07 -35.82
N LEU B 51 -19.85 1.85 -35.68
CA LEU B 51 -20.42 2.27 -34.40
C LEU B 51 -21.33 1.22 -33.76
N GLN B 52 -21.71 0.17 -34.49
CA GLN B 52 -22.65 -0.85 -34.00
C GLN B 52 -22.20 -1.61 -32.74
N ASP B 53 -20.90 -1.57 -32.42
CA ASP B 53 -20.27 -2.26 -31.29
C ASP B 53 -20.39 -1.51 -29.95
N ILE B 54 -20.83 -0.24 -29.91
CA ILE B 54 -20.85 0.55 -28.67
C ILE B 54 -22.00 0.08 -27.77
N GLN B 55 -21.66 -0.32 -26.55
CA GLN B 55 -22.60 -0.80 -25.57
C GLN B 55 -22.85 0.20 -24.46
N GLU B 56 -21.82 0.96 -24.10
CA GLU B 56 -21.80 1.81 -22.92
C GLU B 56 -21.03 3.10 -23.16
N VAL B 57 -21.60 4.22 -22.73
CA VAL B 57 -21.01 5.55 -22.89
C VAL B 57 -20.86 6.15 -21.50
N GLN B 58 -19.68 6.62 -21.13
CA GLN B 58 -19.48 7.21 -19.81
C GLN B 58 -20.00 8.64 -19.70
N GLY B 59 -19.81 9.49 -20.70
CA GLY B 59 -20.34 10.86 -20.66
C GLY B 59 -21.70 10.94 -21.33
N TYR B 60 -22.06 12.10 -21.88
CA TYR B 60 -23.31 12.26 -22.60
C TYR B 60 -23.21 11.78 -24.05
N VAL B 61 -24.35 11.52 -24.69
CA VAL B 61 -24.47 11.15 -26.11
C VAL B 61 -25.04 12.32 -26.89
N LEU B 62 -24.30 12.92 -27.81
CA LEU B 62 -24.70 14.09 -28.57
C LEU B 62 -24.76 13.76 -30.05
N ILE B 63 -25.92 13.89 -30.68
CA ILE B 63 -26.09 13.70 -32.12
C ILE B 63 -26.64 15.01 -32.69
N ALA B 64 -25.85 15.73 -33.46
CA ALA B 64 -26.21 17.07 -33.93
C ALA B 64 -25.73 17.43 -35.34
N HIS B 65 -26.54 18.20 -36.07
CA HIS B 65 -26.25 18.70 -37.43
C HIS B 65 -25.88 17.64 -38.47
N ASN B 66 -26.43 16.43 -38.41
CA ASN B 66 -26.08 15.33 -39.33
C ASN B 66 -27.07 15.22 -40.49
N GLN B 67 -26.62 14.85 -41.67
CA GLN B 67 -27.50 14.60 -42.82
C GLN B 67 -27.79 13.10 -43.04
N VAL B 68 -27.38 12.23 -42.12
CA VAL B 68 -27.59 10.78 -42.21
C VAL B 68 -29.01 10.37 -41.77
N ARG B 69 -29.63 9.43 -42.48
CA ARG B 69 -30.99 8.95 -42.21
C ARG B 69 -31.12 8.10 -40.94
N GLN B 70 -30.09 7.33 -40.61
CA GLN B 70 -30.04 6.44 -39.45
C GLN B 70 -28.64 6.41 -38.84
N VAL B 71 -28.52 6.16 -37.54
CA VAL B 71 -27.22 5.97 -36.86
C VAL B 71 -27.27 4.62 -36.13
N PRO B 72 -26.41 3.63 -36.45
CA PRO B 72 -26.52 2.25 -35.94
C PRO B 72 -26.08 2.07 -34.47
N LEU B 73 -26.85 2.60 -33.52
CA LEU B 73 -26.63 2.45 -32.08
C LEU B 73 -27.62 1.48 -31.38
N GLN B 74 -28.21 0.52 -32.09
CA GLN B 74 -29.21 -0.38 -31.50
C GLN B 74 -28.72 -1.20 -30.29
N ARG B 75 -27.42 -1.43 -30.16
CA ARG B 75 -26.78 -2.18 -29.07
C ARG B 75 -26.44 -1.33 -27.84
N LEU B 76 -26.54 0.00 -27.91
CA LEU B 76 -26.22 0.91 -26.80
C LEU B 76 -27.16 0.68 -25.61
N ARG B 77 -26.71 0.09 -24.50
CA ARG B 77 -27.60 -0.26 -23.37
C ARG B 77 -27.69 0.78 -22.27
N ILE B 78 -26.63 1.51 -21.98
CA ILE B 78 -26.54 2.40 -20.82
C ILE B 78 -25.75 3.68 -21.09
N VAL B 79 -26.23 4.81 -20.59
CA VAL B 79 -25.48 6.06 -20.60
C VAL B 79 -25.21 6.49 -19.17
N ARG B 80 -23.95 6.61 -18.73
CA ARG B 80 -23.65 6.99 -17.33
C ARG B 80 -23.84 8.49 -17.07
N GLY B 81 -23.71 9.34 -18.09
CA GLY B 81 -24.02 10.77 -17.97
C GLY B 81 -23.13 11.54 -16.98
N THR B 82 -21.94 11.04 -16.65
CA THR B 82 -21.05 11.69 -15.68
C THR B 82 -20.56 13.08 -16.09
N GLN B 83 -20.70 13.41 -17.38
CA GLN B 83 -20.61 14.76 -17.94
C GLN B 83 -21.91 15.01 -18.70
N LEU B 84 -22.47 16.22 -18.65
CA LEU B 84 -23.76 16.54 -19.24
C LEU B 84 -23.68 17.64 -20.31
N PHE B 85 -24.38 17.47 -21.43
CA PHE B 85 -24.41 18.45 -22.49
C PHE B 85 -25.10 19.73 -22.00
N GLU B 86 -24.45 20.88 -22.09
CA GLU B 86 -24.87 22.15 -21.46
C GLU B 86 -25.13 22.02 -19.95
N ASP B 87 -24.44 21.10 -19.27
CA ASP B 87 -24.56 20.83 -17.83
C ASP B 87 -25.95 20.33 -17.37
N ASN B 88 -26.74 19.87 -18.34
CA ASN B 88 -28.13 19.49 -18.17
C ASN B 88 -28.43 18.08 -18.67
N TYR B 89 -27.97 17.70 -19.87
CA TYR B 89 -28.52 16.55 -20.59
C TYR B 89 -27.55 15.39 -20.78
N ALA B 90 -28.01 14.16 -20.57
CA ALA B 90 -27.26 12.95 -20.89
C ALA B 90 -27.46 12.48 -22.34
N LEU B 91 -28.58 12.83 -23.00
CA LEU B 91 -28.81 12.61 -24.42
C LEU B 91 -29.30 13.90 -25.05
N ALA B 92 -28.77 14.24 -26.21
CA ALA B 92 -29.23 15.39 -26.96
C ALA B 92 -29.27 15.08 -28.47
N VAL B 93 -30.37 15.38 -29.14
CA VAL B 93 -30.52 15.23 -30.60
C VAL B 93 -30.93 16.56 -31.19
N LEU B 94 -30.04 17.24 -31.92
CA LEU B 94 -30.22 18.64 -32.30
C LEU B 94 -29.99 18.88 -33.79
N ASP B 95 -30.94 19.55 -34.42
CA ASP B 95 -30.80 20.12 -35.76
C ASP B 95 -30.37 19.13 -36.87
N ASN B 96 -30.84 17.87 -36.83
CA ASN B 96 -30.51 16.83 -37.80
C ASN B 96 -31.43 16.82 -39.03
N GLY B 97 -31.38 17.88 -39.84
CA GLY B 97 -32.23 18.04 -41.03
C GLY B 97 -31.54 18.68 -42.23
N GLY B 112 -32.56 13.46 -46.06
CA GLY B 112 -32.72 14.87 -45.70
C GLY B 112 -32.56 15.17 -44.21
N GLY B 113 -32.29 14.17 -43.37
CA GLY B 113 -32.09 14.28 -41.92
C GLY B 113 -32.31 12.94 -41.22
N LEU B 114 -32.21 12.89 -39.89
CA LEU B 114 -32.42 11.64 -39.16
C LEU B 114 -33.89 11.20 -39.19
N ARG B 115 -34.17 9.94 -39.56
CA ARG B 115 -35.56 9.46 -39.74
C ARG B 115 -36.15 8.81 -38.48
N GLU B 116 -35.36 7.97 -37.82
CA GLU B 116 -35.71 7.13 -36.67
C GLU B 116 -34.56 7.17 -35.64
N LEU B 117 -34.83 7.07 -34.34
CA LEU B 117 -33.74 6.94 -33.37
C LEU B 117 -33.08 5.54 -33.36
N GLN B 118 -33.87 4.47 -33.44
CA GLN B 118 -33.35 3.08 -33.46
C GLN B 118 -32.45 2.82 -32.24
N LEU B 119 -32.88 3.17 -31.02
CA LEU B 119 -32.12 2.89 -29.78
C LEU B 119 -32.75 1.64 -29.13
N ARG B 120 -32.80 0.54 -29.87
CA ARG B 120 -33.49 -0.68 -29.39
C ARG B 120 -33.17 -1.06 -27.94
N SER B 121 -31.90 -1.17 -27.60
CA SER B 121 -31.49 -1.75 -26.32
C SER B 121 -31.28 -0.74 -25.20
N LEU B 122 -31.45 0.55 -25.46
CA LEU B 122 -31.22 1.59 -24.47
C LEU B 122 -32.17 1.40 -23.27
N THR B 123 -31.63 1.27 -22.06
CA THR B 123 -32.43 0.87 -20.89
C THR B 123 -32.06 1.63 -19.61
N GLU B 124 -31.13 2.58 -19.67
CA GLU B 124 -30.63 3.30 -18.50
C GLU B 124 -30.16 4.70 -18.84
N ILE B 125 -30.72 5.72 -18.19
CA ILE B 125 -30.02 6.98 -17.96
C ILE B 125 -29.87 7.10 -16.45
N LEU B 126 -28.65 7.16 -15.93
CA LEU B 126 -28.45 7.29 -14.49
C LEU B 126 -28.70 8.72 -14.00
N LYS B 127 -28.30 9.72 -14.78
CA LYS B 127 -28.22 11.12 -14.36
C LYS B 127 -28.41 12.04 -15.57
N GLY B 128 -28.92 13.25 -15.35
CA GLY B 128 -29.08 14.27 -16.39
C GLY B 128 -30.27 14.02 -17.32
N GLY B 129 -30.75 15.07 -17.95
CA GLY B 129 -31.99 15.07 -18.73
C GLY B 129 -31.86 14.48 -20.13
N VAL B 130 -32.99 14.13 -20.74
CA VAL B 130 -33.11 14.06 -22.19
C VAL B 130 -33.50 15.42 -22.75
N LEU B 131 -33.08 15.74 -23.96
CA LEU B 131 -33.53 16.92 -24.71
C LEU B 131 -33.64 16.59 -26.19
N ILE B 132 -34.67 17.09 -26.87
CA ILE B 132 -34.81 16.94 -28.33
C ILE B 132 -35.31 18.24 -28.95
N GLN B 133 -34.67 18.73 -30.03
CA GLN B 133 -35.05 19.98 -30.69
C GLN B 133 -34.80 20.01 -32.20
N ARG B 134 -35.73 20.60 -32.95
CA ARG B 134 -35.63 21.07 -34.34
C ARG B 134 -35.14 19.97 -35.29
N ASN B 135 -35.80 18.82 -35.35
CA ASN B 135 -35.45 17.70 -36.24
C ASN B 135 -36.61 17.38 -37.19
N PRO B 136 -36.82 18.12 -38.30
CA PRO B 136 -38.03 18.02 -39.12
C PRO B 136 -38.34 16.65 -39.72
N GLN B 137 -37.35 15.78 -39.89
CA GLN B 137 -37.51 14.45 -40.47
C GLN B 137 -37.51 13.31 -39.43
N LEU B 138 -37.40 13.60 -38.13
CA LEU B 138 -37.29 12.58 -37.10
C LEU B 138 -38.66 12.23 -36.52
N CYS B 139 -39.11 11.00 -36.73
CA CYS B 139 -40.43 10.56 -36.29
C CYS B 139 -40.33 9.81 -34.94
N TYR B 140 -41.42 9.75 -34.16
CA TYR B 140 -41.48 9.04 -32.88
C TYR B 140 -40.63 9.63 -31.76
N GLN B 141 -40.48 10.96 -31.65
CA GLN B 141 -39.86 11.55 -30.44
C GLN B 141 -40.72 11.25 -29.20
N ASP B 142 -42.00 11.52 -29.39
CA ASP B 142 -43.07 11.52 -28.41
C ASP B 142 -43.37 10.12 -27.85
N THR B 143 -42.86 9.06 -28.46
CA THR B 143 -43.42 7.72 -28.21
C THR B 143 -42.84 7.04 -26.97
N ILE B 144 -41.59 7.32 -26.62
CA ILE B 144 -40.87 6.59 -25.60
C ILE B 144 -41.24 7.03 -24.19
N LEU B 145 -41.43 6.07 -23.28
CA LEU B 145 -41.76 6.32 -21.88
C LEU B 145 -40.48 6.53 -21.07
N TRP B 146 -39.95 7.76 -21.10
CA TRP B 146 -38.66 8.11 -20.52
C TRP B 146 -38.51 7.69 -19.06
N LYS B 147 -39.57 7.75 -18.27
CA LYS B 147 -39.51 7.39 -16.85
C LYS B 147 -39.22 5.90 -16.61
N ASP B 148 -39.44 5.01 -17.57
CA ASP B 148 -38.93 3.64 -17.46
C ASP B 148 -37.42 3.54 -17.72
N ILE B 149 -36.88 4.42 -18.57
CA ILE B 149 -35.44 4.49 -18.88
C ILE B 149 -34.66 5.20 -17.77
N PHE B 150 -35.25 6.16 -17.06
CA PHE B 150 -34.58 6.85 -15.95
C PHE B 150 -34.27 5.94 -14.76
N HIS B 151 -33.40 6.42 -13.87
CA HIS B 151 -33.04 5.69 -12.65
C HIS B 151 -33.73 6.27 -11.42
N LYS B 152 -34.32 5.36 -10.64
CA LYS B 152 -35.21 5.61 -9.50
C LYS B 152 -34.64 6.62 -8.51
N ASN B 153 -33.37 6.47 -8.16
CA ASN B 153 -32.75 7.28 -7.12
C ASN B 153 -32.41 8.72 -7.58
N ASN B 154 -32.50 9.01 -8.88
CA ASN B 154 -32.15 10.33 -9.42
C ASN B 154 -33.34 11.01 -10.10
N GLN B 155 -34.08 10.32 -10.98
CA GLN B 155 -35.36 10.79 -11.55
C GLN B 155 -35.27 12.16 -12.28
N LEU B 156 -34.10 12.50 -12.84
CA LEU B 156 -33.79 13.82 -13.42
C LEU B 156 -34.33 14.00 -14.86
N ALA B 157 -35.58 13.64 -15.08
CA ALA B 157 -36.22 13.62 -16.38
C ALA B 157 -36.71 15.00 -16.84
N LEU B 158 -35.79 15.93 -17.12
CA LEU B 158 -36.09 17.26 -17.68
C LEU B 158 -36.93 17.17 -18.97
N THR B 159 -36.58 16.27 -19.89
CA THR B 159 -37.44 15.75 -20.98
C THR B 159 -38.13 16.82 -21.83
N LEU B 160 -37.44 17.87 -22.23
CA LEU B 160 -37.98 18.81 -23.20
C LEU B 160 -38.00 18.19 -24.60
N ILE B 161 -39.10 18.32 -25.36
CA ILE B 161 -39.35 17.65 -26.65
C ILE B 161 -39.89 18.65 -27.68
N ASP B 162 -39.89 18.33 -28.98
CA ASP B 162 -40.28 19.25 -30.06
C ASP B 162 -41.01 18.54 -31.22
N THR B 163 -42.29 18.26 -31.03
CA THR B 163 -43.12 17.49 -31.98
C THR B 163 -43.39 18.18 -33.34
N ASN B 164 -42.82 19.37 -33.60
CA ASN B 164 -43.11 20.17 -34.79
C ASN B 164 -42.30 19.76 -36.03
N ARG B 165 -42.50 18.50 -36.45
CA ARG B 165 -41.87 17.87 -37.61
C ARG B 165 -42.62 18.15 -38.92
N SER B 166 -41.93 18.10 -40.06
CA SER B 166 -42.53 18.28 -41.39
C SER B 166 -43.04 16.98 -42.03
N ARG B 167 -42.53 15.81 -41.62
CA ARG B 167 -43.00 14.50 -42.12
C ARG B 167 -44.24 14.01 -41.36
N ALA B 168 -45.08 13.20 -42.00
CA ALA B 168 -46.21 12.56 -41.36
C ALA B 168 -45.81 11.17 -40.82
N CYS B 169 -46.04 10.92 -39.53
CA CYS B 169 -45.69 9.67 -38.87
C CYS B 169 -46.74 8.57 -39.10
N HIS B 170 -46.29 7.38 -39.47
CA HIS B 170 -47.13 6.18 -39.51
C HIS B 170 -47.23 5.56 -38.11
N PRO B 171 -48.34 4.92 -37.68
CA PRO B 171 -48.40 4.17 -36.43
C PRO B 171 -47.19 3.23 -36.27
N CYS B 172 -46.55 3.20 -35.10
CA CYS B 172 -45.25 2.53 -35.05
C CYS B 172 -45.25 1.00 -35.25
N SER B 173 -46.33 0.30 -34.89
CA SER B 173 -46.38 -1.16 -35.03
C SER B 173 -47.80 -1.71 -34.77
N PRO B 174 -48.27 -2.70 -35.55
CA PRO B 174 -49.55 -3.37 -35.34
C PRO B 174 -49.57 -4.29 -34.11
N MET B 175 -48.41 -4.61 -33.54
CA MET B 175 -48.20 -5.53 -32.41
C MET B 175 -47.49 -4.88 -31.21
N CYS B 176 -47.56 -3.57 -31.07
CA CYS B 176 -47.03 -2.84 -29.92
C CYS B 176 -48.17 -2.26 -29.08
N LYS B 177 -48.53 -2.96 -27.99
CA LYS B 177 -49.75 -2.68 -27.21
C LYS B 177 -49.84 -1.25 -26.65
N GLY B 178 -48.68 -0.64 -26.34
CA GLY B 178 -48.60 0.71 -25.79
C GLY B 178 -48.27 1.81 -26.81
N SER B 179 -48.11 1.49 -28.09
CA SER B 179 -47.67 2.43 -29.14
C SER B 179 -46.40 3.24 -28.79
N ARG B 180 -45.41 2.58 -28.16
CA ARG B 180 -44.12 3.15 -27.74
C ARG B 180 -42.97 2.56 -28.57
N CYS B 181 -42.38 3.25 -29.54
CA CYS B 181 -41.36 2.63 -30.41
C CYS B 181 -40.18 3.55 -30.73
N TRP B 182 -39.08 2.96 -31.17
CA TRP B 182 -37.85 3.58 -31.66
C TRP B 182 -37.78 3.84 -33.17
N GLY B 183 -38.84 3.52 -33.91
CA GLY B 183 -38.84 3.54 -35.37
C GLY B 183 -40.14 2.98 -35.97
N GLU B 184 -40.13 2.73 -37.28
CA GLU B 184 -41.27 2.31 -38.08
C GLU B 184 -41.49 0.79 -38.14
N SER B 185 -40.56 -0.01 -37.59
CA SER B 185 -40.58 -1.47 -37.67
C SER B 185 -41.32 -2.12 -36.50
N SER B 186 -41.87 -3.32 -36.70
CA SER B 186 -42.47 -4.11 -35.62
C SER B 186 -41.47 -4.49 -34.53
N GLU B 187 -40.16 -4.43 -34.81
CA GLU B 187 -39.09 -4.68 -33.84
C GLU B 187 -38.69 -3.42 -33.03
N ASP B 188 -39.23 -2.26 -33.34
CA ASP B 188 -38.85 -1.00 -32.68
C ASP B 188 -39.60 -0.74 -31.36
N CYS B 189 -40.53 -1.60 -30.96
CA CYS B 189 -41.36 -1.39 -29.76
C CYS B 189 -40.53 -1.37 -28.47
N GLN B 190 -40.69 -0.36 -27.60
CA GLN B 190 -39.92 -0.22 -26.35
C GLN B 190 -40.27 -1.37 -25.38
N SER B 191 -39.26 -2.04 -24.83
CA SER B 191 -39.48 -3.00 -23.75
C SER B 191 -39.29 -2.30 -22.40
N LEU B 192 -40.28 -2.39 -21.52
CA LEU B 192 -40.24 -1.73 -20.21
C LEU B 192 -39.67 -2.64 -19.12
N THR B 193 -38.92 -2.03 -18.23
CA THR B 193 -38.01 -2.68 -17.30
C THR B 193 -38.09 -2.16 -15.88
N ARG B 194 -38.94 -1.15 -15.63
CA ARG B 194 -39.10 -0.53 -14.29
C ARG B 194 -40.56 -0.41 -13.91
N THR B 195 -41.34 0.28 -14.73
CA THR B 195 -42.71 0.70 -14.38
C THR B 195 -43.76 -0.41 -14.47
N VAL B 196 -43.42 -1.60 -14.97
CA VAL B 196 -44.38 -2.71 -15.14
C VAL B 196 -44.35 -3.83 -14.08
N CYS B 197 -43.43 -3.81 -13.12
CA CYS B 197 -43.19 -4.92 -12.18
C CYS B 197 -43.81 -4.74 -10.79
N ALA B 198 -44.26 -5.85 -10.18
CA ALA B 198 -44.84 -5.87 -8.84
C ALA B 198 -43.89 -5.42 -7.71
N GLY B 199 -42.59 -5.68 -7.81
CA GLY B 199 -41.61 -5.37 -6.77
C GLY B 199 -41.13 -3.91 -6.77
N GLY B 200 -40.27 -3.56 -5.81
CA GLY B 200 -39.70 -2.20 -5.66
C GLY B 200 -38.33 -2.00 -6.32
N CYS B 201 -37.86 -2.98 -7.08
CA CYS B 201 -36.55 -3.03 -7.74
C CYS B 201 -36.38 -2.00 -8.87
N ALA B 202 -35.19 -1.39 -8.98
CA ALA B 202 -34.94 -0.39 -10.03
C ALA B 202 -35.01 -0.98 -11.45
N ARG B 203 -34.67 -2.25 -11.63
CA ARG B 203 -34.85 -2.97 -12.89
C ARG B 203 -35.27 -4.41 -12.66
N CYS B 204 -36.04 -4.93 -13.60
CA CYS B 204 -36.57 -6.28 -13.54
C CYS B 204 -36.79 -6.85 -14.96
N LYS B 205 -36.88 -8.18 -15.11
CA LYS B 205 -37.06 -8.83 -16.42
C LYS B 205 -38.49 -9.23 -16.79
N GLY B 206 -39.47 -8.90 -15.95
CA GLY B 206 -40.87 -9.29 -16.14
C GLY B 206 -41.78 -8.81 -15.01
N PRO B 207 -43.11 -8.82 -15.19
CA PRO B 207 -44.03 -8.17 -14.26
C PRO B 207 -44.11 -8.82 -12.87
N LEU B 208 -43.61 -10.06 -12.74
CA LEU B 208 -43.74 -10.89 -11.55
C LEU B 208 -42.82 -10.46 -10.39
N PRO B 209 -43.19 -10.71 -9.12
CA PRO B 209 -42.30 -10.47 -7.98
C PRO B 209 -41.01 -11.29 -8.03
N THR B 210 -40.94 -12.37 -8.82
CA THR B 210 -39.71 -13.19 -8.99
C THR B 210 -38.83 -12.72 -10.15
N ASP B 211 -39.25 -11.70 -10.89
CA ASP B 211 -38.52 -11.15 -12.05
C ASP B 211 -37.55 -10.01 -11.68
N CYS B 212 -37.49 -9.61 -10.41
CA CYS B 212 -36.43 -8.69 -9.99
C CYS B 212 -35.07 -9.37 -10.18
N CYS B 213 -34.06 -8.69 -10.75
CA CYS B 213 -32.78 -9.36 -10.97
C CYS B 213 -31.62 -9.15 -9.97
N HIS B 214 -31.33 -7.92 -9.53
CA HIS B 214 -30.26 -7.68 -8.50
C HIS B 214 -30.11 -6.21 -8.06
N GLU B 215 -29.47 -5.93 -6.93
CA GLU B 215 -29.19 -4.56 -6.51
C GLU B 215 -28.23 -3.84 -7.47
N GLN B 216 -27.10 -4.48 -7.82
CA GLN B 216 -26.05 -3.85 -8.61
C GLN B 216 -26.31 -3.85 -10.12
N CYS B 217 -27.16 -4.75 -10.62
CA CYS B 217 -27.46 -4.75 -12.03
C CYS B 217 -28.22 -3.50 -12.45
N ALA B 218 -28.05 -3.14 -13.71
CA ALA B 218 -28.70 -2.07 -14.44
C ALA B 218 -29.10 -2.59 -15.83
N ALA B 219 -30.00 -1.88 -16.50
CA ALA B 219 -30.50 -2.22 -17.84
C ALA B 219 -31.27 -3.55 -17.93
N GLY B 220 -31.69 -4.13 -16.81
CA GLY B 220 -32.26 -5.48 -16.80
C GLY B 220 -31.18 -6.55 -16.83
N CYS B 221 -31.60 -7.79 -17.04
CA CYS B 221 -30.80 -8.97 -16.75
C CYS B 221 -31.21 -10.23 -17.50
N THR B 222 -30.33 -11.24 -17.50
CA THR B 222 -30.58 -12.60 -18.03
C THR B 222 -30.84 -13.65 -16.94
N GLY B 223 -30.89 -13.24 -15.67
CA GLY B 223 -31.07 -14.09 -14.49
C GLY B 223 -31.02 -13.28 -13.18
N PRO B 224 -31.19 -13.90 -12.01
CA PRO B 224 -31.28 -13.19 -10.72
C PRO B 224 -29.94 -12.88 -10.02
N LYS B 225 -28.77 -13.15 -10.62
CA LYS B 225 -27.46 -13.01 -9.96
C LYS B 225 -26.70 -11.77 -10.43
N HIS B 226 -25.71 -11.30 -9.67
CA HIS B 226 -24.82 -10.21 -10.10
C HIS B 226 -23.94 -10.58 -11.31
N SER B 227 -23.89 -11.85 -11.69
CA SER B 227 -23.28 -12.33 -12.93
C SER B 227 -24.19 -12.16 -14.15
N ASP B 228 -25.48 -11.93 -13.96
CA ASP B 228 -26.46 -11.82 -15.06
C ASP B 228 -26.71 -10.37 -15.55
N CYS B 229 -25.97 -9.36 -15.11
CA CYS B 229 -26.39 -7.98 -15.40
C CYS B 229 -26.20 -7.61 -16.88
N LEU B 230 -27.17 -6.92 -17.50
CA LEU B 230 -26.98 -6.37 -18.86
C LEU B 230 -26.15 -5.08 -18.88
N ALA B 231 -26.17 -4.31 -17.80
CA ALA B 231 -25.23 -3.24 -17.49
C ALA B 231 -24.99 -3.26 -15.97
N CYS B 232 -23.96 -2.60 -15.45
CA CYS B 232 -23.53 -2.82 -14.08
C CYS B 232 -23.19 -1.52 -13.33
N LEU B 233 -23.81 -1.28 -12.16
CA LEU B 233 -23.43 -0.20 -11.23
C LEU B 233 -22.04 -0.46 -10.64
N HIS B 234 -21.43 0.56 -10.03
CA HIS B 234 -20.08 0.45 -9.46
C HIS B 234 -19.07 -0.02 -10.52
N PHE B 235 -18.48 -1.22 -10.41
CA PHE B 235 -17.50 -1.73 -11.38
C PHE B 235 -17.81 -3.15 -11.86
N ASN B 236 -17.63 -3.41 -13.16
CA ASN B 236 -17.53 -4.79 -13.65
C ASN B 236 -16.20 -5.38 -13.19
N HIS B 237 -16.24 -6.49 -12.47
CA HIS B 237 -15.06 -7.35 -12.31
C HIS B 237 -15.27 -8.65 -13.09
N SER B 238 -14.52 -8.85 -14.16
CA SER B 238 -14.37 -10.15 -14.84
C SER B 238 -15.68 -10.84 -15.24
N GLY B 239 -16.75 -10.08 -15.52
CA GLY B 239 -18.05 -10.64 -15.85
C GLY B 239 -19.03 -10.78 -14.68
N ILE B 240 -18.67 -10.30 -13.48
CA ILE B 240 -19.58 -10.15 -12.34
C ILE B 240 -19.62 -8.70 -11.86
N CYS B 241 -20.78 -8.26 -11.39
CA CYS B 241 -21.01 -6.85 -11.11
C CYS B 241 -20.71 -6.51 -9.64
N GLU B 242 -19.87 -5.50 -9.36
CA GLU B 242 -19.25 -5.35 -8.04
C GLU B 242 -19.02 -3.91 -7.52
N LEU B 243 -19.19 -3.74 -6.21
CA LEU B 243 -19.18 -2.48 -5.44
C LEU B 243 -17.85 -1.74 -5.45
N HIS B 244 -16.74 -2.48 -5.39
CA HIS B 244 -15.37 -1.95 -5.36
C HIS B 244 -14.40 -3.01 -5.87
N CYS B 245 -13.30 -2.59 -6.51
CA CYS B 245 -12.25 -3.51 -6.93
C CYS B 245 -11.41 -3.96 -5.71
N PRO B 246 -11.10 -5.25 -5.50
CA PRO B 246 -10.37 -5.73 -4.31
C PRO B 246 -9.02 -5.02 -4.08
N ALA B 247 -8.75 -4.54 -2.85
CA ALA B 247 -7.49 -3.84 -2.58
C ALA B 247 -6.25 -4.72 -2.78
N LEU B 248 -5.12 -4.10 -3.15
CA LEU B 248 -3.80 -4.76 -3.32
C LEU B 248 -3.19 -5.28 -2.03
N VAL B 249 -3.49 -4.63 -0.90
CA VAL B 249 -3.02 -4.97 0.43
C VAL B 249 -4.22 -5.16 1.38
N THR B 250 -4.23 -6.25 2.13
CA THR B 250 -5.31 -6.64 3.05
C THR B 250 -4.88 -6.46 4.50
N TYR B 251 -5.74 -5.92 5.38
CA TYR B 251 -5.43 -5.73 6.81
C TYR B 251 -5.98 -6.89 7.66
N ASN B 252 -5.12 -7.53 8.44
CA ASN B 252 -5.51 -8.64 9.30
C ASN B 252 -6.11 -8.10 10.60
N THR B 253 -7.41 -8.31 10.81
CA THR B 253 -8.11 -7.77 11.98
C THR B 253 -7.81 -8.49 13.28
N ASP B 254 -7.28 -9.72 13.24
CA ASP B 254 -7.02 -10.52 14.45
C ASP B 254 -5.58 -10.34 14.96
N THR B 255 -4.60 -10.17 14.06
CA THR B 255 -3.18 -10.02 14.40
C THR B 255 -2.65 -8.59 14.22
N PHE B 256 -3.49 -7.65 13.75
CA PHE B 256 -3.15 -6.23 13.64
C PHE B 256 -1.91 -5.98 12.78
N GLU B 257 -1.91 -6.51 11.57
CA GLU B 257 -0.82 -6.38 10.60
C GLU B 257 -1.37 -6.26 9.17
N SER B 258 -0.65 -5.58 8.29
CA SER B 258 -1.01 -5.37 6.88
C SER B 258 -0.15 -6.25 5.99
N MET B 259 -0.75 -6.94 5.02
CA MET B 259 -0.01 -7.84 4.11
C MET B 259 -0.56 -7.84 2.67
N PRO B 260 0.24 -8.16 1.64
CA PRO B 260 -0.27 -8.23 0.27
C PRO B 260 -1.48 -9.17 0.16
N ASN B 261 -2.46 -8.77 -0.67
CA ASN B 261 -3.69 -9.52 -0.91
C ASN B 261 -3.50 -10.47 -2.11
N PRO B 262 -3.52 -11.81 -1.93
CA PRO B 262 -3.42 -12.77 -3.02
C PRO B 262 -4.43 -12.55 -4.16
N GLU B 263 -5.56 -11.92 -3.83
CA GLU B 263 -6.68 -11.59 -4.72
C GLU B 263 -6.73 -10.11 -5.10
N GLY B 264 -5.72 -9.31 -4.73
CA GLY B 264 -5.72 -7.86 -4.90
C GLY B 264 -5.71 -7.40 -6.37
N ARG B 265 -6.41 -6.32 -6.73
CA ARG B 265 -6.59 -5.82 -8.12
C ARG B 265 -6.56 -4.30 -8.23
N TYR B 266 -6.29 -3.78 -9.43
CA TYR B 266 -6.29 -2.35 -9.74
C TYR B 266 -7.69 -1.88 -10.16
N THR B 267 -8.08 -0.69 -9.73
CA THR B 267 -9.33 -0.04 -10.11
C THR B 267 -9.06 0.83 -11.32
N PHE B 268 -9.85 0.67 -12.38
CA PHE B 268 -9.63 1.34 -13.65
C PHE B 268 -10.97 1.80 -14.23
N GLY B 269 -11.32 3.08 -14.04
CA GLY B 269 -12.56 3.64 -14.55
C GLY B 269 -13.78 2.77 -14.17
N ALA B 270 -14.53 2.31 -15.17
CA ALA B 270 -15.70 1.48 -14.97
C ALA B 270 -15.43 0.02 -14.56
N SER B 271 -14.18 -0.44 -14.47
CA SER B 271 -13.87 -1.86 -14.28
C SER B 271 -12.67 -2.14 -13.37
N CYS B 272 -12.53 -3.40 -13.01
CA CYS B 272 -11.49 -3.90 -12.12
C CYS B 272 -10.56 -4.87 -12.86
N VAL B 273 -9.24 -4.63 -12.83
CA VAL B 273 -8.24 -5.29 -13.69
C VAL B 273 -7.05 -5.83 -12.90
N THR B 274 -6.29 -6.78 -13.45
CA THR B 274 -5.06 -7.29 -12.82
C THR B 274 -3.89 -6.32 -12.97
N ALA B 275 -3.87 -5.53 -14.04
CA ALA B 275 -2.88 -4.51 -14.34
C ALA B 275 -3.48 -3.41 -15.24
N CYS B 276 -2.89 -2.22 -15.22
CA CYS B 276 -3.35 -1.06 -16.00
C CYS B 276 -2.72 -0.97 -17.41
N PRO B 277 -3.35 -0.24 -18.35
CA PRO B 277 -2.81 -0.09 -19.70
C PRO B 277 -1.46 0.64 -19.72
N TYR B 278 -0.71 0.49 -20.82
CA TYR B 278 0.62 1.08 -21.01
C TYR B 278 0.76 2.56 -20.58
N ASN B 279 -0.20 3.43 -20.93
CA ASN B 279 -0.05 4.87 -20.69
C ASN B 279 -0.55 5.36 -19.34
N TYR B 280 -0.97 4.48 -18.42
CA TYR B 280 -1.51 4.89 -17.12
C TYR B 280 -0.50 4.68 -16.01
N LEU B 281 -0.57 5.58 -15.03
CA LEU B 281 0.37 5.67 -13.92
C LEU B 281 -0.20 4.94 -12.70
N SER B 282 0.44 3.85 -12.30
CA SER B 282 -0.04 2.98 -11.22
C SER B 282 0.15 3.64 -9.85
N THR B 283 -0.83 3.53 -8.95
CA THR B 283 -0.73 4.02 -7.57
C THR B 283 -0.97 2.88 -6.59
N ASP B 284 -0.18 2.81 -5.52
CA ASP B 284 -0.18 1.67 -4.56
C ASP B 284 -1.50 1.46 -3.80
N VAL B 285 -2.41 2.44 -3.82
CA VAL B 285 -3.75 2.34 -3.20
C VAL B 285 -4.67 1.31 -3.88
N GLY B 286 -4.32 0.87 -5.10
CA GLY B 286 -5.09 -0.09 -5.90
C GLY B 286 -5.86 0.54 -7.07
N SER B 287 -5.29 1.55 -7.74
CA SER B 287 -5.93 2.24 -8.86
C SER B 287 -4.92 2.80 -9.85
N CYS B 288 -5.36 3.09 -11.08
CA CYS B 288 -4.53 3.72 -12.10
C CYS B 288 -5.06 5.08 -12.51
N THR B 289 -4.19 6.08 -12.54
CA THR B 289 -4.55 7.48 -12.82
C THR B 289 -3.69 8.07 -13.94
N LEU B 290 -4.08 9.25 -14.41
CA LEU B 290 -3.27 10.05 -15.34
C LEU B 290 -2.47 11.17 -14.63
N VAL B 291 -2.62 11.31 -13.30
CA VAL B 291 -1.91 12.31 -12.48
C VAL B 291 -1.34 11.61 -11.24
N CYS B 292 -0.18 12.06 -10.75
CA CYS B 292 0.43 11.47 -9.59
C CYS B 292 -0.05 12.19 -8.31
N PRO B 293 -0.52 11.47 -7.27
CA PRO B 293 -1.03 12.12 -6.06
C PRO B 293 0.04 13.01 -5.40
N LEU B 294 -0.39 14.01 -4.63
CA LEU B 294 0.52 14.97 -3.97
C LEU B 294 1.56 14.26 -3.08
N HIS B 295 2.80 14.76 -3.09
CA HIS B 295 3.97 14.19 -2.41
C HIS B 295 4.48 12.85 -2.98
N ASN B 296 4.36 12.64 -4.29
CA ASN B 296 4.84 11.44 -4.97
C ASN B 296 5.58 11.74 -6.29
N GLN B 297 6.59 10.95 -6.58
CA GLN B 297 7.42 10.98 -7.78
C GLN B 297 6.91 9.96 -8.80
N GLU B 298 7.07 10.23 -10.10
CA GLU B 298 6.80 9.22 -11.14
C GLU B 298 8.07 8.41 -11.43
N VAL B 299 8.11 7.13 -11.09
CA VAL B 299 9.32 6.28 -11.17
C VAL B 299 9.16 5.16 -12.18
N THR B 300 10.02 5.07 -13.19
CA THR B 300 9.99 3.97 -14.18
C THR B 300 10.70 2.72 -13.63
N ALA B 301 10.09 2.09 -12.63
CA ALA B 301 10.66 0.95 -11.91
C ALA B 301 11.03 -0.26 -12.79
N GLU B 302 10.28 -0.51 -13.86
CA GLU B 302 10.50 -1.58 -14.85
C GLU B 302 10.33 -1.03 -16.28
N ASP B 303 10.99 -1.64 -17.27
CA ASP B 303 10.87 -1.22 -18.66
C ASP B 303 9.41 -1.30 -19.14
N GLY B 304 8.91 -0.23 -19.76
CA GLY B 304 7.55 -0.16 -20.31
C GLY B 304 6.44 0.26 -19.34
N THR B 305 6.74 0.57 -18.07
CA THR B 305 5.72 1.02 -17.09
C THR B 305 6.18 2.22 -16.26
N GLN B 306 5.30 2.75 -15.41
CA GLN B 306 5.59 3.84 -14.49
C GLN B 306 4.68 3.76 -13.26
N ARG B 307 5.17 4.13 -12.07
CA ARG B 307 4.36 4.17 -10.84
C ARG B 307 4.66 5.39 -9.97
N CYS B 308 3.74 5.74 -9.10
CA CYS B 308 3.99 6.75 -8.07
C CYS B 308 4.73 6.15 -6.86
N GLU B 309 5.69 6.88 -6.29
CA GLU B 309 6.37 6.55 -5.03
C GLU B 309 6.43 7.75 -4.10
N LYS B 310 6.18 7.57 -2.80
CA LYS B 310 6.16 8.66 -1.79
C LYS B 310 7.51 9.33 -1.61
N CYS B 311 7.54 10.66 -1.50
CA CYS B 311 8.75 11.41 -1.17
C CYS B 311 9.11 11.26 0.33
N SER B 312 10.33 10.84 0.65
CA SER B 312 10.83 10.71 2.04
C SER B 312 11.15 12.07 2.68
N LYS B 313 11.48 13.07 1.86
CA LYS B 313 11.76 14.48 2.18
C LYS B 313 11.00 15.35 1.17
N PRO B 314 10.80 16.66 1.40
CA PRO B 314 10.03 17.53 0.50
C PRO B 314 10.45 17.40 -0.97
N CYS B 315 9.45 17.24 -1.84
CA CYS B 315 9.66 16.96 -3.27
C CYS B 315 10.29 18.13 -4.04
N ALA B 316 11.06 17.82 -5.10
CA ALA B 316 11.68 18.79 -6.00
C ALA B 316 10.67 19.57 -6.88
N ARG B 317 11.08 20.71 -7.43
CA ARG B 317 10.26 21.57 -8.32
C ARG B 317 9.69 20.75 -9.48
N VAL B 318 8.40 20.92 -9.75
CA VAL B 318 7.68 20.27 -10.86
C VAL B 318 7.42 21.32 -11.95
N CYS B 319 7.91 21.08 -13.18
CA CYS B 319 7.75 22.02 -14.28
C CYS B 319 6.42 21.78 -15.02
N TYR B 320 5.43 22.62 -14.73
CA TYR B 320 4.06 22.43 -15.24
C TYR B 320 3.88 23.12 -16.59
N GLY B 321 3.05 22.56 -17.45
CA GLY B 321 2.65 23.11 -18.74
C GLY B 321 1.21 23.59 -18.71
N LEU B 322 0.63 23.83 -19.89
CA LEU B 322 -0.73 24.39 -20.00
C LEU B 322 -1.77 23.36 -19.55
N GLY B 323 -2.81 23.85 -18.89
CA GLY B 323 -3.89 23.01 -18.34
C GLY B 323 -3.64 22.48 -16.91
N MET B 324 -2.49 22.75 -16.29
CA MET B 324 -2.16 22.28 -14.94
C MET B 324 -1.85 23.44 -13.98
N GLU B 325 -2.28 23.32 -12.73
CA GLU B 325 -2.03 24.28 -11.65
C GLU B 325 -2.33 25.74 -12.05
N HIS B 326 -1.36 26.65 -11.93
CA HIS B 326 -1.50 28.09 -12.24
C HIS B 326 -1.69 28.38 -13.73
N LEU B 327 -1.45 27.39 -14.60
CA LEU B 327 -1.60 27.49 -16.05
C LEU B 327 -2.93 26.89 -16.58
N ARG B 328 -3.85 26.46 -15.72
CA ARG B 328 -5.12 25.85 -16.15
C ARG B 328 -5.99 26.73 -17.07
N GLU B 329 -5.96 28.04 -16.88
CA GLU B 329 -6.74 29.02 -17.66
C GLU B 329 -5.91 29.75 -18.74
N VAL B 330 -4.67 29.32 -18.99
CA VAL B 330 -3.79 29.99 -19.96
C VAL B 330 -4.01 29.44 -21.37
N ARG B 331 -4.24 30.36 -22.32
CA ARG B 331 -4.57 30.11 -23.73
C ARG B 331 -3.44 29.38 -24.48
N ALA B 332 -2.22 29.89 -24.35
CA ALA B 332 -1.06 29.46 -25.12
C ALA B 332 0.24 29.94 -24.45
N VAL B 333 1.39 29.46 -24.92
CA VAL B 333 2.69 29.99 -24.46
C VAL B 333 2.93 31.35 -25.13
N THR B 334 3.30 32.37 -24.34
CA THR B 334 3.55 33.74 -24.79
C THR B 334 4.84 34.29 -24.16
N SER B 335 5.31 35.45 -24.59
CA SER B 335 6.52 36.08 -24.01
C SER B 335 6.40 36.36 -22.51
N ALA B 336 5.19 36.39 -21.97
CA ALA B 336 4.93 36.56 -20.54
C ALA B 336 5.16 35.29 -19.69
N ASN B 337 5.12 34.09 -20.27
CA ASN B 337 5.29 32.83 -19.52
C ASN B 337 6.32 31.83 -20.09
N ILE B 338 6.95 32.11 -21.24
CA ILE B 338 7.96 31.23 -21.83
C ILE B 338 9.11 30.86 -20.90
N GLN B 339 9.53 31.77 -20.01
CA GLN B 339 10.64 31.56 -19.08
C GLN B 339 10.37 30.44 -18.06
N GLU B 340 9.11 30.06 -17.83
CA GLU B 340 8.76 29.02 -16.86
C GLU B 340 9.28 27.62 -17.25
N PHE B 341 9.63 27.41 -18.52
CA PHE B 341 10.13 26.15 -19.06
C PHE B 341 11.66 26.10 -19.21
N ALA B 342 12.39 27.17 -18.83
CA ALA B 342 13.84 27.30 -19.03
C ALA B 342 14.64 26.19 -18.31
N GLY B 343 15.20 25.25 -19.08
CA GLY B 343 16.00 24.14 -18.56
C GLY B 343 15.21 22.91 -18.10
N CYS B 344 13.89 22.85 -18.32
CA CYS B 344 13.06 21.71 -17.92
C CYS B 344 13.32 20.49 -18.82
N LYS B 345 13.41 19.28 -18.24
CA LYS B 345 13.50 18.03 -19.01
C LYS B 345 12.17 17.30 -19.17
N LYS B 346 11.25 17.45 -18.21
CA LYS B 346 9.92 16.84 -18.26
C LYS B 346 8.86 17.85 -17.84
N ILE B 347 7.85 18.08 -18.69
CA ILE B 347 6.81 19.07 -18.41
C ILE B 347 5.53 18.36 -18.03
N PHE B 348 4.92 18.78 -16.92
CA PHE B 348 3.65 18.24 -16.44
C PHE B 348 2.48 19.06 -16.96
N GLY B 349 1.92 18.68 -18.12
CA GLY B 349 0.95 19.47 -18.86
C GLY B 349 1.26 19.51 -20.36
N SER B 350 0.54 20.33 -21.12
CA SER B 350 0.67 20.42 -22.58
C SER B 350 1.31 21.71 -23.05
N LEU B 351 1.72 21.79 -24.32
CA LEU B 351 2.24 23.02 -24.94
C LEU B 351 1.38 23.43 -26.15
N ALA B 352 1.08 24.73 -26.26
CA ALA B 352 0.33 25.27 -27.38
C ALA B 352 0.96 26.56 -27.92
N PHE B 353 1.23 26.62 -29.23
CA PHE B 353 1.80 27.78 -29.93
C PHE B 353 0.84 28.26 -31.00
N LEU B 354 0.05 29.29 -30.69
CA LEU B 354 -1.09 29.72 -31.50
C LEU B 354 -0.85 31.10 -32.12
N PRO B 355 -1.70 31.56 -33.04
CA PRO B 355 -1.74 33.00 -33.33
C PRO B 355 -1.89 33.77 -32.02
N GLU B 356 -1.28 34.94 -31.92
CA GLU B 356 -1.11 35.69 -30.65
C GLU B 356 -0.16 35.05 -29.61
N SER B 357 0.54 33.95 -29.93
CA SER B 357 1.76 33.50 -29.23
C SER B 357 3.01 34.07 -29.87
N PHE B 358 3.12 33.98 -31.21
CA PHE B 358 4.19 34.62 -31.98
C PHE B 358 3.81 35.99 -32.54
N ASP B 359 2.54 36.38 -32.41
CA ASP B 359 2.11 37.76 -32.62
C ASP B 359 1.96 38.45 -31.25
N GLY B 360 1.60 39.74 -31.24
CA GLY B 360 1.43 40.50 -30.02
C GLY B 360 0.00 40.44 -29.45
N ASP B 361 -0.15 40.94 -28.22
CA ASP B 361 -1.44 41.11 -27.54
C ASP B 361 -1.41 42.43 -26.75
N PRO B 362 -1.48 43.58 -27.44
CA PRO B 362 -1.43 44.91 -26.84
C PRO B 362 -2.43 45.10 -25.70
N ALA B 363 -3.60 44.46 -25.78
CA ALA B 363 -4.64 44.58 -24.75
C ALA B 363 -4.13 44.15 -23.36
N SER B 364 -3.21 43.18 -23.31
CA SER B 364 -2.59 42.66 -22.08
C SER B 364 -1.12 43.06 -21.95
N ASN B 365 -0.61 43.96 -22.81
CA ASN B 365 0.78 44.41 -22.89
C ASN B 365 1.81 43.27 -22.99
N THR B 366 1.51 42.22 -23.76
CA THR B 366 2.36 41.02 -23.92
C THR B 366 3.02 41.00 -25.30
N ALA B 367 4.34 40.84 -25.33
CA ALA B 367 5.12 40.77 -26.57
C ALA B 367 4.96 39.40 -27.28
N PRO B 368 5.27 39.31 -28.59
CA PRO B 368 5.35 38.04 -29.30
C PRO B 368 6.58 37.22 -28.88
N LEU B 369 6.49 35.89 -29.00
CA LEU B 369 7.64 35.01 -28.78
C LEU B 369 8.71 35.25 -29.86
N GLN B 370 9.98 35.17 -29.47
CA GLN B 370 11.13 35.34 -30.37
C GLN B 370 11.86 33.99 -30.52
N PRO B 371 12.56 33.71 -31.64
CA PRO B 371 13.36 32.50 -31.78
C PRO B 371 14.36 32.19 -30.65
N GLU B 372 14.94 33.21 -30.02
CA GLU B 372 15.84 33.05 -28.86
C GLU B 372 15.08 32.58 -27.61
N GLN B 373 13.86 33.05 -27.40
CA GLN B 373 13.01 32.64 -26.28
C GLN B 373 12.58 31.18 -26.38
N LEU B 374 12.38 30.66 -27.60
CA LEU B 374 12.08 29.25 -27.83
C LEU B 374 13.18 28.30 -27.34
N GLN B 375 14.40 28.78 -27.10
CA GLN B 375 15.52 27.93 -26.66
C GLN B 375 15.32 27.33 -25.26
N VAL B 376 14.34 27.80 -24.47
CA VAL B 376 14.03 27.21 -23.15
C VAL B 376 13.69 25.72 -23.25
N PHE B 377 13.23 25.24 -24.40
CA PHE B 377 12.86 23.85 -24.61
C PHE B 377 14.01 22.96 -25.11
N GLU B 378 15.23 23.48 -25.29
CA GLU B 378 16.35 22.66 -25.75
C GLU B 378 16.63 21.43 -24.86
N THR B 379 16.40 21.50 -23.55
CA THR B 379 16.60 20.35 -22.64
C THR B 379 15.41 19.41 -22.55
N LEU B 380 14.27 19.72 -23.18
CA LEU B 380 13.03 18.98 -23.01
C LEU B 380 13.10 17.60 -23.68
N GLU B 381 12.77 16.55 -22.93
CA GLU B 381 12.69 15.18 -23.43
C GLU B 381 11.28 14.58 -23.44
N GLU B 382 10.40 14.94 -22.50
CA GLU B 382 9.06 14.35 -22.39
C GLU B 382 7.99 15.38 -22.11
N ILE B 383 6.84 15.28 -22.80
CA ILE B 383 5.66 16.10 -22.54
C ILE B 383 4.53 15.18 -22.11
N THR B 384 3.97 15.37 -20.91
CA THR B 384 2.89 14.53 -20.38
C THR B 384 1.51 15.00 -20.86
N GLY B 385 1.38 15.28 -22.15
CA GLY B 385 0.20 15.85 -22.78
C GLY B 385 0.34 15.87 -24.29
N TYR B 386 -0.11 16.95 -24.91
CA TYR B 386 -0.07 17.16 -26.36
C TYR B 386 0.80 18.36 -26.74
N LEU B 387 1.27 18.38 -27.98
CA LEU B 387 1.96 19.51 -28.61
C LEU B 387 1.13 20.04 -29.78
N TYR B 388 0.57 21.23 -29.64
CA TYR B 388 -0.31 21.84 -30.64
C TYR B 388 0.31 23.12 -31.17
N ILE B 389 0.68 23.15 -32.45
CA ILE B 389 1.29 24.31 -33.10
C ILE B 389 0.44 24.73 -34.30
N SER B 390 -0.14 25.92 -34.24
CA SER B 390 -0.94 26.49 -35.33
C SER B 390 -0.38 27.80 -35.90
N ALA B 391 0.67 28.33 -35.28
CA ALA B 391 1.47 29.44 -35.77
C ALA B 391 2.94 29.21 -35.45
N TRP B 392 3.84 29.65 -36.31
CA TRP B 392 5.29 29.52 -36.15
C TRP B 392 6.00 30.62 -36.95
N PRO B 393 7.23 31.06 -36.60
CA PRO B 393 7.97 32.03 -37.39
C PRO B 393 8.26 31.52 -38.81
N ASP B 394 8.35 32.42 -39.80
CA ASP B 394 8.72 32.05 -41.20
C ASP B 394 10.24 31.85 -41.32
N SER B 395 11.04 32.43 -40.42
CA SER B 395 12.51 32.28 -40.43
C SER B 395 12.98 30.88 -40.01
N LEU B 396 12.11 30.08 -39.39
CA LEU B 396 12.46 28.72 -38.95
C LEU B 396 11.88 27.67 -39.92
N PRO B 397 12.68 27.01 -40.76
CA PRO B 397 12.18 26.03 -41.72
C PRO B 397 11.72 24.73 -41.03
N ASP B 398 12.01 24.54 -39.74
CA ASP B 398 11.70 23.32 -39.01
C ASP B 398 11.41 23.60 -37.51
N LEU B 399 11.14 22.54 -36.75
CA LEU B 399 10.90 22.59 -35.31
C LEU B 399 12.15 22.24 -34.50
N SER B 400 13.36 22.62 -34.95
CA SER B 400 14.60 22.19 -34.27
C SER B 400 14.70 22.61 -32.80
N VAL B 401 13.93 23.60 -32.34
CA VAL B 401 13.92 23.96 -30.90
C VAL B 401 13.41 22.83 -29.98
N PHE B 402 12.71 21.84 -30.54
CA PHE B 402 12.32 20.59 -29.88
C PHE B 402 13.10 19.36 -30.38
N GLN B 403 14.27 19.52 -31.01
CA GLN B 403 15.03 18.40 -31.58
C GLN B 403 15.39 17.29 -30.59
N ASN B 404 15.46 17.57 -29.28
CA ASN B 404 15.74 16.61 -28.22
C ASN B 404 14.49 15.98 -27.58
N LEU B 405 13.28 16.29 -28.03
CA LEU B 405 12.04 15.69 -27.53
C LEU B 405 11.97 14.21 -27.92
N GLN B 406 11.79 13.33 -26.94
CA GLN B 406 11.80 11.88 -27.14
C GLN B 406 10.42 11.23 -27.03
N VAL B 407 9.61 11.64 -26.05
CA VAL B 407 8.32 11.01 -25.77
C VAL B 407 7.19 12.03 -25.62
N ILE B 408 6.06 11.78 -26.28
CA ILE B 408 4.80 12.50 -26.08
C ILE B 408 3.80 11.49 -25.49
N ARG B 409 3.36 11.68 -24.23
CA ARG B 409 2.52 10.68 -23.56
C ARG B 409 1.06 10.67 -24.02
N GLY B 410 0.49 11.82 -24.38
CA GLY B 410 -0.92 11.89 -24.79
C GLY B 410 -1.95 11.88 -23.64
N ARG B 411 -1.55 12.04 -22.38
CA ARG B 411 -2.47 12.07 -21.21
C ARG B 411 -3.53 13.18 -21.32
N ILE B 412 -3.20 14.30 -21.95
CA ILE B 412 -4.13 15.38 -22.31
C ILE B 412 -4.06 15.50 -23.84
N LEU B 413 -5.20 15.49 -24.52
CA LEU B 413 -5.26 15.55 -25.98
C LEU B 413 -5.92 16.83 -26.45
N HIS B 414 -5.45 17.40 -27.54
CA HIS B 414 -6.09 18.57 -28.17
C HIS B 414 -7.46 18.17 -28.72
N ASN B 415 -8.53 18.89 -28.34
CA ASN B 415 -9.94 18.58 -28.70
C ASN B 415 -10.34 17.13 -28.36
N GLY B 416 -9.68 16.54 -27.37
CA GLY B 416 -9.96 15.19 -26.85
C GLY B 416 -9.47 14.02 -27.70
N ALA B 417 -8.77 14.27 -28.81
CA ALA B 417 -8.35 13.21 -29.72
C ALA B 417 -6.87 13.25 -30.12
N TYR B 418 -6.24 14.42 -30.29
CA TYR B 418 -4.91 14.52 -30.89
C TYR B 418 -3.78 14.88 -29.93
N SER B 419 -2.69 14.12 -29.97
CA SER B 419 -1.49 14.36 -29.16
C SER B 419 -0.46 15.24 -29.84
N LEU B 420 -0.45 15.24 -31.17
CA LEU B 420 0.44 16.04 -32.01
C LEU B 420 -0.38 16.66 -33.15
N THR B 421 -0.45 17.97 -33.24
CA THR B 421 -1.18 18.62 -34.34
C THR B 421 -0.40 19.79 -34.91
N LEU B 422 -0.33 19.82 -36.24
CA LEU B 422 0.39 20.81 -37.01
C LEU B 422 -0.54 21.36 -38.09
N GLN B 423 -0.94 22.62 -37.94
CA GLN B 423 -1.95 23.23 -38.81
C GLN B 423 -1.37 24.39 -39.61
N GLY B 424 -1.25 24.24 -40.93
CA GLY B 424 -0.92 25.34 -41.83
C GLY B 424 0.40 26.07 -41.53
N LEU B 425 1.45 25.36 -41.13
CA LEU B 425 2.73 26.02 -40.71
C LEU B 425 3.59 26.32 -41.94
N GLY B 426 4.62 27.19 -41.80
CA GLY B 426 5.55 27.52 -42.90
C GLY B 426 6.76 26.61 -42.85
N ILE B 427 6.57 25.38 -42.40
CA ILE B 427 7.63 24.39 -42.26
C ILE B 427 8.04 23.82 -43.63
N SER B 428 9.35 23.62 -43.82
CA SER B 428 9.93 22.90 -44.97
C SER B 428 10.29 21.45 -44.65
N TRP B 429 10.67 21.13 -43.41
CA TRP B 429 10.76 19.74 -42.94
C TRP B 429 10.53 19.66 -41.42
N LEU B 430 10.06 18.52 -40.92
CA LEU B 430 9.67 18.39 -39.52
C LEU B 430 10.85 18.52 -38.58
N GLY B 431 11.97 17.84 -38.86
CA GLY B 431 13.04 17.69 -37.86
C GLY B 431 12.61 16.76 -36.73
N LEU B 432 12.81 17.15 -35.47
CA LEU B 432 12.49 16.34 -34.27
C LEU B 432 13.09 14.92 -34.29
N ARG B 433 14.35 14.76 -34.70
CA ARG B 433 14.98 13.44 -34.86
C ARG B 433 15.06 12.59 -33.59
N SER B 434 15.06 13.18 -32.40
CA SER B 434 15.06 12.47 -31.12
C SER B 434 13.74 11.74 -30.78
N LEU B 435 12.60 12.11 -31.38
CA LEU B 435 11.29 11.53 -31.05
C LEU B 435 11.25 10.02 -31.35
N ARG B 436 10.76 9.21 -30.40
CA ARG B 436 10.65 7.76 -30.57
C ARG B 436 9.33 7.15 -30.12
N GLU B 437 8.51 7.86 -29.37
CA GLU B 437 7.24 7.33 -28.87
C GLU B 437 6.11 8.34 -28.93
N LEU B 438 4.95 7.91 -29.44
CA LEU B 438 3.68 8.62 -29.26
C LEU B 438 2.78 7.72 -28.40
N GLY B 439 2.81 7.89 -27.07
CA GLY B 439 2.22 6.92 -26.15
C GLY B 439 0.73 6.66 -26.40
N SER B 440 -0.01 7.71 -26.72
CA SER B 440 -1.47 7.70 -26.93
C SER B 440 -1.89 8.90 -27.78
N GLY B 441 -3.09 8.88 -28.36
CA GLY B 441 -3.64 9.99 -29.13
C GLY B 441 -3.31 9.90 -30.63
N LEU B 442 -4.07 10.63 -31.44
CA LEU B 442 -3.91 10.67 -32.88
C LEU B 442 -2.92 11.77 -33.30
N ALA B 443 -2.37 11.68 -34.50
CA ALA B 443 -1.50 12.69 -35.09
C ALA B 443 -2.21 13.35 -36.28
N LEU B 444 -2.40 14.67 -36.29
CA LEU B 444 -3.05 15.39 -37.38
C LEU B 444 -2.11 16.38 -38.03
N ILE B 445 -1.83 16.20 -39.31
CA ILE B 445 -0.93 17.05 -40.07
C ILE B 445 -1.63 17.55 -41.32
N HIS B 446 -1.97 18.83 -41.44
CA HIS B 446 -2.66 19.30 -42.63
C HIS B 446 -2.49 20.78 -42.98
N HIS B 447 -2.55 21.06 -44.30
CA HIS B 447 -2.41 22.45 -44.83
C HIS B 447 -0.95 22.90 -44.79
N ASN B 448 -0.01 22.07 -44.32
CA ASN B 448 1.36 22.52 -44.08
C ASN B 448 2.12 22.64 -45.40
N THR B 449 2.05 23.81 -46.01
CA THR B 449 2.20 24.01 -47.46
C THR B 449 3.58 23.69 -48.04
N HIS B 450 4.63 23.53 -47.24
CA HIS B 450 5.98 23.29 -47.75
C HIS B 450 6.70 22.09 -47.15
N LEU B 451 6.12 21.39 -46.17
CA LEU B 451 6.71 20.16 -45.66
C LEU B 451 6.32 18.98 -46.53
N CYS B 452 7.20 17.98 -46.62
CA CYS B 452 7.00 16.82 -47.49
C CYS B 452 7.47 15.49 -46.87
N PHE B 453 8.52 15.49 -46.03
CA PHE B 453 9.08 14.29 -45.38
C PHE B 453 8.12 13.54 -44.45
N VAL B 454 6.92 14.05 -44.20
CA VAL B 454 5.81 13.32 -43.57
C VAL B 454 5.60 11.90 -44.14
N HIS B 455 5.84 11.72 -45.44
CA HIS B 455 5.73 10.41 -46.08
C HIS B 455 6.90 9.44 -45.77
N THR B 456 8.09 9.95 -45.42
CA THR B 456 9.24 9.12 -45.05
C THR B 456 9.32 8.85 -43.55
N VAL B 457 8.58 9.57 -42.71
CA VAL B 457 8.52 9.28 -41.28
C VAL B 457 8.01 7.86 -41.02
N PRO B 458 8.64 7.08 -40.15
CA PRO B 458 8.23 5.72 -39.82
C PRO B 458 7.13 5.71 -38.74
N TRP B 459 5.95 6.24 -39.07
CA TRP B 459 4.81 6.35 -38.15
C TRP B 459 4.47 5.04 -37.45
N ASP B 460 4.58 3.92 -38.16
CA ASP B 460 4.26 2.62 -37.55
C ASP B 460 5.17 2.24 -36.36
N GLN B 461 6.34 2.87 -36.27
CA GLN B 461 7.31 2.71 -35.17
C GLN B 461 7.02 3.64 -33.99
N LEU B 462 6.22 4.68 -34.17
CA LEU B 462 5.92 5.69 -33.15
C LEU B 462 4.64 5.40 -32.36
N PHE B 463 3.63 4.80 -32.99
CA PHE B 463 2.36 4.43 -32.35
C PHE B 463 2.49 3.21 -31.43
N ARG B 464 1.71 3.17 -30.34
CA ARG B 464 1.79 2.16 -29.27
C ARG B 464 0.47 1.43 -28.94
N ASN B 465 -0.65 1.82 -29.56
CA ASN B 465 -1.96 1.21 -29.25
C ASN B 465 -2.84 1.12 -30.49
N PRO B 466 -3.82 0.20 -30.56
CA PRO B 466 -4.77 0.16 -31.68
C PRO B 466 -5.67 1.38 -31.47
N HIS B 467 -6.51 1.74 -32.44
CA HIS B 467 -7.32 2.99 -32.38
C HIS B 467 -6.36 4.19 -32.48
N GLN B 468 -5.15 3.99 -33.02
CA GLN B 468 -4.14 5.07 -33.15
C GLN B 468 -3.62 5.14 -34.59
N ALA B 469 -3.63 6.33 -35.19
CA ALA B 469 -3.24 6.52 -36.60
C ALA B 469 -2.85 7.97 -36.94
N LEU B 470 -2.17 8.14 -38.08
CA LEU B 470 -1.95 9.43 -38.73
C LEU B 470 -3.17 9.82 -39.56
N LEU B 471 -3.57 11.08 -39.51
CA LEU B 471 -4.54 11.68 -40.42
C LEU B 471 -3.91 12.92 -41.07
N HIS B 472 -3.99 13.04 -42.39
CA HIS B 472 -3.34 14.16 -43.07
C HIS B 472 -4.04 14.61 -44.36
N THR B 473 -3.89 15.89 -44.73
CA THR B 473 -4.42 16.43 -46.00
C THR B 473 -3.85 17.82 -46.29
N ALA B 474 -3.81 18.25 -47.56
CA ALA B 474 -3.36 19.58 -47.99
C ALA B 474 -1.87 19.92 -47.71
N ASN B 475 -1.04 18.93 -47.36
CA ASN B 475 0.42 19.08 -47.25
C ASN B 475 1.01 18.86 -48.65
N ARG B 476 2.17 19.48 -48.98
CA ARG B 476 2.67 19.47 -50.36
C ARG B 476 2.80 18.03 -50.91
N PRO B 477 2.26 17.72 -52.11
CA PRO B 477 2.20 16.34 -52.60
C PRO B 477 3.58 15.73 -52.83
N GLU B 478 3.72 14.45 -52.51
CA GLU B 478 5.00 13.75 -52.53
C GLU B 478 5.65 13.84 -53.91
N ASP B 479 4.98 13.41 -54.97
CA ASP B 479 5.55 13.46 -56.33
C ASP B 479 5.84 14.88 -56.81
N GLU B 480 5.08 15.88 -56.36
CA GLU B 480 5.37 17.28 -56.68
C GLU B 480 6.62 17.79 -55.93
N CYS B 481 6.89 17.26 -54.74
CA CYS B 481 7.95 17.73 -53.86
C CYS B 481 9.27 16.95 -54.05
N VAL B 482 9.22 15.61 -53.99
CA VAL B 482 10.35 14.76 -54.38
C VAL B 482 10.62 14.84 -55.88
N GLY B 483 9.71 15.44 -56.65
CA GLY B 483 9.96 15.88 -58.03
C GLY B 483 11.09 16.92 -58.16
N GLU B 484 11.45 17.62 -57.08
CA GLU B 484 12.67 18.44 -57.01
C GLU B 484 13.91 17.65 -56.54
N GLY B 485 13.81 16.33 -56.36
CA GLY B 485 14.85 15.50 -55.75
C GLY B 485 14.98 15.67 -54.24
N LEU B 486 14.11 16.48 -53.61
CA LEU B 486 14.06 16.66 -52.15
C LEU B 486 13.49 15.40 -51.50
N ALA B 487 14.38 14.53 -51.03
CA ALA B 487 14.05 13.17 -50.59
C ALA B 487 15.05 12.67 -49.55
N CYS B 488 14.67 11.61 -48.85
CA CYS B 488 15.44 10.99 -47.78
C CYS B 488 16.82 10.50 -48.25
N HIS B 489 17.80 10.57 -47.36
CA HIS B 489 19.18 10.22 -47.63
C HIS B 489 19.40 8.71 -47.79
N GLN B 490 20.25 8.31 -48.74
CA GLN B 490 20.41 6.86 -49.11
C GLN B 490 21.19 6.05 -48.08
N LEU B 491 21.95 6.68 -47.19
CA LEU B 491 22.80 5.95 -46.24
C LEU B 491 22.03 5.26 -45.11
N CYS B 492 20.74 5.51 -44.97
CA CYS B 492 20.04 5.28 -43.71
C CYS B 492 18.63 4.69 -43.84
N ALA B 493 18.31 3.87 -42.84
CA ALA B 493 16.95 3.57 -42.40
C ALA B 493 15.98 3.12 -43.48
N ARG B 494 16.43 2.40 -44.52
CA ARG B 494 15.56 1.91 -45.60
C ARG B 494 14.76 3.04 -46.29
N GLY B 495 15.27 4.28 -46.25
CA GLY B 495 14.57 5.47 -46.78
C GLY B 495 13.65 6.21 -45.80
N HIS B 496 13.79 6.01 -44.48
CA HIS B 496 13.05 6.80 -43.49
C HIS B 496 13.87 8.01 -42.98
N CYS B 497 13.34 9.22 -43.11
CA CYS B 497 14.00 10.46 -42.71
C CYS B 497 13.02 11.49 -42.17
N TRP B 498 13.54 12.41 -41.36
CA TRP B 498 12.83 13.55 -40.78
C TRP B 498 12.87 14.83 -41.62
N GLY B 499 13.65 14.82 -42.70
CA GLY B 499 14.09 16.01 -43.41
C GLY B 499 15.25 15.70 -44.35
N PRO B 500 15.87 16.74 -44.94
CA PRO B 500 16.94 16.58 -45.93
C PRO B 500 18.29 16.22 -45.29
N GLY B 501 19.08 15.40 -45.97
CA GLY B 501 20.49 15.17 -45.66
C GLY B 501 20.77 14.13 -44.55
N PRO B 502 22.04 13.70 -44.42
CA PRO B 502 22.47 12.58 -43.57
C PRO B 502 22.35 12.86 -42.07
N THR B 503 22.07 14.09 -41.68
CA THR B 503 21.75 14.49 -40.31
C THR B 503 20.26 14.31 -39.95
N GLN B 504 19.38 14.25 -40.95
CA GLN B 504 17.95 14.01 -40.78
C GLN B 504 17.58 12.52 -40.91
N CYS B 505 18.58 11.64 -40.95
CA CYS B 505 18.40 10.21 -40.96
C CYS B 505 17.82 9.65 -39.65
N VAL B 506 17.04 8.58 -39.75
CA VAL B 506 16.46 7.83 -38.62
C VAL B 506 17.43 6.82 -37.97
N ASN B 507 18.28 6.17 -38.76
CA ASN B 507 19.04 4.97 -38.38
C ASN B 507 20.16 4.72 -39.42
N CYS B 508 21.44 4.92 -39.09
CA CYS B 508 22.53 4.83 -40.08
C CYS B 508 22.86 3.37 -40.44
N SER B 509 23.02 3.05 -41.73
CA SER B 509 23.40 1.69 -42.14
C SER B 509 24.89 1.38 -41.93
N GLN B 510 25.76 2.39 -41.81
CA GLN B 510 27.22 2.22 -41.68
C GLN B 510 27.74 2.80 -40.35
N PHE B 511 27.87 4.12 -40.23
CA PHE B 511 28.26 4.77 -38.99
C PHE B 511 27.53 6.09 -38.80
N LEU B 512 27.53 6.57 -37.57
CA LEU B 512 27.12 7.89 -37.14
C LEU B 512 28.36 8.60 -36.60
N ARG B 513 28.68 9.78 -37.15
CA ARG B 513 29.65 10.69 -36.57
C ARG B 513 28.91 11.94 -36.12
N GLY B 514 28.93 12.23 -34.82
CA GLY B 514 28.11 13.29 -34.24
C GLY B 514 26.62 13.03 -34.50
N GLN B 515 25.98 13.95 -35.23
CA GLN B 515 24.59 13.85 -35.72
C GLN B 515 24.48 13.37 -37.19
N GLU B 516 25.59 13.11 -37.88
CA GLU B 516 25.63 12.82 -39.31
C GLU B 516 25.89 11.34 -39.56
N CYS B 517 25.02 10.67 -40.32
CA CYS B 517 25.38 9.35 -40.84
C CYS B 517 26.56 9.46 -41.81
N VAL B 518 27.56 8.59 -41.66
CA VAL B 518 28.78 8.55 -42.46
C VAL B 518 29.12 7.14 -42.92
N GLU B 519 29.64 7.05 -44.14
CA GLU B 519 30.00 5.80 -44.80
C GLU B 519 31.30 5.19 -44.27
N GLU B 520 32.26 6.03 -43.84
CA GLU B 520 33.56 5.54 -43.38
C GLU B 520 33.94 5.95 -41.95
N CYS B 521 34.61 5.04 -41.24
CA CYS B 521 34.98 5.23 -39.83
C CYS B 521 36.34 5.92 -39.60
N ARG B 522 36.96 6.49 -40.64
CA ARG B 522 38.18 7.33 -40.60
C ARG B 522 39.38 6.77 -39.80
N VAL B 523 39.58 5.46 -39.90
CA VAL B 523 40.59 4.76 -39.09
C VAL B 523 42.01 5.00 -39.60
N LEU B 524 42.25 4.92 -40.91
CA LEU B 524 43.61 4.88 -41.50
C LEU B 524 43.83 5.97 -42.56
N GLN B 525 42.97 6.98 -42.57
CA GLN B 525 43.04 8.15 -43.51
C GLN B 525 44.08 9.20 -43.09
N GLY B 526 44.23 10.25 -43.90
CA GLY B 526 45.14 11.36 -43.61
C GLY B 526 44.74 12.27 -42.43
N LEU B 527 43.44 12.47 -42.21
CA LEU B 527 42.89 13.28 -41.12
C LEU B 527 42.98 12.54 -39.76
N PRO B 528 42.85 13.22 -38.59
CA PRO B 528 43.04 12.61 -37.27
C PRO B 528 42.29 11.29 -37.08
N ARG B 529 43.05 10.21 -36.91
CA ARG B 529 42.60 8.83 -37.05
C ARG B 529 41.65 8.41 -35.93
N GLU B 530 40.63 7.64 -36.27
CA GLU B 530 39.54 7.29 -35.38
C GLU B 530 39.46 5.80 -35.06
N TYR B 531 39.17 5.45 -33.80
CA TYR B 531 38.84 4.09 -33.40
C TYR B 531 37.34 3.79 -33.66
N VAL B 532 37.08 2.51 -33.95
CA VAL B 532 35.76 2.00 -34.34
C VAL B 532 34.92 1.67 -33.10
N ASN B 533 33.60 1.85 -33.22
CA ASN B 533 32.58 1.52 -32.22
C ASN B 533 31.38 0.87 -32.95
N ALA B 534 30.40 0.27 -32.25
CA ALA B 534 29.37 -0.54 -32.92
C ALA B 534 28.65 0.18 -34.08
N ARG B 535 28.32 1.47 -33.93
CA ARG B 535 27.82 2.34 -35.00
C ARG B 535 28.53 3.71 -35.04
N HIS B 536 29.62 3.88 -34.27
CA HIS B 536 30.24 5.22 -34.12
C HIS B 536 31.74 5.23 -34.41
N CYS B 537 32.38 6.40 -34.43
CA CYS B 537 33.79 6.56 -34.79
C CYS B 537 34.34 7.79 -34.07
N LEU B 538 35.47 7.65 -33.36
CA LEU B 538 36.00 8.69 -32.48
C LEU B 538 37.53 8.75 -32.56
N PRO B 539 38.17 9.93 -32.45
CA PRO B 539 39.61 10.07 -32.62
C PRO B 539 40.43 9.38 -31.54
N CYS B 540 41.65 8.98 -31.87
CA CYS B 540 42.68 8.62 -30.89
C CYS B 540 42.85 9.73 -29.83
N HIS B 541 43.32 9.39 -28.63
CA HIS B 541 43.85 10.43 -27.73
C HIS B 541 45.08 11.09 -28.37
N PRO B 542 45.32 12.41 -28.17
CA PRO B 542 46.28 13.16 -28.98
C PRO B 542 47.72 12.62 -28.97
N GLU B 543 48.12 11.95 -27.89
CA GLU B 543 49.45 11.40 -27.67
C GLU B 543 49.67 10.08 -28.43
N CYS B 544 48.59 9.34 -28.73
CA CYS B 544 48.66 8.05 -29.41
C CYS B 544 49.17 8.22 -30.84
N GLN B 545 50.23 7.51 -31.21
CA GLN B 545 50.87 7.73 -32.50
C GLN B 545 49.99 7.24 -33.66
N PRO B 546 49.74 8.06 -34.69
CA PRO B 546 48.92 7.71 -35.85
C PRO B 546 49.67 6.80 -36.83
N GLN B 547 50.07 5.62 -36.37
CA GLN B 547 50.56 4.54 -37.21
C GLN B 547 49.40 3.94 -38.03
N ASN B 548 49.71 3.02 -38.94
CA ASN B 548 48.73 2.38 -39.82
C ASN B 548 48.12 1.09 -39.22
N GLY B 549 48.54 0.68 -38.02
CA GLY B 549 48.09 -0.55 -37.36
C GLY B 549 46.86 -0.32 -36.45
N SER B 550 45.83 -1.13 -36.58
CA SER B 550 44.48 -0.88 -36.05
C SER B 550 44.31 -0.73 -34.52
N VAL B 551 45.28 -1.13 -33.68
CA VAL B 551 45.28 -0.85 -32.22
C VAL B 551 46.17 0.34 -31.84
N THR B 552 47.26 0.57 -32.58
CA THR B 552 48.40 1.45 -32.24
C THR B 552 48.03 2.79 -31.58
N CYS B 553 47.19 3.54 -32.29
CA CYS B 553 46.64 4.83 -31.94
C CYS B 553 45.27 4.74 -31.24
N PHE B 554 44.61 3.61 -31.52
CA PHE B 554 43.16 3.52 -31.37
C PHE B 554 42.44 2.89 -30.18
N GLY B 555 41.79 3.75 -29.41
CA GLY B 555 40.74 3.29 -28.52
C GLY B 555 40.17 4.40 -27.64
N PRO B 556 39.05 4.12 -26.94
CA PRO B 556 38.42 5.05 -26.01
C PRO B 556 39.28 5.40 -24.79
N GLU B 557 40.41 4.73 -24.56
CA GLU B 557 41.26 4.93 -23.39
C GLU B 557 42.76 4.86 -23.75
N ALA B 558 43.56 5.54 -22.92
CA ALA B 558 45.01 5.51 -22.91
C ALA B 558 45.59 4.11 -23.10
N ASP B 559 44.98 3.11 -22.45
CA ASP B 559 45.42 1.72 -22.44
C ASP B 559 45.54 1.09 -23.83
N GLN B 560 44.74 1.51 -24.81
CA GLN B 560 44.85 0.98 -26.17
C GLN B 560 45.99 1.62 -26.97
N CYS B 561 46.42 2.82 -26.59
CA CYS B 561 47.42 3.61 -27.30
C CYS B 561 48.85 3.15 -27.06
N VAL B 562 49.18 1.94 -27.52
CA VAL B 562 50.50 1.34 -27.36
C VAL B 562 51.60 2.10 -28.11
N ALA B 563 51.25 2.77 -29.22
CA ALA B 563 52.20 3.56 -30.00
C ALA B 563 52.24 5.00 -29.47
N CYS B 564 53.43 5.58 -29.27
CA CYS B 564 53.57 6.93 -28.72
C CYS B 564 54.29 7.90 -29.67
N ALA B 565 53.76 9.11 -29.84
CA ALA B 565 54.38 10.16 -30.65
C ALA B 565 55.61 10.83 -29.98
N HIS B 566 55.59 10.88 -28.64
CA HIS B 566 56.70 11.49 -27.85
C HIS B 566 56.53 11.34 -26.34
N TYR B 567 57.65 11.25 -25.60
CA TYR B 567 57.68 11.11 -24.13
C TYR B 567 56.80 9.97 -23.58
N LYS B 568 57.05 8.73 -24.00
CA LYS B 568 56.21 7.57 -23.67
C LYS B 568 56.32 7.22 -22.17
N ASP B 569 55.27 7.36 -21.38
CA ASP B 569 55.29 6.84 -20.01
C ASP B 569 54.82 5.37 -20.08
N PRO B 570 55.51 4.37 -19.49
CA PRO B 570 55.20 2.97 -19.75
C PRO B 570 53.71 2.58 -19.84
N PRO B 571 52.79 3.05 -18.97
CA PRO B 571 51.36 2.79 -19.13
C PRO B 571 50.65 3.61 -20.23
N PHE B 572 51.14 4.79 -20.63
CA PHE B 572 50.53 5.67 -21.64
C PHE B 572 51.46 6.78 -22.18
N CYS B 573 51.31 7.17 -23.43
CA CYS B 573 52.03 8.30 -24.02
C CYS B 573 51.58 9.64 -23.40
N VAL B 574 52.51 10.49 -22.98
CA VAL B 574 52.21 11.80 -22.37
C VAL B 574 52.94 12.93 -23.10
N ALA B 575 52.46 14.17 -23.00
CA ALA B 575 53.10 15.32 -23.66
C ALA B 575 54.54 15.57 -23.21
N ARG B 576 54.84 15.37 -21.91
CA ARG B 576 56.14 15.53 -21.26
C ARG B 576 56.33 14.48 -20.17
N CYS B 577 57.57 14.05 -19.93
CA CYS B 577 57.87 13.17 -18.80
C CYS B 577 57.69 13.95 -17.46
N PRO B 578 56.90 13.44 -16.48
CA PRO B 578 56.64 14.15 -15.23
C PRO B 578 57.90 14.53 -14.43
N SER B 579 57.92 15.73 -13.84
CA SER B 579 59.03 16.16 -12.96
C SER B 579 58.77 15.82 -11.49
N ILE B 590 59.56 12.26 -7.87
CA ILE B 590 60.67 11.73 -8.68
C ILE B 590 60.60 12.33 -10.09
N TRP B 591 61.72 12.85 -10.59
CA TRP B 591 61.83 13.42 -11.94
C TRP B 591 62.08 12.32 -12.98
N LYS B 592 61.47 12.46 -14.17
CA LYS B 592 61.68 11.57 -15.32
C LYS B 592 62.16 12.32 -16.58
N PHE B 593 62.87 11.62 -17.48
CA PHE B 593 63.38 12.19 -18.75
C PHE B 593 63.16 11.23 -19.93
N PRO B 594 63.08 11.70 -21.19
CA PRO B 594 62.99 10.83 -22.37
C PRO B 594 64.28 10.05 -22.65
N ASP B 595 64.19 8.76 -22.99
CA ASP B 595 65.40 7.96 -23.32
C ASP B 595 65.58 7.87 -24.84
N GLU B 596 66.54 7.06 -25.32
CA GLU B 596 66.91 6.92 -26.73
C GLU B 596 65.79 6.35 -27.63
N GLU B 597 64.70 5.82 -27.06
CA GLU B 597 63.53 5.28 -27.75
C GLU B 597 62.30 6.21 -27.58
N GLY B 598 62.49 7.36 -26.93
CA GLY B 598 61.46 8.36 -26.66
C GLY B 598 60.59 8.06 -25.44
N ALA B 599 61.02 7.16 -24.54
CA ALA B 599 60.27 6.77 -23.35
C ALA B 599 60.84 7.41 -22.07
N CYS B 600 59.97 7.61 -21.08
CA CYS B 600 60.30 8.25 -19.80
C CYS B 600 61.02 7.31 -18.81
N GLN B 601 62.17 7.75 -18.28
CA GLN B 601 62.97 7.06 -17.25
C GLN B 601 63.28 8.01 -16.07
N PRO B 602 63.47 7.52 -14.84
CA PRO B 602 63.87 8.35 -13.69
C PRO B 602 65.19 9.10 -13.91
N CYS B 603 65.26 10.35 -13.48
CA CYS B 603 66.44 11.21 -13.61
C CYS B 603 67.51 10.94 -12.52
N PRO B 604 68.80 11.21 -12.79
CA PRO B 604 69.85 11.25 -11.76
C PRO B 604 69.73 12.46 -10.80
N ILE B 605 68.98 13.50 -11.19
CA ILE B 605 68.74 14.74 -10.43
C ILE B 605 67.22 14.91 -10.20
N ASN B 606 66.81 15.12 -8.95
CA ASN B 606 65.42 15.30 -8.54
C ASN B 606 65.21 16.66 -7.87
N GLY C 1 -15.44 -44.26 33.87
CA GLY C 1 -15.55 -42.99 33.17
C GLY C 1 -15.17 -43.05 31.70
N HIS C 2 -14.79 -41.89 31.13
CA HIS C 2 -14.42 -41.74 29.72
C HIS C 2 -12.91 -41.89 29.44
N PHE C 3 -12.09 -42.14 30.46
CA PHE C 3 -10.63 -42.19 30.33
C PHE C 3 -9.95 -43.29 31.17
N SER C 4 -8.72 -43.63 30.77
CA SER C 4 -7.82 -44.61 31.39
C SER C 4 -6.37 -44.12 31.44
N ARG C 5 -5.40 -45.03 31.61
CA ARG C 5 -3.97 -44.71 31.74
C ARG C 5 -3.36 -44.28 30.41
N CYS C 6 -2.39 -43.36 30.45
CA CYS C 6 -1.69 -42.91 29.26
C CYS C 6 -0.76 -43.97 28.63
N PRO C 7 -0.83 -44.18 27.30
CA PRO C 7 0.11 -45.03 26.55
C PRO C 7 1.57 -44.59 26.69
N LYS C 8 2.52 -45.51 26.51
CA LYS C 8 3.96 -45.28 26.75
C LYS C 8 4.53 -44.03 26.07
N GLN C 9 4.11 -43.72 24.84
CA GLN C 9 4.59 -42.54 24.11
C GLN C 9 4.18 -41.20 24.77
N TYR C 10 3.31 -41.24 25.77
CA TYR C 10 2.89 -40.08 26.56
C TYR C 10 3.49 -40.02 27.98
N LYS C 11 4.48 -40.84 28.30
CA LYS C 11 5.05 -40.81 29.67
C LYS C 11 5.33 -39.35 30.06
N HIS C 12 5.85 -38.50 29.15
CA HIS C 12 6.20 -37.11 29.42
C HIS C 12 5.25 -36.08 28.79
N TYR C 13 4.04 -36.49 28.41
CA TYR C 13 3.08 -35.61 27.74
C TYR C 13 2.78 -34.38 28.60
N CYS C 14 2.51 -34.60 29.88
CA CYS C 14 2.15 -33.57 30.83
C CYS C 14 3.33 -33.21 31.76
N ILE C 15 3.45 -31.95 32.18
CA ILE C 15 4.49 -31.46 33.10
C ILE C 15 3.85 -30.80 34.32
N LYS C 16 4.26 -31.14 35.56
CA LYS C 16 3.60 -30.68 36.81
C LYS C 16 2.10 -31.00 36.86
N GLY C 17 1.73 -32.22 36.47
CA GLY C 17 0.35 -32.69 36.49
C GLY C 17 0.23 -34.21 36.29
N ARG C 18 -1.00 -34.70 36.38
CA ARG C 18 -1.37 -36.13 36.28
C ARG C 18 -1.88 -36.43 34.88
N CYS C 19 -1.15 -37.22 34.11
CA CYS C 19 -1.54 -37.58 32.75
C CYS C 19 -2.66 -38.65 32.72
N ARG C 20 -3.71 -38.44 31.92
CA ARG C 20 -4.82 -39.37 31.69
C ARG C 20 -5.11 -39.45 30.19
N PHE C 21 -5.60 -40.57 29.68
CA PHE C 21 -5.92 -40.71 28.25
C PHE C 21 -7.41 -41.00 28.05
N VAL C 22 -8.11 -40.13 27.32
CA VAL C 22 -9.55 -40.19 27.06
C VAL C 22 -9.83 -41.23 25.99
N VAL C 23 -10.56 -42.27 26.34
CA VAL C 23 -10.83 -43.43 25.48
C VAL C 23 -11.88 -43.12 24.42
N ALA C 24 -12.96 -42.45 24.82
CA ALA C 24 -14.08 -42.09 23.94
C ALA C 24 -13.68 -41.24 22.72
N GLU C 25 -12.74 -40.30 22.87
CA GLU C 25 -12.19 -39.47 21.79
C GLU C 25 -10.74 -39.84 21.44
N GLN C 26 -10.22 -40.95 21.99
CA GLN C 26 -8.83 -41.42 21.83
C GLN C 26 -7.80 -40.27 21.90
N THR C 27 -7.92 -39.40 22.92
CA THR C 27 -7.13 -38.16 23.03
C THR C 27 -6.54 -37.97 24.44
N PRO C 28 -5.25 -37.70 24.60
CA PRO C 28 -4.65 -37.46 25.90
C PRO C 28 -5.08 -36.12 26.50
N SER C 29 -5.12 -36.03 27.82
CA SER C 29 -5.36 -34.81 28.59
C SER C 29 -4.67 -34.92 29.95
N CYS C 30 -4.53 -33.82 30.68
CA CYS C 30 -3.88 -33.82 31.99
C CYS C 30 -4.71 -33.09 33.05
N VAL C 31 -4.60 -33.56 34.29
CA VAL C 31 -5.15 -32.87 35.45
C VAL C 31 -4.01 -32.16 36.16
N CYS C 32 -4.03 -30.83 36.20
CA CYS C 32 -2.86 -30.06 36.63
C CYS C 32 -2.74 -30.00 38.16
N ASP C 33 -1.51 -29.95 38.67
CA ASP C 33 -1.29 -29.74 40.11
C ASP C 33 -1.69 -28.32 40.53
N GLU C 34 -1.92 -28.07 41.81
CA GLU C 34 -2.42 -26.77 42.27
C GLU C 34 -1.51 -25.63 41.79
N GLY C 35 -2.11 -24.62 41.16
CA GLY C 35 -1.42 -23.44 40.63
C GLY C 35 -0.94 -23.54 39.18
N TYR C 36 -1.12 -24.68 38.51
CA TYR C 36 -0.71 -24.86 37.11
C TYR C 36 -1.88 -25.01 36.13
N ILE C 37 -1.75 -24.43 34.94
CA ILE C 37 -2.73 -24.39 33.84
C ILE C 37 -2.04 -24.69 32.50
N GLY C 38 -2.83 -24.89 31.45
CA GLY C 38 -2.33 -25.11 30.08
C GLY C 38 -2.59 -26.54 29.63
N ALA C 39 -2.56 -26.78 28.32
CA ALA C 39 -2.87 -28.10 27.78
C ALA C 39 -2.00 -29.21 28.38
N ARG C 40 -0.74 -28.93 28.71
CA ARG C 40 0.22 -29.84 29.32
C ARG C 40 0.56 -29.43 30.76
N CYS C 41 -0.19 -28.50 31.35
CA CYS C 41 0.05 -27.88 32.67
C CYS C 41 1.40 -27.15 32.78
N GLU C 42 1.88 -26.66 31.65
CA GLU C 42 3.15 -26.03 31.38
C GLU C 42 3.25 -24.55 31.81
N ARG C 43 2.24 -23.98 32.47
CA ARG C 43 2.22 -22.57 32.92
C ARG C 43 1.60 -22.42 34.30
N VAL C 44 1.99 -21.40 35.04
CA VAL C 44 1.41 -21.06 36.34
C VAL C 44 0.16 -20.18 36.18
N ASP C 45 -0.79 -20.32 37.11
CA ASP C 45 -2.06 -19.59 37.13
C ASP C 45 -1.93 -18.20 37.78
N LEU C 46 -2.15 -17.13 37.02
CA LEU C 46 -2.04 -15.77 37.55
C LEU C 46 -3.14 -15.39 38.55
N PHE C 47 -4.25 -16.13 38.63
CA PHE C 47 -5.32 -15.80 39.57
C PHE C 47 -5.23 -16.59 40.89
N TYR C 48 -4.18 -17.38 41.09
CA TYR C 48 -3.98 -18.16 42.31
C TYR C 48 -3.25 -17.37 43.40
C1 NAG D . -31.71 -12.77 21.82
C2 NAG D . -31.05 -11.54 21.17
C3 NAG D . -31.92 -10.31 21.30
C4 NAG D . -33.30 -10.58 20.70
C5 NAG D . -33.88 -11.81 21.38
C6 NAG D . -35.20 -12.24 20.77
C7 NAG D . -28.66 -11.09 21.00
C8 NAG D . -27.89 -12.32 20.65
N2 NAG D . -29.75 -11.28 21.74
O3 NAG D . -31.26 -9.25 20.63
O4 NAG D . -34.24 -9.51 20.87
O5 NAG D . -33.00 -12.93 21.25
O6 NAG D . -35.42 -13.64 20.97
O7 NAG D . -28.32 -9.98 20.63
H1 NAG D . -31.71 -12.75 22.90
H2 NAG D . -30.92 -11.76 20.10
H3 NAG D . -32.04 -10.07 22.36
H4 NAG D . -33.19 -10.78 19.63
H5 NAG D . -34.04 -11.61 22.44
H61 NAG D . -36.01 -11.69 21.24
H62 NAG D . -35.19 -12.03 19.71
H81 NAG D . -28.19 -12.66 19.66
H82 NAG D . -28.11 -13.11 21.39
H83 NAG D . -26.82 -12.11 20.66
HN2 NAG D . -29.68 -11.24 22.74
HO3 NAG D . -30.68 -8.80 21.25
HO6 NAG D . -36.26 -13.89 20.58
C1 NAG D . -33.99 -8.30 21.63
C2 NAG D . -33.98 -7.13 20.66
C3 NAG D . -33.71 -5.84 21.42
C4 NAG D . -34.77 -5.66 22.49
C5 NAG D . -34.76 -6.89 23.40
C6 NAG D . -35.84 -6.83 24.45
C7 NAG D . -33.19 -6.62 18.41
C8 NAG D . -32.00 -5.84 17.98
N2 NAG D . -33.07 -7.29 19.55
O3 NAG D . -33.67 -4.75 20.53
O4 NAG D . -34.52 -4.52 23.31
O5 NAG D . -34.99 -8.08 22.61
O6 NAG D . -36.24 -8.14 24.84
O7 NAG D . -34.23 -6.64 17.75
H1 NAG D . -33.01 -8.37 22.12
H2 NAG D . -34.99 -7.05 20.24
H3 NAG D . -32.74 -5.92 21.91
H4 NAG D . -35.75 -5.57 22.02
H5 NAG D . -33.78 -6.96 23.88
H61 NAG D . -35.45 -6.31 25.32
H62 NAG D . -36.69 -6.29 24.06
H81 NAG D . -32.09 -4.81 18.35
H82 NAG D . -31.10 -6.29 18.39
H83 NAG D . -31.94 -5.82 16.90
HN2 NAG D . -32.30 -7.94 19.65
HO3 NAG D . -34.37 -4.85 19.87
HO6 NAG D . -36.92 -8.08 25.51
C1 BMA D . -34.86 -3.20 22.82
C2 BMA D . -36.29 -3.11 22.36
C3 BMA D . -36.59 -1.72 21.86
C4 BMA D . -36.31 -0.73 22.95
C5 BMA D . -34.87 -0.87 23.41
C6 BMA D . -34.54 0.03 24.58
O2 BMA D . -37.18 -3.51 23.39
O3 BMA D . -37.96 -1.67 21.45
O4 BMA D . -36.51 0.60 22.46
O5 BMA D . -34.64 -2.22 23.85
O6 BMA D . -33.37 -0.42 25.26
H1 BMA D . -34.20 -2.97 21.99
H2 BMA D . -36.40 -3.80 21.52
H3 BMA D . -35.95 -1.50 20.99
H4 BMA D . -36.98 -0.90 23.79
H5 BMA D . -34.21 -0.64 22.58
H61 BMA D . -34.38 1.04 24.22
H62 BMA D . -35.38 0.02 25.29
HO2 BMA D . -38.08 -3.44 23.07
HO4 BMA D . -37.42 0.69 22.16
HO6 BMA D . -33.18 0.16 26.00
C1 MAN D . -38.33 -1.85 20.07
C2 MAN D . -39.25 -3.05 20.00
C3 MAN D . -38.50 -4.36 19.91
C4 MAN D . -37.46 -4.34 18.82
C5 MAN D . -36.57 -3.11 18.90
C6 MAN D . -35.72 -2.95 17.66
O2 MAN D . -40.14 -2.91 18.89
O3 MAN D . -39.44 -5.42 19.67
O4 MAN D . -36.64 -5.49 18.94
O5 MAN D . -37.35 -1.90 19.02
O6 MAN D . -34.42 -3.47 17.87
H1 MAN D . -38.96 -0.99 19.82
H2 MAN D . -39.85 -3.06 20.91
H3 MAN D . -38.00 -4.55 20.86
H4 MAN D . -37.97 -4.36 17.85
H5 MAN D . -35.92 -3.20 19.77
H61 MAN D . -36.20 -3.48 16.84
H62 MAN D . -35.65 -1.89 17.41
HO2 MAN D . -40.66 -2.11 19.00
HO3 MAN D . -39.90 -5.25 18.85
HO4 MAN D . -36.46 -5.84 18.06
HO6 MAN D . -33.78 -2.77 17.76
C1 NAG E . 27.05 -11.94 14.11
C2 NAG E . 27.96 -12.59 15.16
C3 NAG E . 29.34 -12.92 14.59
C4 NAG E . 29.23 -13.74 13.31
C5 NAG E . 28.33 -12.95 12.35
C6 NAG E . 28.10 -13.65 11.04
C7 NAG E . 27.87 -12.04 17.55
C8 NAG E . 27.92 -10.92 18.55
N2 NAG E . 28.11 -11.69 16.29
O3 NAG E . 30.07 -13.63 15.59
O4 NAG E . 30.46 -14.03 12.63
O5 NAG E . 27.04 -12.81 12.99
O6 NAG E . 27.53 -12.76 10.07
O7 NAG E . 27.64 -13.20 17.88
H1 NAG E . 27.44 -10.96 13.83
H2 NAG E . 27.49 -13.51 15.51
H3 NAG E . 29.87 -12.00 14.37
H4 NAG E . 28.74 -14.68 13.54
H5 NAG E . 28.77 -11.97 12.18
H61 NAG E . 29.06 -14.02 10.66
H62 NAG E . 27.42 -14.50 11.18
H81 NAG E . 27.71 -11.31 19.54
H82 NAG E . 28.90 -10.46 18.53
H83 NAG E . 27.16 -10.18 18.29
HN2 NAG E . 28.40 -10.75 16.11
HO3 NAG E . 30.96 -13.30 15.62
HO6 NAG E . 28.12 -12.02 9.95
C1 NAG E . 31.72 -13.22 12.66
C2 NAG E . 31.74 -11.89 11.91
C3 NAG E . 33.01 -11.08 12.18
C4 NAG E . 33.27 -10.99 13.67
C5 NAG E . 33.46 -12.43 14.15
C6 NAG E . 33.85 -12.54 15.61
C7 NAG E . 30.69 -11.56 9.69
C8 NAG E . 30.79 -11.92 8.24
N2 NAG E . 31.65 -12.06 10.47
O3 NAG E . 32.90 -9.78 11.62
O4 NAG E . 34.39 -10.16 13.99
O5 NAG E . 32.19 -13.09 14.00
O6 NAG E . 32.87 -11.95 16.45
O7 NAG E . 29.79 -10.86 10.12
H1 NAG E . 32.47 -13.85 12.16
H2 NAG E . 30.88 -11.30 12.23
H3 NAG E . 33.84 -11.59 11.70
H4 NAG E . 32.38 -10.58 14.16
H5 NAG E . 34.21 -12.93 13.53
H61 NAG E . 34.81 -12.03 15.75
H62 NAG E . 33.96 -13.59 15.87
H81 NAG E . 29.96 -11.46 7.70
H82 NAG E . 30.75 -13.00 8.12
H83 NAG E . 31.73 -11.54 7.84
HN2 NAG E . 32.37 -12.60 10.02
HO3 NAG E . 32.18 -9.30 12.04
HO6 NAG E . 33.14 -12.03 17.37
C1 BMA E . 35.74 -10.30 13.45
C2 BMA E . 36.68 -9.33 14.19
C3 BMA E . 38.15 -9.44 13.78
C4 BMA E . 38.64 -10.92 13.69
C5 BMA E . 37.61 -11.85 13.01
C6 BMA E . 37.94 -13.34 13.12
O2 BMA E . 36.60 -9.57 15.63
O3 BMA E . 38.91 -8.63 14.77
O4 BMA E . 39.85 -10.95 12.90
O5 BMA E . 36.28 -11.65 13.62
O6 BMA E . 38.95 -13.76 12.11
H1 BMA E . 35.73 -10.05 12.39
H2 BMA E . 36.35 -8.30 14.00
H3 BMA E . 38.26 -8.99 12.79
H4 BMA E . 38.85 -11.28 14.69
H5 BMA E . 37.55 -11.58 11.96
H61 BMA E . 38.34 -13.55 14.11
H62 BMA E . 37.03 -13.92 12.97
HO2 BMA E . 35.68 -9.51 15.91
HO4 BMA E . 40.21 -10.07 12.82
C1 MAN E . 40.35 -8.83 14.97
C2 MAN E . 40.85 -7.79 16.00
C3 MAN E . 40.81 -6.38 15.41
C4 MAN E . 41.56 -6.28 14.07
C5 MAN E . 41.05 -7.34 13.06
C6 MAN E . 41.88 -7.42 11.79
O2 MAN E . 42.20 -8.10 16.39
O3 MAN E . 41.40 -5.47 16.37
O4 MAN E . 41.34 -4.96 13.54
O5 MAN E . 41.06 -8.69 13.69
O6 MAN E . 41.87 -6.15 11.10
H1 MAN E . 40.52 -9.83 15.37
H2 MAN E . 40.21 -7.83 16.87
H3 MAN E . 39.78 -6.09 15.24
H4 MAN E . 42.63 -6.43 14.24
H5 MAN E . 40.02 -7.09 12.80
H61 MAN E . 42.92 -7.68 12.03
H62 MAN E . 41.47 -8.19 11.13
HO2 MAN E . 42.24 -8.99 16.76
HO3 MAN E . 41.39 -4.57 16.02
HO4 MAN E . 41.48 -4.96 12.59
HO6 MAN E . 42.72 -6.00 10.68
C1 MAN E . 38.40 -14.30 10.86
C2 MAN E . 39.47 -15.17 10.17
C3 MAN E . 40.59 -14.33 9.56
C4 MAN E . 40.05 -13.20 8.67
C5 MAN E . 39.02 -12.34 9.43
C6 MAN E . 38.34 -11.28 8.55
O2 MAN E . 38.86 -15.96 9.11
O3 MAN E . 41.46 -15.19 8.78
O4 MAN E . 41.19 -12.37 8.28
O5 MAN E . 37.96 -13.22 9.97
O6 MAN E . 39.34 -10.38 8.00
H1 MAN E . 37.53 -14.93 11.11
H2 MAN E . 39.89 -15.85 10.91
H3 MAN E . 41.17 -13.89 10.37
H4 MAN E . 39.59 -13.62 7.78
H5 MAN E . 39.53 -11.84 10.25
H61 MAN E . 37.81 -11.76 7.74
H62 MAN E . 37.64 -10.70 9.16
HO2 MAN E . 38.15 -16.50 9.48
HO3 MAN E . 41.83 -15.86 9.35
HO4 MAN E . 40.88 -11.49 8.05
HO6 MAN E . 39.08 -10.12 7.12
C1 NAG F . 8.10 8.85 42.93
C2 NAG F . 8.63 10.03 43.73
C3 NAG F . 7.63 11.19 43.74
C4 NAG F . 7.26 11.60 42.31
C5 NAG F . 6.88 10.35 41.52
C6 NAG F . 6.70 10.63 40.05
C7 NAG F . 10.18 9.59 45.60
C8 NAG F . 10.29 9.17 47.03
N2 NAG F . 8.95 9.67 45.11
O3 NAG F . 8.19 12.28 44.45
O4 NAG F . 6.16 12.50 42.34
O5 NAG F . 7.93 9.38 41.62
O6 NAG F . 6.35 9.45 39.34
O7 NAG F . 11.17 9.87 44.93
H1 NAG F . 7.17 8.46 43.35
H2 NAG F . 9.55 10.38 43.27
H3 NAG F . 6.73 10.86 44.25
H4 NAG F . 8.12 12.09 41.84
H5 NAG F . 5.95 9.94 41.92
H61 NAG F . 5.90 11.37 39.92
H62 NAG F . 7.62 11.04 39.64
H81 NAG F . 11.34 9.14 47.33
H82 NAG F . 9.75 9.88 47.66
H83 NAG F . 9.86 8.18 47.15
HN2 NAG F . 8.17 9.45 45.72
HO3 NAG F . 8.21 13.06 43.88
HO6 NAG F . 5.63 9.63 38.73
C1 NAG F . 6.37 13.83 41.75
C2 NAG F . 5.03 14.44 41.35
C3 NAG F . 5.23 15.81 40.71
C4 NAG F . 6.08 16.73 41.57
C5 NAG F . 7.36 15.99 41.97
C6 NAG F . 8.24 16.74 42.93
C7 NAG F . 3.14 12.98 40.77
C8 NAG F . 2.59 12.06 39.72
N2 NAG F . 4.31 13.55 40.47
O3 NAG F . 3.96 16.39 40.45
O4 NAG F . 6.41 17.92 40.84
O5 NAG F . 7.02 14.74 42.61
O6 NAG F . 7.49 17.13 44.09
O7 NAG F . 2.56 13.18 41.82
H1 NAG F . 6.98 13.71 40.85
H2 NAG F . 4.44 14.58 42.26
H3 NAG F . 5.74 15.67 39.75
H4 NAG F . 5.52 17.00 42.47
H5 NAG F . 7.93 15.76 41.07
H61 NAG F . 8.61 17.65 42.45
H62 NAG F . 9.07 16.12 43.24
H81 NAG F . 1.64 11.65 40.06
H82 NAG F . 3.29 11.24 39.53
H83 NAG F . 2.43 12.61 38.79
HN2 NAG F . 4.72 13.35 39.57
HO3 NAG F . 3.95 17.30 40.76
HO6 NAG F . 7.25 18.06 44.02
C1 BMA F . 6.12 19.22 41.45
C2 BMA F . 4.76 19.78 40.99
C3 BMA F . 4.52 21.15 41.64
C4 BMA F . 4.68 21.11 43.17
C5 BMA F . 6.02 20.48 43.59
C6 BMA F . 6.12 20.22 45.10
O2 BMA F . 3.66 18.91 41.37
O3 BMA F . 3.19 21.60 41.30
O4 BMA F . 4.64 22.48 43.65
O5 BMA F . 6.18 19.17 42.91
O6 BMA F . 7.42 19.67 45.41
H1 BMA F . 6.89 19.92 41.11
H2 BMA F . 4.76 19.90 39.90
H3 BMA F . 5.25 21.86 41.24
H4 BMA F . 3.85 20.55 43.61
H5 BMA F . 6.83 21.14 43.29
H61 BMA F . 5.99 21.15 45.64
H62 BMA F . 5.35 19.51 45.40
HO2 BMA F . 2.84 19.25 41.02
HO3 BMA F . 2.54 20.97 41.63
HO4 BMA F . 4.73 22.49 44.61
HO6 BMA F . 7.84 20.22 46.08
C1 NAG G . 33.61 24.25 25.05
C2 NAG G . 32.81 23.61 23.92
C3 NAG G . 31.63 24.52 23.58
C4 NAG G . 30.79 24.74 24.82
C5 NAG G . 31.67 25.33 25.92
C6 NAG G . 30.95 25.53 27.22
C7 NAG G . 33.65 22.18 22.15
C8 NAG G . 35.02 21.67 21.81
N2 NAG G . 33.61 23.37 22.75
O3 NAG G . 30.89 23.95 22.51
O4 NAG G . 29.68 25.63 24.64
O5 NAG G . 32.77 24.45 26.18
O6 NAG G . 31.88 25.84 28.26
O7 NAG G . 32.64 21.55 21.88
H2 NAG G . 32.42 22.66 24.27
H3 NAG G . 32.03 25.49 23.25
H4 NAG G . 30.40 23.77 25.15
H5 NAG G . 32.05 26.29 25.57
H61 NAG G . 30.42 24.61 27.49
H62 NAG G . 30.23 26.34 27.13
H81 NAG G . 34.95 20.65 21.44
H82 NAG G . 35.47 22.31 21.05
H83 NAG G . 35.64 21.69 22.71
HN2 NAG G . 34.17 24.12 22.38
HO3 NAG G . 30.39 24.65 22.06
HO6 NAG G . 31.92 25.11 28.89
C1 NAG G . 29.45 26.58 23.58
C2 NAG G . 30.57 27.55 23.17
C3 NAG G . 29.98 28.58 22.21
C4 NAG G . 29.40 27.87 21.01
C5 NAG G . 28.33 26.89 21.49
C6 NAG G . 27.73 26.06 20.39
C7 NAG G . 32.49 28.64 24.23
C8 NAG G . 33.59 27.65 24.00
N2 NAG G . 31.25 28.15 24.30
O3 NAG G . 30.97 29.52 21.81
O4 NAG G . 28.87 28.82 20.08
O5 NAG G . 28.92 25.96 22.42
O6 NAG G . 28.72 25.26 19.76
O7 NAG G . 32.71 29.85 24.34
H1 NAG G . 28.64 27.22 23.94
H2 NAG G . 31.31 26.96 22.61
H3 NAG G . 29.19 29.12 22.73
H4 NAG G . 30.19 27.30 20.52
H5 NAG G . 27.53 27.45 22.00
H61 NAG G . 26.95 25.41 20.81
H62 NAG G . 27.27 26.72 19.64
H81 NAG G . 34.38 28.12 23.41
H82 NAG G . 33.19 26.78 23.47
H83 NAG G . 33.99 27.34 24.96
HN2 NAG G . 30.76 28.21 25.18
HO3 NAG G . 31.33 29.95 22.59
HO6 NAG G . 28.32 24.74 19.06
C1 BMA G . 27.81 29.85 20.24
C2 BMA G . 27.11 30.02 18.92
C3 BMA G . 26.05 31.09 18.99
C4 BMA G . 25.11 30.83 20.16
C5 BMA G . 25.90 30.68 21.44
C6 BMA G . 25.04 30.30 22.62
O2 BMA G . 26.55 28.77 18.50
O3 BMA G . 25.31 31.12 17.77
O4 BMA G . 24.18 31.90 20.30
O5 BMA G . 26.86 29.63 21.29
O6 BMA G . 23.90 29.56 22.18
H1 BMA G . 28.32 30.79 20.47
H2 BMA G . 27.85 30.32 18.18
H3 BMA G . 26.52 32.06 19.14
H4 BMA G . 24.55 29.91 19.98
H5 BMA G . 26.42 31.62 21.66
H61 BMA G . 25.61 29.69 23.31
H62 BMA G . 24.70 31.21 23.13
HO2 BMA G . 25.91 28.47 19.16
HO3 BMA G . 24.63 31.81 17.82
HO4 BMA G . 23.68 32.01 19.49
C1 MAN G . 23.83 28.31 22.90
C2 MAN G . 24.53 27.24 22.11
C3 MAN G . 23.78 26.92 20.82
C4 MAN G . 22.31 26.67 21.10
C5 MAN G . 21.72 27.81 21.92
C6 MAN G . 20.29 27.56 22.32
O2 MAN G . 24.70 26.07 22.90
O3 MAN G . 24.36 25.77 20.19
O4 MAN G . 21.59 26.54 19.88
O5 MAN G . 22.47 27.95 23.13
O6 MAN G . 20.09 26.21 22.71
H1 MAN G . 24.34 28.43 23.86
H2 MAN G . 25.52 27.61 21.83
H3 MAN G . 23.86 27.77 20.14
H4 MAN G . 22.21 25.73 21.67
H5 MAN G . 21.79 28.73 21.35
H61 MAN G . 19.64 27.79 21.48
H62 MAN G . 20.03 28.22 23.16
HO2 MAN G . 23.84 25.75 23.18
HO3 MAN G . 24.31 25.02 20.79
HO4 MAN G . 21.95 25.82 19.36
HO6 MAN G . 19.31 26.14 23.25
C1 NAG H . 25.94 19.47 29.25
C2 NAG H . 26.29 18.07 28.76
C3 NAG H . 26.13 17.94 27.24
C4 NAG H . 24.74 18.39 26.82
C5 NAG H . 24.55 19.82 27.31
C6 NAG H . 23.19 20.40 26.97
C7 NAG H . 27.88 16.75 30.09
C8 NAG H . 29.29 16.67 30.59
N2 NAG H . 27.62 17.69 29.18
O3 NAG H . 26.37 16.60 26.84
O4 NAG H . 24.60 18.35 25.39
O5 NAG H . 24.65 19.82 28.75
O6 NAG H . 23.03 21.70 27.53
O7 NAG H . 27.00 16.00 30.52
H1 NAG H . 26.70 20.21 29.00
H2 NAG H . 25.58 17.37 29.22
H3 NAG H . 26.87 18.58 26.76
H4 NAG H . 23.99 17.75 27.27
H5 NAG H . 25.33 20.45 26.90
H61 NAG H . 23.10 20.45 25.89
H62 NAG H . 22.42 19.75 27.36
H81 NAG H . 29.38 15.86 31.31
H82 NAG H . 29.95 16.47 29.75
H83 NAG H . 29.57 17.61 31.05
HN2 NAG H . 28.41 18.16 28.75
HO3 NAG H . 26.27 16.52 25.90
HO6 NAG H . 22.17 22.05 27.30
C1 NAG H . 23.31 17.81 24.90
C2 NAG H . 23.01 18.25 23.48
C3 NAG H . 21.65 17.73 23.00
C4 NAG H . 21.51 16.22 23.22
C5 NAG H . 21.92 15.89 24.65
C6 NAG H . 21.95 14.40 24.91
C7 NAG H . 23.82 20.40 22.57
C8 NAG H . 23.71 21.89 22.68
N2 NAG H . 23.04 19.70 23.39
O3 NAG H . 21.49 18.06 21.63
O4 NAG H . 20.16 15.82 22.99
O5 NAG H . 23.24 16.39 24.92
O6 NAG H . 22.25 14.14 26.28
O7 NAG H . 24.60 19.87 21.79
H1 NAG H . 22.51 18.19 25.55
H2 NAG H . 23.78 17.86 22.82
H3 NAG H . 20.87 18.23 23.58
H4 NAG H . 22.17 15.70 22.52
H5 NAG H . 21.21 16.35 25.34
H61 NAG H . 20.99 13.97 24.66
H62 NAG H . 22.72 13.95 24.28
H81 NAG H . 24.38 22.36 21.97
H82 NAG H . 22.68 22.19 22.45
H83 NAG H . 23.96 22.20 23.69
HN2 NAG H . 22.43 20.21 24.00
HO3 NAG H . 20.63 17.75 21.33
HO6 NAG H . 22.26 13.18 26.42
C1 BMA H . 19.77 15.13 21.75
C2 BMA H . 18.48 15.76 21.18
C3 BMA H . 18.08 15.06 19.88
C4 BMA H . 19.22 15.12 18.84
C5 BMA H . 20.54 14.58 19.42
C6 BMA H . 21.74 14.84 18.51
O2 BMA H . 18.73 17.17 20.93
O3 BMA H . 16.90 15.70 19.34
O4 BMA H . 18.82 14.32 17.70
O5 BMA H . 20.81 15.25 20.71
O6 BMA H . 21.54 14.22 17.23
H1 BMA H . 19.59 14.08 21.97
H2 BMA H . 17.68 15.66 21.92
H3 BMA H . 17.86 14.02 20.09
H4 BMA H . 19.36 16.16 18.51
H5 BMA H . 20.44 13.51 19.59
H61 BMA H . 21.86 15.92 18.37
H62 BMA H . 22.64 14.45 18.98
HO2 BMA H . 18.12 17.70 21.43
HO3 BMA H . 16.19 15.62 19.98
HO4 BMA H . 19.59 14.08 17.19
HO6 BMA H . 21.92 14.77 16.54
C1 NAG I . -20.39 -1.08 16.43
C2 NAG I . -21.23 -2.14 17.14
C3 NAG I . -22.16 -1.50 18.16
C4 NAG I . -21.40 -0.61 19.13
C5 NAG I . -20.51 0.35 18.34
C6 NAG I . -19.60 1.16 19.22
C7 NAG I . -21.72 -4.23 15.92
C8 NAG I . -22.66 -4.90 14.98
N2 NAG I . -21.98 -2.95 16.20
O3 NAG I . -22.87 -2.52 18.85
O4 NAG I . -22.32 0.12 19.94
O5 NAG I . -19.67 -0.41 17.45
O6 NAG I . -18.80 2.06 18.43
O7 NAG I . -20.77 -4.83 16.41
H1 NAG I . -20.99 -0.41 15.82
H2 NAG I . -20.54 -2.80 17.68
H3 NAG I . -22.88 -0.89 17.62
H4 NAG I . -20.77 -1.23 19.77
H5 NAG I . -21.15 1.01 17.75
H61 NAG I . -20.20 1.74 19.92
H62 NAG I . -18.94 0.49 19.78
H81 NAG I . -22.36 -5.94 14.82
H82 NAG I . -22.65 -4.37 14.03
H83 NAG I . -23.67 -4.87 15.39
HN2 NAG I . -22.75 -2.51 15.72
HO3 NAG I . -22.48 -2.63 19.72
HO6 NAG I . -18.22 2.56 19.01
C1 NAG I . -22.21 -0.13 21.37
C2 NAG I . -23.33 0.58 22.11
C3 NAG I . -23.14 0.38 23.62
C4 NAG I . -22.98 -1.10 23.97
C5 NAG I . -21.92 -1.74 23.07
C6 NAG I . -21.81 -3.24 23.23
C7 NAG I . -24.35 2.56 21.08
C8 NAG I . -24.25 4.05 20.92
N2 NAG I . -23.39 1.99 21.80
O3 NAG I . -24.26 0.93 24.30
O4 NAG I . -22.57 -1.22 25.32
O5 NAG I . -22.29 -1.50 21.69
O6 NAG I . -21.37 -3.58 24.54
O7 NAG I . -25.27 1.92 20.57
H1 NAG I . -21.25 0.26 21.72
H2 NAG I . -24.27 0.13 21.82
H3 NAG I . -22.25 0.91 23.94
H4 NAG I . -23.93 -1.61 23.83
H5 NAG I . -20.96 -1.27 23.26
H61 NAG I . -22.77 -3.70 23.04
H62 NAG I . -21.08 -3.62 22.51
H81 NAG I . -25.08 4.40 20.32
H82 NAG I . -24.28 4.52 21.90
H83 NAG I . -23.31 4.29 20.43
HN2 NAG I . -22.64 2.58 22.14
HO3 NAG I . -24.28 0.61 25.21
HO6 NAG I . -21.41 -2.81 25.11
C1 BMA I . -23.63 -1.65 26.21
C2 BMA I . -23.10 -2.71 27.15
C3 BMA I . -24.14 -3.10 28.18
C4 BMA I . -24.71 -1.88 28.87
C5 BMA I . -25.19 -0.85 27.85
C6 BMA I . -25.64 0.45 28.46
O2 BMA I . -21.90 -2.25 27.77
O3 BMA I . -23.54 -3.97 29.13
O4 BMA I . -25.80 -2.27 29.70
O5 BMA I . -24.10 -0.53 26.96
O6 BMA I . -26.85 0.30 29.19
H1 BMA I . -24.44 -2.06 25.62
H2 BMA I . -22.86 -3.59 26.55
H3 BMA I . -24.94 -3.63 27.67
H4 BMA I . -23.94 -1.43 29.49
H5 BMA I . -26.00 -1.27 27.26
H61 BMA I . -24.86 0.81 29.14
H62 BMA I . -25.79 1.18 27.67
HO2 BMA I . -21.24 -2.07 27.10
HO3 BMA I . -23.07 -4.67 28.69
HO4 BMA I . -26.44 -1.57 29.75
HO6 BMA I . -26.89 0.95 29.89
C1 NAG J . -44.00 24.03 -31.56
C2 NAG J . -43.01 24.79 -30.64
C3 NAG J . -43.92 25.63 -29.70
C4 NAG J . -45.05 26.41 -30.41
C5 NAG J . -45.78 25.63 -31.49
C6 NAG J . -46.65 26.50 -32.41
C7 NAG J . -40.95 23.97 -29.58
C8 NAG J . -40.32 22.94 -28.63
N2 NAG J . -42.25 23.83 -29.83
O3 NAG J . -43.12 26.56 -28.92
O4 NAG J . -46.07 26.75 -29.41
O5 NAG J . -44.76 24.97 -32.33
O6 NAG J . -47.11 25.72 -33.53
O7 NAG J . -40.28 24.88 -30.08
H1 NAG J . -44.70 23.48 -30.91
H2 NAG J . -42.35 25.42 -31.22
H3 NAG J . -44.40 24.93 -29.00
H4 NAG J . -44.63 27.33 -30.84
H5 NAG J . -46.41 24.87 -31.02
H61 NAG J . -47.51 26.87 -31.85
H62 NAG J . -46.07 27.35 -32.77
H81 NAG J . -40.40 23.31 -27.61
H82 NAG J . -39.27 22.79 -28.88
H83 NAG J . -40.85 21.99 -28.72
HN2 NAG J . -42.73 23.03 -29.45
HO3 NAG J . -43.46 27.44 -29.06
HO6 NAG J . -47.65 26.26 -34.10
C1 NAG J . -46.31 28.18 -29.35
C2 NAG J . -47.60 28.58 -28.66
C3 NAG J . -47.72 30.10 -28.56
C4 NAG J . -46.46 30.71 -27.97
C5 NAG J . -45.24 30.22 -28.74
C6 NAG J . -43.92 30.70 -28.16
C7 NAG J . -49.60 27.14 -28.80
C8 NAG J . -50.68 26.64 -29.71
N2 NAG J . -48.74 28.00 -29.34
O3 NAG J . -48.86 30.45 -27.79
O4 NAG J . -46.55 32.14 -28.06
O5 NAG J . -45.20 28.79 -28.69
O6 NAG J . -43.83 32.13 -28.23
O7 NAG J . -49.50 26.76 -27.64
H1 NAG J . -46.34 28.56 -30.38
H2 NAG J . -47.59 28.19 -27.64
H3 NAG J . -47.86 30.50 -29.57
H4 NAG J . -46.37 30.42 -26.93
H5 NAG J . -45.30 30.54 -29.78
H61 NAG J . -43.86 30.38 -27.11
H62 NAG J . -43.10 30.26 -28.72
H81 NAG J . -51.32 25.95 -29.16
H82 NAG J . -50.24 26.14 -30.56
H83 NAG J . -51.28 27.49 -30.05
HN2 NAG J . -48.89 28.28 -30.30
HO3 NAG J . -49.65 30.10 -28.20
HO4 NAG J . -45.67 32.51 -28.14
HO6 NAG J . -43.31 32.45 -27.48
C1 NAG K . -17.75 -7.39 -18.00
C2 NAG K . -19.12 -7.60 -18.66
C3 NAG K . -19.05 -8.72 -19.70
C4 NAG K . -17.95 -8.51 -20.72
C5 NAG K . -16.65 -8.17 -19.99
C6 NAG K . -15.54 -7.75 -20.91
C7 NAG K . -21.05 -7.04 -17.24
C8 NAG K . -21.89 -7.50 -16.09
N2 NAG K . -20.09 -7.88 -17.64
O3 NAG K . -20.32 -8.82 -20.34
O4 NAG K . -17.76 -9.70 -21.50
O5 NAG K . -16.89 -7.07 -19.08
O6 NAG K . -14.35 -7.46 -20.18
O7 NAG K . -21.23 -5.95 -17.79
H1 NAG K . -17.41 -8.27 -17.45
H2 NAG K . -19.39 -6.69 -19.16
H3 NAG K . -18.86 -9.66 -19.18
H4 NAG K . -18.21 -7.68 -21.38
H5 NAG K . -16.34 -9.04 -19.41
H61 NAG K . -15.84 -6.86 -21.45
H62 NAG K . -15.34 -8.55 -21.62
H81 NAG K . -22.63 -6.73 -15.86
H82 NAG K . -22.40 -8.43 -16.36
H83 NAG K . -21.25 -7.66 -15.23
HN2 NAG K . -20.06 -8.79 -17.19
HO3 NAG K . -20.29 -9.52 -21.00
HO6 NAG K . -13.65 -7.19 -20.79
C1 NAG K . -17.64 -9.57 -22.96
C2 NAG K . -16.76 -10.69 -23.50
C3 NAG K . -16.61 -10.57 -25.01
C4 NAG K . -17.96 -10.53 -25.70
C5 NAG K . -18.86 -9.51 -25.03
C6 NAG K . -20.29 -9.58 -25.51
C7 NAG K . -15.04 -11.59 -21.98
C8 NAG K . -13.77 -11.25 -21.26
N2 NAG K . -15.45 -10.68 -22.86
O3 NAG K . -15.82 -11.65 -25.49
O4 NAG K . -17.78 -10.18 -27.08
O5 NAG K . -18.90 -9.73 -23.60
O6 NAG K . -21.11 -8.63 -24.83
O7 NAG K . -15.66 -12.63 -21.76
H1 NAG K . -17.22 -8.60 -23.22
H2 NAG K . -17.24 -11.64 -23.28
H3 NAG K . -16.08 -9.64 -25.24
H4 NAG K . -18.43 -11.52 -25.64
H5 NAG K . -18.47 -8.51 -25.21
H61 NAG K . -20.31 -9.37 -26.58
H62 NAG K . -20.68 -10.58 -25.32
H81 NAG K . -13.52 -12.05 -20.56
H82 NAG K . -12.96 -11.13 -21.98
H83 NAG K . -13.91 -10.32 -20.71
HN2 NAG K . -14.82 -9.94 -23.10
HO3 NAG K . -16.38 -12.26 -25.99
HO6 NAG K . -22.01 -8.69 -25.16
C1 BMA K . -18.30 -11.16 -28.04
C2 BMA K . -18.31 -10.55 -29.47
C3 BMA K . -18.83 -11.58 -30.47
C4 BMA K . -18.04 -12.89 -30.42
C5 BMA K . -17.98 -13.47 -28.99
C6 BMA K . -16.97 -14.63 -28.83
O2 BMA K . -16.97 -10.17 -29.86
O3 BMA K . -18.75 -11.02 -31.80
O4 BMA K . -18.71 -13.84 -31.28
O5 BMA K . -17.54 -12.41 -28.05
O6 BMA K . -17.37 -15.71 -29.70
H1 BMA K . -19.34 -11.38 -27.77
H2 BMA K . -18.96 -9.67 -29.48
H3 BMA K . -19.88 -11.79 -30.24
H4 BMA K . -17.03 -12.72 -30.78
H5 BMA K . -18.98 -13.81 -28.70
H61 BMA K . -15.98 -14.29 -29.10
H62 BMA K . -16.99 -14.97 -27.79
HO2 BMA K . -16.63 -9.52 -29.24
HO3 BMA K . -17.84 -10.80 -32.00
HO4 BMA K . -18.44 -14.73 -31.06
HO6 BMA K . -16.58 -16.14 -30.05
C1 NAG L . 18.01 0.04 -38.39
C2 NAG L . 19.44 -0.46 -38.77
C3 NAG L . 19.86 -1.78 -38.07
C4 NAG L . 19.39 -1.83 -36.60
C5 NAG L . 17.88 -1.64 -36.54
C6 NAG L . 17.30 -1.72 -35.13
C7 NAG L . 19.74 0.32 -41.09
C8 NAG L . 19.60 -0.06 -42.57
N2 NAG L . 19.47 -0.66 -40.23
O3 NAG L . 21.31 -1.86 -38.12
O4 NAG L . 19.81 -3.03 -35.80
O5 NAG L . 17.62 -0.26 -37.01
O6 NAG L . 15.94 -1.24 -35.17
O7 NAG L . 20.05 1.44 -40.74
H1 NAG L . 17.29 -0.47 -39.05
H2 NAG L . 20.15 0.32 -38.51
H3 NAG L . 19.44 -2.62 -38.61
H4 NAG L . 19.84 -0.97 -36.11
H5 NAG L . 17.39 -2.35 -37.19
H61 NAG L . 17.30 -2.77 -34.79
H62 NAG L . 17.88 -1.12 -34.44
H81 NAG L . 19.83 0.81 -43.18
H82 NAG L . 18.57 -0.38 -42.77
H83 NAG L . 20.28 -0.87 -42.81
HN2 NAG L . 19.30 -1.59 -40.58
HO3 NAG L . 21.58 -2.77 -38.00
HO6 NAG L . 15.55 -1.29 -34.29
C1 NAG L . 20.16 -4.39 -36.22
C2 NAG L . 19.08 -5.14 -37.02
C3 NAG L . 19.63 -6.48 -37.51
C4 NAG L . 20.90 -6.25 -38.31
C5 NAG L . 21.94 -5.64 -37.38
C6 NAG L . 23.24 -5.27 -38.08
C7 NAG L . 16.67 -4.91 -36.53
C8 NAG L . 15.67 -4.97 -35.41
N2 NAG L . 17.88 -5.41 -36.26
O3 NAG L . 18.67 -7.17 -38.29
O4 NAG L . 21.33 -7.49 -38.90
O5 NAG L . 21.45 -4.40 -36.82
O6 NAG L . 23.02 -4.37 -39.17
O7 NAG L . 16.38 -4.47 -37.63
H1 NAG L . 20.27 -4.97 -35.30
H2 NAG L . 18.82 -4.55 -37.89
H3 NAG L . 19.87 -7.10 -36.65
H4 NAG L . 20.69 -5.55 -39.11
H5 NAG L . 22.16 -6.34 -36.57
H61 NAG L . 23.91 -4.80 -37.37
H62 NAG L . 23.70 -6.17 -38.47
H81 NAG L . 14.73 -4.54 -35.75
H82 NAG L . 15.52 -6.00 -35.11
H83 NAG L . 16.05 -4.40 -34.56
HN2 NAG L . 17.96 -6.00 -35.45
HO3 NAG L . 17.87 -7.32 -37.78
HO6 NAG L . 23.86 -4.16 -39.58
C1 BMA L . 21.90 -8.58 -38.10
C2 BMA L . 21.96 -9.88 -38.93
C3 BMA L . 22.68 -10.96 -38.13
C4 BMA L . 24.10 -10.51 -37.70
C5 BMA L . 24.04 -9.16 -36.95
C6 BMA L . 25.42 -8.53 -36.70
O2 BMA L . 22.68 -9.66 -40.17
O3 BMA L . 22.77 -12.17 -38.92
O4 BMA L . 24.63 -11.53 -36.82
O5 BMA L . 23.26 -8.18 -37.74
O6 BMA L . 26.21 -9.44 -35.89
H1 BMA L . 21.30 -8.74 -37.21
H2 BMA L . 20.94 -10.22 -39.16
H3 BMA L . 22.10 -11.18 -37.23
H4 BMA L . 24.73 -10.41 -38.58
H5 BMA L . 23.54 -9.31 -35.99
H61 BMA L . 25.30 -7.59 -36.18
H62 BMA L . 25.92 -8.36 -37.65
HO2 BMA L . 22.22 -8.98 -40.69
HO3 BMA L . 23.26 -11.98 -39.73
HO4 BMA L . 25.34 -11.16 -36.29
HO6 BMA L . 27.13 -9.40 -36.18
C1 NAG M . 52.57 3.85 -42.29
C2 NAG M . 52.89 3.51 -43.75
C3 NAG M . 54.14 4.24 -44.21
C4 NAG M . 53.99 5.75 -44.05
C5 NAG M . 53.42 6.05 -42.67
C6 NAG M . 52.97 7.49 -42.53
C7 NAG M . 52.26 1.34 -44.75
C8 NAG M . 52.58 -0.12 -44.79
N2 NAG M . 53.04 2.08 -43.94
O3 NAG M . 54.40 3.91 -45.57
O4 NAG M . 55.26 6.37 -44.20
O5 NAG M . 52.26 5.24 -42.42
O6 NAG M . 52.53 7.76 -41.21
O7 NAG M . 51.34 1.83 -45.39
H1 NAG M . 53.47 3.73 -41.68
H2 NAG M . 52.05 3.84 -44.36
H3 NAG M . 54.98 3.92 -43.61
H4 NAG M . 53.32 6.14 -44.82
H5 NAG M . 54.18 5.84 -41.92
H61 NAG M . 53.81 8.15 -42.77
H62 NAG M . 52.15 7.68 -43.23
H81 NAG M . 51.88 -0.62 -45.46
H82 NAG M . 52.49 -0.54 -43.79
H83 NAG M . 53.60 -0.26 -45.15
HN2 NAG M . 53.78 1.62 -43.45
HO3 NAG M . 54.50 4.71 -46.08
HO6 NAG M . 52.24 8.68 -41.14
C1 NAG M . 55.41 7.35 -45.25
C2 NAG M . 56.56 8.28 -44.84
C3 NAG M . 56.82 9.31 -45.94
C4 NAG M . 57.00 8.64 -47.29
C5 NAG M . 55.82 7.70 -47.57
C6 NAG M . 55.98 6.89 -48.83
C7 NAG M . 56.97 8.71 -42.45
C8 NAG M . 56.47 9.43 -41.24
N2 NAG M . 56.27 8.90 -43.58
O3 NAG M . 57.97 10.08 -45.61
O4 NAG M . 57.07 9.65 -48.29
O5 NAG M . 55.72 6.75 -46.50
O6 NAG M . 56.05 7.73 -49.99
O7 NAG M . 57.96 7.99 -42.41
H1 NAG M . 54.49 7.93 -45.34
H2 NAG M . 57.46 7.68 -44.72
H3 NAG M . 55.96 9.98 -46.00
H4 NAG M . 57.93 8.06 -47.29
H5 NAG M . 54.91 8.29 -47.63
H61 NAG M . 56.90 6.30 -48.77
H62 NAG M . 55.13 6.22 -48.93
H81 NAG M . 57.11 9.21 -40.39
H82 NAG M . 56.48 10.51 -41.43
H83 NAG M . 55.45 9.12 -41.02
HN2 NAG M . 55.48 9.53 -43.53
HO3 NAG M . 57.82 10.53 -44.77
HO4 NAG M . 56.78 9.30 -49.13
HO6 NAG M . 56.62 7.33 -50.64
C1 NAG N . 24.72 -24.02 37.07
C2 NAG N . 25.43 -25.25 37.65
C3 NAG N . 25.95 -26.18 36.56
C4 NAG N . 24.88 -26.54 35.53
C5 NAG N . 24.12 -25.27 35.15
C6 NAG N . 22.90 -25.51 34.29
C7 NAG N . 26.62 -25.15 39.81
C8 NAG N . 27.84 -24.63 40.51
N2 NAG N . 26.54 -24.87 38.51
O3 NAG N . 26.43 -27.32 37.25
O4 NAG N . 25.39 -27.14 34.35
O5 NAG N . 23.64 -24.60 36.35
O6 NAG N . 23.27 -26.08 33.04
O7 NAG N . 25.76 -25.81 40.40
H1 NAG N . 25.39 -23.50 36.38
H2 NAG N . 24.71 -25.80 38.25
H3 NAG N . 26.79 -25.69 36.04
H4 NAG N . 24.18 -27.22 36.00
H5 NAG N . 24.80 -24.59 34.63
H61 NAG N . 22.39 -24.56 34.12
H62 NAG N . 22.22 -26.19 34.82
H81 NAG N . 27.80 -24.93 41.56
H82 NAG N . 27.86 -23.55 40.43
H83 NAG N . 28.73 -25.04 40.04
HN2 NAG N . 27.29 -24.34 38.10
HO3 NAG N . 26.77 -27.96 36.61
HO4 NAG N . 24.81 -26.95 33.61
HO6 NAG N . 22.57 -26.67 32.74
C1 NAG O . 16.16 -12.77 58.12
C2 NAG O . 15.76 -12.86 59.62
C3 NAG O . 16.31 -14.17 60.24
C4 NAG O . 15.87 -15.37 59.40
C5 NAG O . 16.37 -15.24 57.96
C6 NAG O . 15.92 -16.40 57.06
C7 NAG O . 15.57 -10.68 60.77
C8 NAG O . 16.36 -9.46 61.23
N2 NAG O . 16.31 -11.72 60.36
O3 NAG O . 15.82 -14.34 61.60
O4 NAG O . 16.45 -16.56 60.01
O5 NAG O . 15.82 -14.00 57.38
O6 NAG O . 16.59 -17.61 57.51
O7 NAG O . 14.34 -10.71 60.74
H1 NAG O . 17.23 -12.62 58.06
H2 NAG O . 14.67 -12.86 59.72
H3 NAG O . 17.40 -14.12 60.26
H4 NAG O . 14.78 -15.46 59.42
H5 NAG O . 17.45 -15.19 57.96
H61 NAG O . 14.84 -16.54 57.14
H62 NAG O . 16.20 -16.19 56.03
H81 NAG O . 15.67 -8.62 61.39
H82 NAG O . 16.87 -9.69 62.18
H83 NAG O . 17.10 -9.19 60.48
HN2 NAG O . 17.30 -11.71 60.56
HO3 NAG O . 16.08 -13.58 62.13
HO4 NAG O . 16.66 -17.19 59.32
HO6 NAG O . 16.05 -18.37 57.29
C1 NAG P . -26.88 8.92 -51.12
C2 NAG P . -26.41 9.87 -52.22
C3 NAG P . -27.57 10.20 -53.15
C4 NAG P . -28.16 8.92 -53.73
C5 NAG P . -28.44 7.93 -52.62
C6 NAG P . -28.83 6.56 -53.12
C7 NAG P . -24.52 11.38 -51.77
C8 NAG P . -24.09 12.61 -51.04
N2 NAG P . -25.80 11.05 -51.63
O3 NAG P . -27.12 11.06 -54.19
O4 NAG P . -29.38 9.25 -54.39
O5 NAG P . -27.25 7.74 -51.83
O6 NAG P . -30.01 6.62 -53.92
O7 NAG P . -23.74 10.72 -52.44
H1 NAG P . -27.72 9.33 -50.56
H2 NAG P . -25.64 9.35 -52.80
H3 NAG P . -28.34 10.72 -52.58
H4 NAG P . -27.46 8.48 -54.45
H5 NAG P . -29.23 8.31 -51.98
H61 NAG P . -28.01 6.15 -53.72
H62 NAG P . -29.01 5.90 -52.27
H81 NAG P . -23.39 13.18 -51.66
H82 NAG P . -24.96 13.24 -50.81
H83 NAG P . -23.60 12.34 -50.10
HN2 NAG P . -26.40 11.67 -51.09
HO3 NAG P . -26.79 11.87 -53.81
HO4 NAG P . -29.92 8.46 -54.48
HO6 NAG P . -29.93 5.99 -54.64
#